data_1DST
# 
_entry.id   1DST 
# 
_audit_conform.dict_name       mmcif_pdbx.dic 
_audit_conform.dict_version    5.397 
_audit_conform.dict_location   http://mmcif.pdb.org/dictionaries/ascii/mmcif_pdbx.dic 
# 
loop_
_database_2.database_id 
_database_2.database_code 
_database_2.pdbx_database_accession 
_database_2.pdbx_DOI 
PDB   1DST         pdb_00001dst 10.2210/pdb1dst/pdb 
WWPDB D_1000172929 ?            ?                   
# 
loop_
_pdbx_audit_revision_history.ordinal 
_pdbx_audit_revision_history.data_content_type 
_pdbx_audit_revision_history.major_revision 
_pdbx_audit_revision_history.minor_revision 
_pdbx_audit_revision_history.revision_date 
1 'Structure model' 1 0 1996-07-11 
2 'Structure model' 1 1 2008-03-24 
3 'Structure model' 1 2 2011-07-13 
4 'Structure model' 1 3 2021-11-03 
5 'Structure model' 1 4 2024-10-16 
# 
_pdbx_audit_revision_details.ordinal             1 
_pdbx_audit_revision_details.revision_ordinal    1 
_pdbx_audit_revision_details.data_content_type   'Structure model' 
_pdbx_audit_revision_details.provider            repository 
_pdbx_audit_revision_details.type                'Initial release' 
_pdbx_audit_revision_details.description         ? 
_pdbx_audit_revision_details.details             ? 
# 
loop_
_pdbx_audit_revision_group.ordinal 
_pdbx_audit_revision_group.revision_ordinal 
_pdbx_audit_revision_group.data_content_type 
_pdbx_audit_revision_group.group 
1 2 'Structure model' 'Version format compliance' 
2 3 'Structure model' 'Version format compliance' 
3 4 'Structure model' 'Database references'       
4 4 'Structure model' Other                       
5 5 'Structure model' 'Data collection'           
6 5 'Structure model' 'Structure summary'         
# 
loop_
_pdbx_audit_revision_category.ordinal 
_pdbx_audit_revision_category.revision_ordinal 
_pdbx_audit_revision_category.data_content_type 
_pdbx_audit_revision_category.category 
1 4 'Structure model' database_2                
2 4 'Structure model' pdbx_database_status      
3 4 'Structure model' struct_ref_seq_dif        
4 5 'Structure model' chem_comp_atom            
5 5 'Structure model' chem_comp_bond            
6 5 'Structure model' pdbx_entry_details        
7 5 'Structure model' pdbx_modification_feature 
# 
loop_
_pdbx_audit_revision_item.ordinal 
_pdbx_audit_revision_item.revision_ordinal 
_pdbx_audit_revision_item.data_content_type 
_pdbx_audit_revision_item.item 
1 4 'Structure model' '_database_2.pdbx_DOI'                
2 4 'Structure model' '_database_2.pdbx_database_accession' 
3 4 'Structure model' '_pdbx_database_status.process_site'  
4 4 'Structure model' '_struct_ref_seq_dif.details'         
# 
_pdbx_database_status.status_code                     REL 
_pdbx_database_status.entry_id                        1DST 
_pdbx_database_status.recvd_initial_deposition_date   1995-09-13 
_pdbx_database_status.deposit_site                    ? 
_pdbx_database_status.process_site                    BNL 
_pdbx_database_status.status_code_sf                  REL 
_pdbx_database_status.status_code_mr                  ? 
_pdbx_database_status.SG_entry                        ? 
_pdbx_database_status.pdb_format_compatible           Y 
_pdbx_database_status.status_code_cs                  ? 
_pdbx_database_status.status_code_nmr_data            ? 
_pdbx_database_status.methods_development_category    ? 
# 
loop_
_audit_author.name 
_audit_author.pdbx_ordinal 
'Narayana, S.V.L.' 1 
'Volanakis, J.E.'  2 
# 
loop_
_citation.id 
_citation.title 
_citation.journal_abbrev 
_citation.journal_volume 
_citation.page_first 
_citation.page_last 
_citation.year 
_citation.journal_id_ASTM 
_citation.country 
_citation.journal_id_ISSN 
_citation.journal_id_CSD 
_citation.book_publisher 
_citation.pdbx_database_id_PubMed 
_citation.pdbx_database_id_DOI 
primary 'Crystal structure of a complement factor D mutant expressing enhanced catalytic activity.' J.Biol.Chem. 270 24399 24405 
1995 JBCHA3 US 0021-9258 0071 ? 7592653 10.1074/jbc.270.41.24399 
1       'Catalytic Role of a Surface Loop of the Complement Serine Protease Factor D'               J.Immunol.   154 6073  ?     
1995 JOIMA3 US 0022-1767 0952 ? ?       ?                        
2       'Mutational Analysis of the Substrate Binding Site of Human Complement Factor D'            Biochemistry 33  14393 ?     
1994 BICHAW US 0006-2960 0033 ? ?       ?                        
3       'Structure of Human Factor D. A Complement System Protein at 2.0 A Resolution'              J.Mol.Biol.  235 695   ?     
1994 JMOBAK UK 0022-2836 0070 ? ?       ?                        
4       'Crystallization and Preliminary X-Ray Investigation of Factor D of Human Complement'       J.Mol.Biol.  219 1     ?     
1991 JMOBAK UK 0022-2836 0070 ? ?       ?                        
# 
loop_
_citation_author.citation_id 
_citation_author.name 
_citation_author.ordinal 
_citation_author.identifier_ORCID 
primary 'Kim, S.'          1  ? 
primary 'Narayana, S.V.'   2  ? 
primary 'Volanakis, J.E.'  3  ? 
1       'Kim, S.'          4  ? 
1       'Narayana, S.V.'   5  ? 
1       'Volanakis, J.E.'  6  ? 
2       'Kim, S.'          7  ? 
2       'Narayana, S.V.'   8  ? 
2       'Volanakis, J.E.'  9  ? 
3       'Narayana, S.V.'   10 ? 
3       'Carson, M.'       11 ? 
3       'El-Kabbani, O.'   12 ? 
3       'Kilpatrick, J.M.' 13 ? 
3       'Moore, D.'        14 ? 
3       'Chen, X.'         15 ? 
3       'Bugg, C.E.'       16 ? 
3       'Volanakis, J.E.'  17 ? 
3       'Delucas, L.J.'    18 ? 
4       'Narayana, S.V.'   19 ? 
4       'Kilpatrick, J.M.' 20 ? 
4       'El-Kabbani, O.'   21 ? 
4       'Babu, Y.S.'       22 ? 
4       'Bugg, C.E.'       23 ? 
4       'Volanakis, J.E.'  24 ? 
4       'Delucas, L.J.'    25 ? 
# 
loop_
_entity.id 
_entity.type 
_entity.src_method 
_entity.pdbx_description 
_entity.formula_weight 
_entity.pdbx_number_of_molecules 
_entity.pdbx_ec 
_entity.pdbx_mutation 
_entity.pdbx_fragment 
_entity.details 
1 polymer man 'FACTOR D' 24600.008 1  3.4.21.46 'S94Y, T214S, S215W' ? ? 
2 water   nat water      18.015    61 ?         ?                    ? ? 
# 
_entity_poly.entity_id                      1 
_entity_poly.type                           'polypeptide(L)' 
_entity_poly.nstd_linkage                   no 
_entity_poly.nstd_monomer                   no 
_entity_poly.pdbx_seq_one_letter_code       
;ILGGREAEAHARPYMASVQLNGAHLCGGVLVAEQWVLSAAHCLEDAADGKVQVLLGAHSLSQPEPSKRLYDVLRAVPHPD
YQPDTIDHDLLLLQLSEKATLGPAVRPLPWQRVDRDVAPGTLCDVAGWGIVNHAGRRPDSLQHVLLPVLDRATCNRRTHH
DGAITERLMCAESNRRDSCKGDSGGPLVCGGVLEGVVSWGSRVCGNRKKPGIYTRVASYAAWIDSVLA
;
_entity_poly.pdbx_seq_one_letter_code_can   
;ILGGREAEAHARPYMASVQLNGAHLCGGVLVAEQWVLSAAHCLEDAADGKVQVLLGAHSLSQPEPSKRLYDVLRAVPHPD
YQPDTIDHDLLLLQLSEKATLGPAVRPLPWQRVDRDVAPGTLCDVAGWGIVNHAGRRPDSLQHVLLPVLDRATCNRRTHH
DGAITERLMCAESNRRDSCKGDSGGPLVCGGVLEGVVSWGSRVCGNRKKPGIYTRVASYAAWIDSVLA
;
_entity_poly.pdbx_strand_id                 A 
_entity_poly.pdbx_target_identifier         ? 
# 
_pdbx_entity_nonpoly.entity_id   2 
_pdbx_entity_nonpoly.name        water 
_pdbx_entity_nonpoly.comp_id     HOH 
# 
loop_
_entity_poly_seq.entity_id 
_entity_poly_seq.num 
_entity_poly_seq.mon_id 
_entity_poly_seq.hetero 
1 1   ILE n 
1 2   LEU n 
1 3   GLY n 
1 4   GLY n 
1 5   ARG n 
1 6   GLU n 
1 7   ALA n 
1 8   GLU n 
1 9   ALA n 
1 10  HIS n 
1 11  ALA n 
1 12  ARG n 
1 13  PRO n 
1 14  TYR n 
1 15  MET n 
1 16  ALA n 
1 17  SER n 
1 18  VAL n 
1 19  GLN n 
1 20  LEU n 
1 21  ASN n 
1 22  GLY n 
1 23  ALA n 
1 24  HIS n 
1 25  LEU n 
1 26  CYS n 
1 27  GLY n 
1 28  GLY n 
1 29  VAL n 
1 30  LEU n 
1 31  VAL n 
1 32  ALA n 
1 33  GLU n 
1 34  GLN n 
1 35  TRP n 
1 36  VAL n 
1 37  LEU n 
1 38  SER n 
1 39  ALA n 
1 40  ALA n 
1 41  HIS n 
1 42  CYS n 
1 43  LEU n 
1 44  GLU n 
1 45  ASP n 
1 46  ALA n 
1 47  ALA n 
1 48  ASP n 
1 49  GLY n 
1 50  LYS n 
1 51  VAL n 
1 52  GLN n 
1 53  VAL n 
1 54  LEU n 
1 55  LEU n 
1 56  GLY n 
1 57  ALA n 
1 58  HIS n 
1 59  SER n 
1 60  LEU n 
1 61  SER n 
1 62  GLN n 
1 63  PRO n 
1 64  GLU n 
1 65  PRO n 
1 66  SER n 
1 67  LYS n 
1 68  ARG n 
1 69  LEU n 
1 70  TYR n 
1 71  ASP n 
1 72  VAL n 
1 73  LEU n 
1 74  ARG n 
1 75  ALA n 
1 76  VAL n 
1 77  PRO n 
1 78  HIS n 
1 79  PRO n 
1 80  ASP n 
1 81  TYR n 
1 82  GLN n 
1 83  PRO n 
1 84  ASP n 
1 85  THR n 
1 86  ILE n 
1 87  ASP n 
1 88  HIS n 
1 89  ASP n 
1 90  LEU n 
1 91  LEU n 
1 92  LEU n 
1 93  LEU n 
1 94  GLN n 
1 95  LEU n 
1 96  SER n 
1 97  GLU n 
1 98  LYS n 
1 99  ALA n 
1 100 THR n 
1 101 LEU n 
1 102 GLY n 
1 103 PRO n 
1 104 ALA n 
1 105 VAL n 
1 106 ARG n 
1 107 PRO n 
1 108 LEU n 
1 109 PRO n 
1 110 TRP n 
1 111 GLN n 
1 112 ARG n 
1 113 VAL n 
1 114 ASP n 
1 115 ARG n 
1 116 ASP n 
1 117 VAL n 
1 118 ALA n 
1 119 PRO n 
1 120 GLY n 
1 121 THR n 
1 122 LEU n 
1 123 CYS n 
1 124 ASP n 
1 125 VAL n 
1 126 ALA n 
1 127 GLY n 
1 128 TRP n 
1 129 GLY n 
1 130 ILE n 
1 131 VAL n 
1 132 ASN n 
1 133 HIS n 
1 134 ALA n 
1 135 GLY n 
1 136 ARG n 
1 137 ARG n 
1 138 PRO n 
1 139 ASP n 
1 140 SER n 
1 141 LEU n 
1 142 GLN n 
1 143 HIS n 
1 144 VAL n 
1 145 LEU n 
1 146 LEU n 
1 147 PRO n 
1 148 VAL n 
1 149 LEU n 
1 150 ASP n 
1 151 ARG n 
1 152 ALA n 
1 153 THR n 
1 154 CYS n 
1 155 ASN n 
1 156 ARG n 
1 157 ARG n 
1 158 THR n 
1 159 HIS n 
1 160 HIS n 
1 161 ASP n 
1 162 GLY n 
1 163 ALA n 
1 164 ILE n 
1 165 THR n 
1 166 GLU n 
1 167 ARG n 
1 168 LEU n 
1 169 MET n 
1 170 CYS n 
1 171 ALA n 
1 172 GLU n 
1 173 SER n 
1 174 ASN n 
1 175 ARG n 
1 176 ARG n 
1 177 ASP n 
1 178 SER n 
1 179 CYS n 
1 180 LYS n 
1 181 GLY n 
1 182 ASP n 
1 183 SER n 
1 184 GLY n 
1 185 GLY n 
1 186 PRO n 
1 187 LEU n 
1 188 VAL n 
1 189 CYS n 
1 190 GLY n 
1 191 GLY n 
1 192 VAL n 
1 193 LEU n 
1 194 GLU n 
1 195 GLY n 
1 196 VAL n 
1 197 VAL n 
1 198 SER n 
1 199 TRP n 
1 200 GLY n 
1 201 SER n 
1 202 ARG n 
1 203 VAL n 
1 204 CYS n 
1 205 GLY n 
1 206 ASN n 
1 207 ARG n 
1 208 LYS n 
1 209 LYS n 
1 210 PRO n 
1 211 GLY n 
1 212 ILE n 
1 213 TYR n 
1 214 THR n 
1 215 ARG n 
1 216 VAL n 
1 217 ALA n 
1 218 SER n 
1 219 TYR n 
1 220 ALA n 
1 221 ALA n 
1 222 TRP n 
1 223 ILE n 
1 224 ASP n 
1 225 SER n 
1 226 VAL n 
1 227 LEU n 
1 228 ALA n 
# 
_entity_src_gen.entity_id                          1 
_entity_src_gen.pdbx_src_id                        1 
_entity_src_gen.pdbx_alt_source_flag               sample 
_entity_src_gen.pdbx_seq_type                      ? 
_entity_src_gen.pdbx_beg_seq_num                   ? 
_entity_src_gen.pdbx_end_seq_num                   ? 
_entity_src_gen.gene_src_common_name               human 
_entity_src_gen.gene_src_genus                     Homo 
_entity_src_gen.pdbx_gene_src_gene                 ? 
_entity_src_gen.gene_src_species                   ? 
_entity_src_gen.gene_src_strain                    ? 
_entity_src_gen.gene_src_tissue                    ? 
_entity_src_gen.gene_src_tissue_fraction           ? 
_entity_src_gen.gene_src_details                   ? 
_entity_src_gen.pdbx_gene_src_fragment             ? 
_entity_src_gen.pdbx_gene_src_scientific_name      'Homo sapiens' 
_entity_src_gen.pdbx_gene_src_ncbi_taxonomy_id     9606 
_entity_src_gen.pdbx_gene_src_variant              ? 
_entity_src_gen.pdbx_gene_src_cell_line            ? 
_entity_src_gen.pdbx_gene_src_atcc                 ? 
_entity_src_gen.pdbx_gene_src_organ                OVARY 
_entity_src_gen.pdbx_gene_src_organelle            ? 
_entity_src_gen.pdbx_gene_src_cell                 ? 
_entity_src_gen.pdbx_gene_src_cellular_location    ? 
_entity_src_gen.host_org_common_name               'Chinese hamster' 
_entity_src_gen.pdbx_host_org_scientific_name      'Cricetulus griseus' 
_entity_src_gen.pdbx_host_org_ncbi_taxonomy_id     10029 
_entity_src_gen.host_org_genus                     Cricetulus 
_entity_src_gen.pdbx_host_org_gene                 ? 
_entity_src_gen.pdbx_host_org_organ                ? 
_entity_src_gen.host_org_species                   ? 
_entity_src_gen.pdbx_host_org_tissue               ? 
_entity_src_gen.pdbx_host_org_tissue_fraction      ? 
_entity_src_gen.pdbx_host_org_strain               ? 
_entity_src_gen.pdbx_host_org_variant              ? 
_entity_src_gen.pdbx_host_org_cell_line            ? 
_entity_src_gen.pdbx_host_org_atcc                 ? 
_entity_src_gen.pdbx_host_org_culture_collection   ? 
_entity_src_gen.pdbx_host_org_cell                 ? 
_entity_src_gen.pdbx_host_org_organelle            ? 
_entity_src_gen.pdbx_host_org_cellular_location    ? 
_entity_src_gen.pdbx_host_org_vector_type          ? 
_entity_src_gen.pdbx_host_org_vector               ? 
_entity_src_gen.host_org_details                   ? 
_entity_src_gen.expression_system_id               ? 
_entity_src_gen.plasmid_name                       ? 
_entity_src_gen.plasmid_details                    ? 
_entity_src_gen.pdbx_description                   ? 
# 
loop_
_chem_comp.id 
_chem_comp.type 
_chem_comp.mon_nstd_flag 
_chem_comp.name 
_chem_comp.pdbx_synonyms 
_chem_comp.formula 
_chem_comp.formula_weight 
ALA 'L-peptide linking' y ALANINE         ? 'C3 H7 N O2'     89.093  
ARG 'L-peptide linking' y ARGININE        ? 'C6 H15 N4 O2 1' 175.209 
ASN 'L-peptide linking' y ASPARAGINE      ? 'C4 H8 N2 O3'    132.118 
ASP 'L-peptide linking' y 'ASPARTIC ACID' ? 'C4 H7 N O4'     133.103 
CYS 'L-peptide linking' y CYSTEINE        ? 'C3 H7 N O2 S'   121.158 
GLN 'L-peptide linking' y GLUTAMINE       ? 'C5 H10 N2 O3'   146.144 
GLU 'L-peptide linking' y 'GLUTAMIC ACID' ? 'C5 H9 N O4'     147.129 
GLY 'peptide linking'   y GLYCINE         ? 'C2 H5 N O2'     75.067  
HIS 'L-peptide linking' y HISTIDINE       ? 'C6 H10 N3 O2 1' 156.162 
HOH non-polymer         . WATER           ? 'H2 O'           18.015  
ILE 'L-peptide linking' y ISOLEUCINE      ? 'C6 H13 N O2'    131.173 
LEU 'L-peptide linking' y LEUCINE         ? 'C6 H13 N O2'    131.173 
LYS 'L-peptide linking' y LYSINE          ? 'C6 H15 N2 O2 1' 147.195 
MET 'L-peptide linking' y METHIONINE      ? 'C5 H11 N O2 S'  149.211 
PRO 'L-peptide linking' y PROLINE         ? 'C5 H9 N O2'     115.130 
SER 'L-peptide linking' y SERINE          ? 'C3 H7 N O3'     105.093 
THR 'L-peptide linking' y THREONINE       ? 'C4 H9 N O3'     119.119 
TRP 'L-peptide linking' y TRYPTOPHAN      ? 'C11 H12 N2 O2'  204.225 
TYR 'L-peptide linking' y TYROSINE        ? 'C9 H11 N O3'    181.189 
VAL 'L-peptide linking' y VALINE          ? 'C5 H11 N O2'    117.146 
# 
loop_
_pdbx_poly_seq_scheme.asym_id 
_pdbx_poly_seq_scheme.entity_id 
_pdbx_poly_seq_scheme.seq_id 
_pdbx_poly_seq_scheme.mon_id 
_pdbx_poly_seq_scheme.ndb_seq_num 
_pdbx_poly_seq_scheme.pdb_seq_num 
_pdbx_poly_seq_scheme.auth_seq_num 
_pdbx_poly_seq_scheme.pdb_mon_id 
_pdbx_poly_seq_scheme.auth_mon_id 
_pdbx_poly_seq_scheme.pdb_strand_id 
_pdbx_poly_seq_scheme.pdb_ins_code 
_pdbx_poly_seq_scheme.hetero 
A 1 1   ILE 1   16  16  ILE ILE A . n 
A 1 2   LEU 2   17  17  LEU LEU A . n 
A 1 3   GLY 3   18  18  GLY GLY A . n 
A 1 4   GLY 4   19  19  GLY GLY A . n 
A 1 5   ARG 5   20  20  ARG ARG A . n 
A 1 6   GLU 6   21  21  GLU GLU A . n 
A 1 7   ALA 7   22  22  ALA ALA A . n 
A 1 8   GLU 8   23  23  GLU GLU A . n 
A 1 9   ALA 9   24  24  ALA ALA A . n 
A 1 10  HIS 10  25  25  HIS HIS A . n 
A 1 11  ALA 11  26  26  ALA ALA A . n 
A 1 12  ARG 12  27  27  ARG ARG A . n 
A 1 13  PRO 13  28  28  PRO PRO A . n 
A 1 14  TYR 14  29  29  TYR TYR A . n 
A 1 15  MET 15  30  30  MET MET A . n 
A 1 16  ALA 16  31  31  ALA ALA A . n 
A 1 17  SER 17  32  32  SER SER A . n 
A 1 18  VAL 18  33  33  VAL VAL A . n 
A 1 19  GLN 19  34  34  GLN GLN A . n 
A 1 20  LEU 20  35  35  LEU LEU A . n 
A 1 21  ASN 21  36  36  ASN ASN A . n 
A 1 22  GLY 22  38  38  GLY GLY A . n 
A 1 23  ALA 23  39  39  ALA ALA A . n 
A 1 24  HIS 24  40  40  HIS HIS A . n 
A 1 25  LEU 25  41  41  LEU LEU A . n 
A 1 26  CYS 26  42  42  CYS CYS A . n 
A 1 27  GLY 27  43  43  GLY GLY A . n 
A 1 28  GLY 28  44  44  GLY GLY A . n 
A 1 29  VAL 29  45  45  VAL VAL A . n 
A 1 30  LEU 30  46  46  LEU LEU A . n 
A 1 31  VAL 31  47  47  VAL VAL A . n 
A 1 32  ALA 32  48  48  ALA ALA A . n 
A 1 33  GLU 33  49  49  GLU GLU A . n 
A 1 34  GLN 34  50  50  GLN GLN A . n 
A 1 35  TRP 35  51  51  TRP TRP A . n 
A 1 36  VAL 36  52  52  VAL VAL A . n 
A 1 37  LEU 37  53  53  LEU LEU A . n 
A 1 38  SER 38  54  54  SER SER A . n 
A 1 39  ALA 39  55  55  ALA ALA A . n 
A 1 40  ALA 40  56  56  ALA ALA A . n 
A 1 41  HIS 41  57  57  HIS HIS A . n 
A 1 42  CYS 42  58  58  CYS CYS A . n 
A 1 43  LEU 43  59  59  LEU LEU A . n 
A 1 44  GLU 44  60  60  GLU GLU A . n 
A 1 45  ASP 45  61  61  ASP ASP A . n 
A 1 46  ALA 46  61  61  ALA ALA A A n 
A 1 47  ALA 47  61  61  ALA ALA A B n 
A 1 48  ASP 48  61  61  ASP ASP A C n 
A 1 49  GLY 49  62  62  GLY GLY A . n 
A 1 50  LYS 50  63  63  LYS LYS A . n 
A 1 51  VAL 51  64  64  VAL VAL A . n 
A 1 52  GLN 52  65  65  GLN GLN A . n 
A 1 53  VAL 53  66  66  VAL VAL A . n 
A 1 54  LEU 54  67  67  LEU LEU A . n 
A 1 55  LEU 55  68  68  LEU LEU A . n 
A 1 56  GLY 56  69  69  GLY GLY A . n 
A 1 57  ALA 57  70  70  ALA ALA A . n 
A 1 58  HIS 58  71  71  HIS HIS A . n 
A 1 59  SER 59  72  72  SER SER A . n 
A 1 60  LEU 60  73  73  LEU LEU A . n 
A 1 61  SER 61  74  74  SER SER A . n 
A 1 62  GLN 62  75  75  GLN GLN A . n 
A 1 63  PRO 63  76  76  PRO PRO A . n 
A 1 64  GLU 64  77  77  GLU GLU A . n 
A 1 65  PRO 65  78  78  PRO PRO A . n 
A 1 66  SER 66  79  79  SER SER A . n 
A 1 67  LYS 67  80  80  LYS LYS A . n 
A 1 68  ARG 68  81  81  ARG ARG A . n 
A 1 69  LEU 69  82  82  LEU LEU A . n 
A 1 70  TYR 70  83  83  TYR TYR A . n 
A 1 71  ASP 71  84  84  ASP ASP A . n 
A 1 72  VAL 72  85  85  VAL VAL A . n 
A 1 73  LEU 73  86  86  LEU LEU A . n 
A 1 74  ARG 74  87  87  ARG ARG A . n 
A 1 75  ALA 75  88  88  ALA ALA A . n 
A 1 76  VAL 76  89  89  VAL VAL A . n 
A 1 77  PRO 77  90  90  PRO PRO A . n 
A 1 78  HIS 78  91  91  HIS HIS A . n 
A 1 79  PRO 79  92  92  PRO PRO A . n 
A 1 80  ASP 80  93  93  ASP ASP A . n 
A 1 81  TYR 81  94  94  TYR TYR A . n 
A 1 82  GLN 82  95  95  GLN GLN A . n 
A 1 83  PRO 83  96  96  PRO PRO A . n 
A 1 84  ASP 84  97  97  ASP ASP A . n 
A 1 85  THR 85  98  98  THR THR A . n 
A 1 86  ILE 86  99  99  ILE ILE A . n 
A 1 87  ASP 87  100 100 ASP ASP A . n 
A 1 88  HIS 88  101 101 HIS HIS A . n 
A 1 89  ASP 89  102 102 ASP ASP A . n 
A 1 90  LEU 90  103 103 LEU LEU A . n 
A 1 91  LEU 91  104 104 LEU LEU A . n 
A 1 92  LEU 92  105 105 LEU LEU A . n 
A 1 93  LEU 93  106 106 LEU LEU A . n 
A 1 94  GLN 94  107 107 GLN GLN A . n 
A 1 95  LEU 95  108 108 LEU LEU A . n 
A 1 96  SER 96  109 109 SER SER A . n 
A 1 97  GLU 97  110 110 GLU GLU A . n 
A 1 98  LYS 98  111 111 LYS LYS A . n 
A 1 99  ALA 99  112 112 ALA ALA A . n 
A 1 100 THR 100 113 113 THR THR A . n 
A 1 101 LEU 101 114 114 LEU LEU A . n 
A 1 102 GLY 102 115 115 GLY GLY A . n 
A 1 103 PRO 103 118 118 PRO PRO A . n 
A 1 104 ALA 104 119 119 ALA ALA A . n 
A 1 105 VAL 105 120 120 VAL VAL A . n 
A 1 106 ARG 106 121 121 ARG ARG A . n 
A 1 107 PRO 107 122 122 PRO PRO A . n 
A 1 108 LEU 108 123 123 LEU LEU A . n 
A 1 109 PRO 109 124 124 PRO PRO A . n 
A 1 110 TRP 110 124 124 TRP TRP A A n 
A 1 111 GLN 111 125 125 GLN GLN A . n 
A 1 112 ARG 112 126 126 ARG ARG A . n 
A 1 113 VAL 113 127 127 VAL VAL A . n 
A 1 114 ASP 114 128 128 ASP ASP A . n 
A 1 115 ARG 115 129 129 ARG ARG A . n 
A 1 116 ASP 116 129 129 ASP ASP A A n 
A 1 117 VAL 117 130 130 VAL VAL A . n 
A 1 118 ALA 118 131 131 ALA ALA A . n 
A 1 119 PRO 119 132 132 PRO PRO A . n 
A 1 120 GLY 120 133 133 GLY GLY A . n 
A 1 121 THR 121 134 134 THR THR A . n 
A 1 122 LEU 122 135 135 LEU LEU A . n 
A 1 123 CYS 123 136 136 CYS CYS A . n 
A 1 124 ASP 124 137 137 ASP ASP A . n 
A 1 125 VAL 125 138 138 VAL VAL A . n 
A 1 126 ALA 126 139 139 ALA ALA A . n 
A 1 127 GLY 127 140 140 GLY GLY A . n 
A 1 128 TRP 128 141 141 TRP TRP A . n 
A 1 129 GLY 129 142 142 GLY GLY A . n 
A 1 130 ILE 130 143 143 ILE ILE A . n 
A 1 131 VAL 131 144 144 VAL VAL A . n 
A 1 132 ASN 132 145 145 ASN ASN A . n 
A 1 133 HIS 133 146 146 HIS HIS A . n 
A 1 134 ALA 134 147 147 ALA ALA A . n 
A 1 135 GLY 135 149 149 GLY GLY A . n 
A 1 136 ARG 136 150 150 ARG ARG A . n 
A 1 137 ARG 137 151 151 ARG ARG A . n 
A 1 138 PRO 138 152 152 PRO PRO A . n 
A 1 139 ASP 139 153 153 ASP ASP A . n 
A 1 140 SER 140 154 154 SER SER A . n 
A 1 141 LEU 141 155 155 LEU LEU A . n 
A 1 142 GLN 142 156 156 GLN GLN A . n 
A 1 143 HIS 143 157 157 HIS HIS A . n 
A 1 144 VAL 144 158 158 VAL VAL A . n 
A 1 145 LEU 145 159 159 LEU LEU A . n 
A 1 146 LEU 146 160 160 LEU LEU A . n 
A 1 147 PRO 147 161 161 PRO PRO A . n 
A 1 148 VAL 148 162 162 VAL VAL A . n 
A 1 149 LEU 149 163 163 LEU LEU A . n 
A 1 150 ASP 150 164 164 ASP ASP A . n 
A 1 151 ARG 151 165 165 ARG ARG A . n 
A 1 152 ALA 152 166 166 ALA ALA A . n 
A 1 153 THR 153 167 167 THR THR A . n 
A 1 154 CYS 154 168 168 CYS CYS A . n 
A 1 155 ASN 155 169 169 ASN ASN A . n 
A 1 156 ARG 156 170 170 ARG ARG A . n 
A 1 157 ARG 157 170 170 ARG ARG A A n 
A 1 158 THR 158 170 170 THR THR A B n 
A 1 159 HIS 159 171 171 HIS HIS A . n 
A 1 160 HIS 160 172 172 HIS HIS A . n 
A 1 161 ASP 161 173 173 ASP ASP A . n 
A 1 162 GLY 162 174 174 GLY GLY A . n 
A 1 163 ALA 163 175 175 ALA ALA A . n 
A 1 164 ILE 164 176 176 ILE ILE A . n 
A 1 165 THR 165 177 177 THR THR A . n 
A 1 166 GLU 166 178 178 GLU GLU A . n 
A 1 167 ARG 167 179 179 ARG ARG A . n 
A 1 168 LEU 168 180 180 LEU LEU A . n 
A 1 169 MET 169 181 181 MET MET A . n 
A 1 170 CYS 170 182 182 CYS CYS A . n 
A 1 171 ALA 171 183 183 ALA ALA A . n 
A 1 172 GLU 172 184 184 GLU GLU A . n 
A 1 173 SER 173 185 185 SER SER A . n 
A 1 174 ASN 174 186 186 ASN ASN A . n 
A 1 175 ARG 175 187 187 ARG ARG A . n 
A 1 176 ARG 176 188 188 ARG ARG A . n 
A 1 177 ASP 177 189 189 ASP ASP A . n 
A 1 178 SER 178 190 190 SER SER A . n 
A 1 179 CYS 179 191 191 CYS CYS A . n 
A 1 180 LYS 180 192 192 LYS LYS A . n 
A 1 181 GLY 181 193 193 GLY GLY A . n 
A 1 182 ASP 182 194 194 ASP ASP A . n 
A 1 183 SER 183 195 195 SER SER A . n 
A 1 184 GLY 184 196 196 GLY GLY A . n 
A 1 185 GLY 185 197 197 GLY GLY A . n 
A 1 186 PRO 186 198 198 PRO PRO A . n 
A 1 187 LEU 187 199 199 LEU LEU A . n 
A 1 188 VAL 188 200 200 VAL VAL A . n 
A 1 189 CYS 189 201 201 CYS CYS A . n 
A 1 190 GLY 190 202 202 GLY GLY A . n 
A 1 191 GLY 191 207 207 GLY GLY A . n 
A 1 192 VAL 192 208 208 VAL VAL A . n 
A 1 193 LEU 193 209 209 LEU LEU A . n 
A 1 194 GLU 194 210 210 GLU GLU A . n 
A 1 195 GLY 195 211 211 GLY GLY A . n 
A 1 196 VAL 196 212 212 VAL VAL A . n 
A 1 197 VAL 197 213 213 VAL VAL A . n 
A 1 198 SER 198 214 214 SER SER A . n 
A 1 199 TRP 199 215 215 TRP TRP A . n 
A 1 200 GLY 200 216 216 GLY GLY A . n 
A 1 201 SER 201 217 217 SER SER A . n 
A 1 202 ARG 202 218 218 ARG ARG A . n 
A 1 203 VAL 203 219 219 VAL VAL A . n 
A 1 204 CYS 204 220 220 CYS CYS A . n 
A 1 205 GLY 205 221 221 GLY GLY A . n 
A 1 206 ASN 206 222 222 ASN ASN A . n 
A 1 207 ARG 207 223 223 ARG ARG A . n 
A 1 208 LYS 208 223 223 LYS LYS A A n 
A 1 209 LYS 209 224 224 LYS LYS A . n 
A 1 210 PRO 210 225 225 PRO PRO A . n 
A 1 211 GLY 211 226 226 GLY GLY A . n 
A 1 212 ILE 212 227 227 ILE ILE A . n 
A 1 213 TYR 213 228 228 TYR TYR A . n 
A 1 214 THR 214 229 229 THR THR A . n 
A 1 215 ARG 215 230 230 ARG ARG A . n 
A 1 216 VAL 216 231 231 VAL VAL A . n 
A 1 217 ALA 217 232 232 ALA ALA A . n 
A 1 218 SER 218 233 233 SER SER A . n 
A 1 219 TYR 219 234 234 TYR TYR A . n 
A 1 220 ALA 220 235 235 ALA ALA A . n 
A 1 221 ALA 221 236 236 ALA ALA A . n 
A 1 222 TRP 222 237 237 TRP TRP A . n 
A 1 223 ILE 223 238 238 ILE ILE A . n 
A 1 224 ASP 224 239 239 ASP ASP A . n 
A 1 225 SER 225 240 240 SER SER A . n 
A 1 226 VAL 226 241 241 VAL VAL A . n 
A 1 227 LEU 227 242 242 LEU LEU A . n 
A 1 228 ALA 228 243 243 ALA ALA A . n 
# 
loop_
_pdbx_nonpoly_scheme.asym_id 
_pdbx_nonpoly_scheme.entity_id 
_pdbx_nonpoly_scheme.mon_id 
_pdbx_nonpoly_scheme.ndb_seq_num 
_pdbx_nonpoly_scheme.pdb_seq_num 
_pdbx_nonpoly_scheme.auth_seq_num 
_pdbx_nonpoly_scheme.pdb_mon_id 
_pdbx_nonpoly_scheme.auth_mon_id 
_pdbx_nonpoly_scheme.pdb_strand_id 
_pdbx_nonpoly_scheme.pdb_ins_code 
B 2 HOH 1  250 250 HOH HOH A . 
B 2 HOH 2  251 251 HOH HOH A . 
B 2 HOH 3  252 252 HOH HOH A . 
B 2 HOH 4  253 253 HOH HOH A . 
B 2 HOH 5  254 254 HOH HOH A . 
B 2 HOH 6  255 255 HOH HOH A . 
B 2 HOH 7  256 256 HOH HOH A . 
B 2 HOH 8  257 257 HOH HOH A . 
B 2 HOH 9  258 258 HOH HOH A . 
B 2 HOH 10 259 259 HOH HOH A . 
B 2 HOH 11 260 260 HOH HOH A . 
B 2 HOH 12 261 261 HOH HOH A . 
B 2 HOH 13 262 262 HOH HOH A . 
B 2 HOH 14 263 263 HOH HOH A . 
B 2 HOH 15 264 264 HOH HOH A . 
B 2 HOH 16 265 265 HOH HOH A . 
B 2 HOH 17 266 266 HOH HOH A . 
B 2 HOH 18 267 267 HOH HOH A . 
B 2 HOH 19 268 268 HOH HOH A . 
B 2 HOH 20 269 269 HOH HOH A . 
B 2 HOH 21 270 270 HOH HOH A . 
B 2 HOH 22 271 271 HOH HOH A . 
B 2 HOH 23 272 272 HOH HOH A . 
B 2 HOH 24 273 273 HOH HOH A . 
B 2 HOH 25 274 274 HOH HOH A . 
B 2 HOH 26 275 275 HOH HOH A . 
B 2 HOH 27 276 276 HOH HOH A . 
B 2 HOH 28 277 277 HOH HOH A . 
B 2 HOH 29 278 278 HOH HOH A . 
B 2 HOH 30 279 279 HOH HOH A . 
B 2 HOH 31 280 280 HOH HOH A . 
B 2 HOH 32 281 281 HOH HOH A . 
B 2 HOH 33 282 282 HOH HOH A . 
B 2 HOH 34 283 283 HOH HOH A . 
B 2 HOH 35 284 284 HOH HOH A . 
B 2 HOH 36 285 285 HOH HOH A . 
B 2 HOH 37 286 286 HOH HOH A . 
B 2 HOH 38 287 287 HOH HOH A . 
B 2 HOH 39 288 288 HOH HOH A . 
B 2 HOH 40 289 289 HOH HOH A . 
B 2 HOH 41 290 290 HOH HOH A . 
B 2 HOH 42 291 291 HOH HOH A . 
B 2 HOH 43 292 292 HOH HOH A . 
B 2 HOH 44 293 293 HOH HOH A . 
B 2 HOH 45 294 294 HOH HOH A . 
B 2 HOH 46 295 295 HOH HOH A . 
B 2 HOH 47 296 296 HOH HOH A . 
B 2 HOH 48 297 297 HOH HOH A . 
B 2 HOH 49 298 298 HOH HOH A . 
B 2 HOH 50 299 299 HOH HOH A . 
B 2 HOH 51 300 300 HOH HOH A . 
B 2 HOH 52 301 301 HOH HOH A . 
B 2 HOH 53 302 302 HOH HOH A . 
B 2 HOH 54 303 303 HOH HOH A . 
B 2 HOH 55 304 304 HOH HOH A . 
B 2 HOH 56 305 305 HOH HOH A . 
B 2 HOH 57 306 306 HOH HOH A . 
B 2 HOH 58 307 307 HOH HOH A . 
B 2 HOH 59 308 308 HOH HOH A . 
B 2 HOH 60 309 309 HOH HOH A . 
B 2 HOH 61 310 310 HOH HOH A . 
# 
loop_
_software.name 
_software.classification 
_software.version 
_software.citation_id 
_software.pdbx_ordinal 
XENGEN 'data collection' . ? 1 
XENGEN 'data reduction'  . ? 2 
PROLSQ refinement        . ? 3 
XENGEN 'data scaling'    . ? 4 
# 
_cell.entry_id           1DST 
_cell.length_a           45.380 
_cell.length_b           45.380 
_cell.length_c           175.210 
_cell.angle_alpha        90.00 
_cell.angle_beta         90.00 
_cell.angle_gamma        120.00 
_cell.Z_PDB              6 
_cell.pdbx_unique_axis   ? 
# 
_symmetry.entry_id                         1DST 
_symmetry.space_group_name_H-M             'P 31 2 1' 
_symmetry.pdbx_full_space_group_name_H-M   ? 
_symmetry.cell_setting                     ? 
_symmetry.Int_Tables_number                152 
# 
_exptl.entry_id          1DST 
_exptl.method            'X-RAY DIFFRACTION' 
_exptl.crystals_number   ? 
# 
_exptl_crystal.id                    1 
_exptl_crystal.density_meas          ? 
_exptl_crystal.density_Matthews      2.12 
_exptl_crystal.density_percent_sol   42. 
_exptl_crystal.description           ? 
# 
_exptl_crystal_grow.crystal_id      1 
_exptl_crystal_grow.method          ? 
_exptl_crystal_grow.temp            ? 
_exptl_crystal_grow.temp_details    ? 
_exptl_crystal_grow.pH              6.8 
_exptl_crystal_grow.pdbx_pH_range   ? 
_exptl_crystal_grow.pdbx_details    'pH 6.8' 
# 
_diffrn.id                     1 
_diffrn.ambient_temp           295 
_diffrn.ambient_temp_details   ? 
_diffrn.crystal_id             1 
# 
_diffrn_detector.diffrn_id              1 
_diffrn_detector.detector               'AREA DETECTOR' 
_diffrn_detector.type                   SIEMENS 
_diffrn_detector.pdbx_collection_date   ? 
_diffrn_detector.details                ? 
# 
_diffrn_radiation.diffrn_id                        1 
_diffrn_radiation.wavelength_id                    1 
_diffrn_radiation.pdbx_monochromatic_or_laue_m_l   M 
_diffrn_radiation.monochromator                    ? 
_diffrn_radiation.pdbx_diffrn_protocol             ? 
_diffrn_radiation.pdbx_scattering_type             x-ray 
# 
_diffrn_radiation_wavelength.id           1 
_diffrn_radiation_wavelength.wavelength   1.5418 
_diffrn_radiation_wavelength.wt           1.0 
# 
_diffrn_source.diffrn_id                   1 
_diffrn_source.source                      ? 
_diffrn_source.type                        ? 
_diffrn_source.pdbx_synchrotron_site       ? 
_diffrn_source.pdbx_synchrotron_beamline   ? 
_diffrn_source.pdbx_wavelength             1.5418 
_diffrn_source.pdbx_wavelength_list        ? 
# 
_reflns.entry_id                     1DST 
_reflns.observed_criterion_sigma_I   1.5 
_reflns.observed_criterion_sigma_F   ? 
_reflns.d_resolution_low             20.0 
_reflns.d_resolution_high            2.0 
_reflns.number_obs                   14652 
_reflns.number_all                   ? 
_reflns.percent_possible_obs         94. 
_reflns.pdbx_Rmerge_I_obs            0.076 
_reflns.pdbx_Rsym_value              ? 
_reflns.pdbx_netI_over_sigmaI        ? 
_reflns.B_iso_Wilson_estimate        ? 
_reflns.pdbx_redundancy              6 
_reflns.pdbx_diffrn_id               1 
_reflns.pdbx_ordinal                 1 
# 
_refine.entry_id                                 1DST 
_refine.ls_number_reflns_obs                     13311 
_refine.ls_number_reflns_all                     ? 
_refine.pdbx_ls_sigma_I                          ? 
_refine.pdbx_ls_sigma_F                          1.5 
_refine.pdbx_data_cutoff_high_absF               ? 
_refine.pdbx_data_cutoff_low_absF                ? 
_refine.pdbx_data_cutoff_high_rms_absF           ? 
_refine.ls_d_res_low                             7.5 
_refine.ls_d_res_high                            2.0 
_refine.ls_percent_reflns_obs                    ? 
_refine.ls_R_factor_obs                          ? 
_refine.ls_R_factor_all                          ? 
_refine.ls_R_factor_R_work                       ? 
_refine.ls_R_factor_R_free                       0.213 
_refine.ls_R_factor_R_free_error                 ? 
_refine.ls_R_factor_R_free_error_details         ? 
_refine.ls_percent_reflns_R_free                 ? 
_refine.ls_number_reflns_R_free                  ? 
_refine.ls_number_parameters                     ? 
_refine.ls_number_restraints                     ? 
_refine.occupancy_min                            ? 
_refine.occupancy_max                            ? 
_refine.B_iso_mean                               15.2 
_refine.aniso_B[1][1]                            ? 
_refine.aniso_B[2][2]                            ? 
_refine.aniso_B[3][3]                            ? 
_refine.aniso_B[1][2]                            ? 
_refine.aniso_B[1][3]                            ? 
_refine.aniso_B[2][3]                            ? 
_refine.solvent_model_details                    ? 
_refine.solvent_model_param_ksol                 ? 
_refine.solvent_model_param_bsol                 ? 
_refine.pdbx_ls_cross_valid_method               ? 
_refine.details                                  
;THERE IS NO DENSITY FOR THE LOOP 171 TO 175, HENCE THEIR
PSI, PHI VALUES ARE OUT OF THE ALLOWED REGIONS IN
THE RAMACHANDRAN PLOT.
;
_refine.pdbx_starting_model                      ? 
_refine.pdbx_method_to_determine_struct          ? 
_refine.pdbx_isotropic_thermal_model             ? 
_refine.pdbx_stereochemistry_target_values       ? 
_refine.pdbx_stereochem_target_val_spec_case     ? 
_refine.pdbx_R_Free_selection_details            ? 
_refine.pdbx_overall_ESU_R                       ? 
_refine.pdbx_overall_ESU_R_Free                  ? 
_refine.overall_SU_ML                            ? 
_refine.overall_SU_B                             ? 
_refine.pdbx_refine_id                           'X-RAY DIFFRACTION' 
_refine.pdbx_diffrn_id                           1 
_refine.pdbx_TLS_residual_ADP_flag               ? 
_refine.correlation_coeff_Fo_to_Fc               ? 
_refine.correlation_coeff_Fo_to_Fc_free          ? 
_refine.pdbx_solvent_vdw_probe_radii             ? 
_refine.pdbx_solvent_ion_probe_radii             ? 
_refine.pdbx_solvent_shrinkage_radii             ? 
_refine.pdbx_overall_phase_error                 ? 
_refine.overall_SU_R_Cruickshank_DPI             ? 
_refine.pdbx_overall_SU_R_free_Cruickshank_DPI   ? 
_refine.pdbx_overall_SU_R_Blow_DPI               ? 
_refine.pdbx_overall_SU_R_free_Blow_DPI          ? 
# 
_refine_analyze.entry_id                        1DST 
_refine_analyze.Luzzati_coordinate_error_obs    0.24 
_refine_analyze.Luzzati_sigma_a_obs             ? 
_refine_analyze.Luzzati_d_res_low_obs           ? 
_refine_analyze.Luzzati_coordinate_error_free   ? 
_refine_analyze.Luzzati_sigma_a_free            ? 
_refine_analyze.Luzzati_d_res_low_free          ? 
_refine_analyze.number_disordered_residues      ? 
_refine_analyze.occupancy_sum_hydrogen          ? 
_refine_analyze.occupancy_sum_non_hydrogen      ? 
_refine_analyze.pdbx_refine_id                  'X-RAY DIFFRACTION' 
# 
_refine_hist.pdbx_refine_id                   'X-RAY DIFFRACTION' 
_refine_hist.cycle_id                         LAST 
_refine_hist.pdbx_number_atoms_protein        1784 
_refine_hist.pdbx_number_atoms_nucleic_acid   0 
_refine_hist.pdbx_number_atoms_ligand         0 
_refine_hist.number_atoms_solvent             57 
_refine_hist.number_atoms_total               1841 
_refine_hist.d_res_high                       2.0 
_refine_hist.d_res_low                        7.5 
# 
loop_
_refine_ls_restr.type 
_refine_ls_restr.dev_ideal 
_refine_ls_restr.dev_ideal_target 
_refine_ls_restr.weight 
_refine_ls_restr.number 
_refine_ls_restr.pdbx_refine_id 
_refine_ls_restr.pdbx_restraint_function 
p_bond_d            0.020 0.025 ? ? 'X-RAY DIFFRACTION' ? 
p_angle_d           0.035 0.040 ? ? 'X-RAY DIFFRACTION' ? 
p_angle_deg         ?     ?     ? ? 'X-RAY DIFFRACTION' ? 
p_planar_d          0.056 0.065 ? ? 'X-RAY DIFFRACTION' ? 
p_hb_or_metal_coord ?     ?     ? ? 'X-RAY DIFFRACTION' ? 
p_mcbond_it         1.01  1.50  ? ? 'X-RAY DIFFRACTION' ? 
p_mcangle_it        1.54  2.00  ? ? 'X-RAY DIFFRACTION' ? 
p_scbond_it         1.65  2.00  ? ? 'X-RAY DIFFRACTION' ? 
p_scangle_it        2.10  2.50  ? ? 'X-RAY DIFFRACTION' ? 
p_plane_restr       2.5   3.5   ? ? 'X-RAY DIFFRACTION' ? 
p_chiral_restr      0.034 0.050 ? ? 'X-RAY DIFFRACTION' ? 
p_singtor_nbd       0.200 0.400 ? ? 'X-RAY DIFFRACTION' ? 
p_multtor_nbd       0.191 0.400 ? ? 'X-RAY DIFFRACTION' ? 
p_xhyhbond_nbd      ?     ?     ? ? 'X-RAY DIFFRACTION' ? 
p_xyhbond_nbd       0.133 0.400 ? ? 'X-RAY DIFFRACTION' ? 
p_planar_tor        2.4   ?     ? ? 'X-RAY DIFFRACTION' ? 
p_staggered_tor     21.3  15.0  ? ? 'X-RAY DIFFRACTION' ? 
p_orthonormal_tor   ?     ?     ? ? 'X-RAY DIFFRACTION' ? 
p_transverse_tor    16.5  20.0  ? ? 'X-RAY DIFFRACTION' ? 
p_special_tor       ?     ?     ? ? 'X-RAY DIFFRACTION' ? 
# 
_pdbx_refine.entry_id                                    1DST 
_pdbx_refine.R_factor_all_no_cutoff                      ? 
_pdbx_refine.R_factor_obs_no_cutoff                      0.198 
_pdbx_refine.free_R_factor_no_cutoff                     ? 
_pdbx_refine.free_R_val_test_set_size_perc_no_cutoff     ? 
_pdbx_refine.free_R_val_test_set_ct_no_cutoff            ? 
_pdbx_refine.R_factor_all_4sig_cutoff                    ? 
_pdbx_refine.R_factor_obs_4sig_cutoff                    ? 
_pdbx_refine.free_R_factor_4sig_cutoff                   ? 
_pdbx_refine.free_R_val_test_set_size_perc_4sig_cutoff   ? 
_pdbx_refine.free_R_val_test_set_ct_4sig_cutoff          ? 
_pdbx_refine.number_reflns_obs_4sig_cutoff               ? 
_pdbx_refine.pdbx_refine_id                              'X-RAY DIFFRACTION' 
_pdbx_refine.free_R_error_no_cutoff                      ? 
# 
_struct.entry_id                  1DST 
_struct.title                     'MUTANT OF FACTOR D WITH ENHANCED CATALYTIC ACTIVITY' 
_struct.pdbx_model_details        ? 
_struct.pdbx_CASP_flag            ? 
_struct.pdbx_model_type_details   ? 
# 
_struct_keywords.entry_id        1DST 
_struct_keywords.pdbx_keywords   'HYDROLASE (SERINE PROTEASE)' 
_struct_keywords.text            'COMPLEMENT ACTIVATING ENZYME, HYDROLASE, SERINE PROTEASE, FACTOR D, HYDROLASE (SERINE PROTEASE)' 
# 
loop_
_struct_asym.id 
_struct_asym.pdbx_blank_PDB_chainid_flag 
_struct_asym.pdbx_modified 
_struct_asym.entity_id 
_struct_asym.details 
A N N 1 ? 
B N N 2 ? 
# 
_struct_ref.id                         1 
_struct_ref.db_name                    UNP 
_struct_ref.db_code                    CFAD_HUMAN 
_struct_ref.entity_id                  1 
_struct_ref.pdbx_db_accession          P00746 
_struct_ref.pdbx_align_begin           1 
_struct_ref.pdbx_seq_one_letter_code   
;MHSSVYFAVLVLLGAAACAARPRGRILGGREAEAHARPYMASVQLNGAHLCGGVLVAEQWVLSAAHCLEDAADGKVQVLL
GAHSLSQPEPSKRLYDVLRAVPHPDSQPDTIDHDLLLLQLSEKATLGPAVRPLPWQRVDRDVAPGTLCDVAGWGIVNHAG
RRPDSLQHVLLPVLDRATCNRRTHHDGAITERLMCAESNRRDSCKGDSGGPLVCGGVLEGVVTSGSRVCGNRKKPGIYTR
VASYAAWIDSVLA
;
_struct_ref.pdbx_db_isoform            ? 
# 
_struct_ref_seq.align_id                      1 
_struct_ref_seq.ref_id                        1 
_struct_ref_seq.pdbx_PDB_id_code              1DST 
_struct_ref_seq.pdbx_strand_id                A 
_struct_ref_seq.seq_align_beg                 1 
_struct_ref_seq.pdbx_seq_align_beg_ins_code   ? 
_struct_ref_seq.seq_align_end                 228 
_struct_ref_seq.pdbx_seq_align_end_ins_code   ? 
_struct_ref_seq.pdbx_db_accession             P00746 
_struct_ref_seq.db_align_beg                  26 
_struct_ref_seq.pdbx_db_align_beg_ins_code    ? 
_struct_ref_seq.db_align_end                  253 
_struct_ref_seq.pdbx_db_align_end_ins_code    ? 
_struct_ref_seq.pdbx_auth_seq_align_beg       16 
_struct_ref_seq.pdbx_auth_seq_align_end       243 
# 
loop_
_struct_ref_seq_dif.align_id 
_struct_ref_seq_dif.pdbx_pdb_id_code 
_struct_ref_seq_dif.mon_id 
_struct_ref_seq_dif.pdbx_pdb_strand_id 
_struct_ref_seq_dif.seq_num 
_struct_ref_seq_dif.pdbx_pdb_ins_code 
_struct_ref_seq_dif.pdbx_seq_db_name 
_struct_ref_seq_dif.pdbx_seq_db_accession_code 
_struct_ref_seq_dif.db_mon_id 
_struct_ref_seq_dif.pdbx_seq_db_seq_num 
_struct_ref_seq_dif.details 
_struct_ref_seq_dif.pdbx_auth_seq_num 
_struct_ref_seq_dif.pdbx_ordinal 
1 1DST TYR A 81  ? UNP P00746 SER 106 'engineered mutation' 94  1 
1 1DST SER A 198 ? UNP P00746 THR 223 'engineered mutation' 214 2 
1 1DST TRP A 199 ? UNP P00746 SER 224 'engineered mutation' 215 3 
# 
_pdbx_struct_assembly.id                   1 
_pdbx_struct_assembly.details              author_defined_assembly 
_pdbx_struct_assembly.method_details       ? 
_pdbx_struct_assembly.oligomeric_details   monomeric 
_pdbx_struct_assembly.oligomeric_count     1 
# 
_pdbx_struct_assembly_gen.assembly_id       1 
_pdbx_struct_assembly_gen.oper_expression   1 
_pdbx_struct_assembly_gen.asym_id_list      A,B 
# 
_pdbx_struct_oper_list.id                   1 
_pdbx_struct_oper_list.type                 'identity operation' 
_pdbx_struct_oper_list.name                 1_555 
_pdbx_struct_oper_list.symmetry_operation   x,y,z 
_pdbx_struct_oper_list.matrix[1][1]         1.0000000000 
_pdbx_struct_oper_list.matrix[1][2]         0.0000000000 
_pdbx_struct_oper_list.matrix[1][3]         0.0000000000 
_pdbx_struct_oper_list.vector[1]            0.0000000000 
_pdbx_struct_oper_list.matrix[2][1]         0.0000000000 
_pdbx_struct_oper_list.matrix[2][2]         1.0000000000 
_pdbx_struct_oper_list.matrix[2][3]         0.0000000000 
_pdbx_struct_oper_list.vector[2]            0.0000000000 
_pdbx_struct_oper_list.matrix[3][1]         0.0000000000 
_pdbx_struct_oper_list.matrix[3][2]         0.0000000000 
_pdbx_struct_oper_list.matrix[3][3]         1.0000000000 
_pdbx_struct_oper_list.vector[3]            0.0000000000 
# 
_struct_biol.id   1 
# 
loop_
_struct_conf.conf_type_id 
_struct_conf.id 
_struct_conf.pdbx_PDB_helix_id 
_struct_conf.beg_label_comp_id 
_struct_conf.beg_label_asym_id 
_struct_conf.beg_label_seq_id 
_struct_conf.pdbx_beg_PDB_ins_code 
_struct_conf.end_label_comp_id 
_struct_conf.end_label_asym_id 
_struct_conf.end_label_seq_id 
_struct_conf.pdbx_end_PDB_ins_code 
_struct_conf.beg_auth_comp_id 
_struct_conf.beg_auth_asym_id 
_struct_conf.beg_auth_seq_id 
_struct_conf.end_auth_comp_id 
_struct_conf.end_auth_asym_id 
_struct_conf.end_auth_seq_id 
_struct_conf.pdbx_PDB_helix_class 
_struct_conf.details 
_struct_conf.pdbx_PDB_helix_length 
HELX_P HELX_P1 1 ALA A 40  ? ASP A 45  ? ALA A 56  ASP A 61  5 ? 6  
HELX_P HELX_P2 2 ARG A 151 ? THR A 158 B ARG A 165 THR A 170 1 ? 8  
HELX_P HELX_P3 3 VAL A 216 ? VAL A 226 ? VAL A 231 VAL A 241 5 ? 11 
# 
_struct_conf_type.id          HELX_P 
_struct_conf_type.criteria    ? 
_struct_conf_type.reference   ? 
# 
loop_
_struct_conn.id 
_struct_conn.conn_type_id 
_struct_conn.pdbx_leaving_atom_flag 
_struct_conn.pdbx_PDB_id 
_struct_conn.ptnr1_label_asym_id 
_struct_conn.ptnr1_label_comp_id 
_struct_conn.ptnr1_label_seq_id 
_struct_conn.ptnr1_label_atom_id 
_struct_conn.pdbx_ptnr1_label_alt_id 
_struct_conn.pdbx_ptnr1_PDB_ins_code 
_struct_conn.pdbx_ptnr1_standard_comp_id 
_struct_conn.ptnr1_symmetry 
_struct_conn.ptnr2_label_asym_id 
_struct_conn.ptnr2_label_comp_id 
_struct_conn.ptnr2_label_seq_id 
_struct_conn.ptnr2_label_atom_id 
_struct_conn.pdbx_ptnr2_label_alt_id 
_struct_conn.pdbx_ptnr2_PDB_ins_code 
_struct_conn.ptnr1_auth_asym_id 
_struct_conn.ptnr1_auth_comp_id 
_struct_conn.ptnr1_auth_seq_id 
_struct_conn.ptnr2_auth_asym_id 
_struct_conn.ptnr2_auth_comp_id 
_struct_conn.ptnr2_auth_seq_id 
_struct_conn.ptnr2_symmetry 
_struct_conn.pdbx_ptnr3_label_atom_id 
_struct_conn.pdbx_ptnr3_label_seq_id 
_struct_conn.pdbx_ptnr3_label_comp_id 
_struct_conn.pdbx_ptnr3_label_asym_id 
_struct_conn.pdbx_ptnr3_label_alt_id 
_struct_conn.pdbx_ptnr3_PDB_ins_code 
_struct_conn.details 
_struct_conn.pdbx_dist_value 
_struct_conn.pdbx_value_order 
_struct_conn.pdbx_role 
disulf1 disulf ? ? A CYS 26  SG ? ? ? 1_555 A CYS 42  SG ? ? A CYS 42  A CYS 58  1_555 ? ? ? ? ? ? ? 2.022 ? ? 
disulf2 disulf ? ? A CYS 123 SG ? ? ? 1_555 A CYS 189 SG ? ? A CYS 136 A CYS 201 1_555 ? ? ? ? ? ? ? 2.026 ? ? 
disulf3 disulf ? ? A CYS 154 SG ? ? ? 1_555 A CYS 170 SG ? ? A CYS 168 A CYS 182 1_555 ? ? ? ? ? ? ? 2.022 ? ? 
disulf4 disulf ? ? A CYS 179 SG ? ? ? 1_555 A CYS 204 SG ? ? A CYS 191 A CYS 220 1_555 ? ? ? ? ? ? ? 1.950 ? ? 
# 
_struct_conn_type.id          disulf 
_struct_conn_type.criteria    ? 
_struct_conn_type.reference   ? 
# 
loop_
_pdbx_modification_feature.ordinal 
_pdbx_modification_feature.label_comp_id 
_pdbx_modification_feature.label_asym_id 
_pdbx_modification_feature.label_seq_id 
_pdbx_modification_feature.label_alt_id 
_pdbx_modification_feature.modified_residue_label_comp_id 
_pdbx_modification_feature.modified_residue_label_asym_id 
_pdbx_modification_feature.modified_residue_label_seq_id 
_pdbx_modification_feature.modified_residue_label_alt_id 
_pdbx_modification_feature.auth_comp_id 
_pdbx_modification_feature.auth_asym_id 
_pdbx_modification_feature.auth_seq_id 
_pdbx_modification_feature.PDB_ins_code 
_pdbx_modification_feature.symmetry 
_pdbx_modification_feature.modified_residue_auth_comp_id 
_pdbx_modification_feature.modified_residue_auth_asym_id 
_pdbx_modification_feature.modified_residue_auth_seq_id 
_pdbx_modification_feature.modified_residue_PDB_ins_code 
_pdbx_modification_feature.modified_residue_symmetry 
_pdbx_modification_feature.comp_id_linking_atom 
_pdbx_modification_feature.modified_residue_id_linking_atom 
_pdbx_modification_feature.modified_residue_id 
_pdbx_modification_feature.ref_pcm_id 
_pdbx_modification_feature.ref_comp_id 
_pdbx_modification_feature.type 
_pdbx_modification_feature.category 
1 CYS A 26  ? CYS A 42  ? CYS A 42  ? 1_555 CYS A 58  ? 1_555 SG SG . . . None 'Disulfide bridge' 
2 CYS A 123 ? CYS A 189 ? CYS A 136 ? 1_555 CYS A 201 ? 1_555 SG SG . . . None 'Disulfide bridge' 
3 CYS A 154 ? CYS A 170 ? CYS A 168 ? 1_555 CYS A 182 ? 1_555 SG SG . . . None 'Disulfide bridge' 
4 CYS A 179 ? CYS A 204 ? CYS A 191 ? 1_555 CYS A 220 ? 1_555 SG SG . . . None 'Disulfide bridge' 
# 
loop_
_struct_sheet.id 
_struct_sheet.type 
_struct_sheet.number_strands 
_struct_sheet.details 
A ? 7 ? 
B ? 2 ? 
C ? 4 ? 
# 
loop_
_struct_sheet_order.sheet_id 
_struct_sheet_order.range_id_1 
_struct_sheet_order.range_id_2 
_struct_sheet_order.offset 
_struct_sheet_order.sense 
A 1 2 ? anti-parallel 
A 2 3 ? anti-parallel 
A 3 4 ? anti-parallel 
A 4 5 ? anti-parallel 
A 5 6 ? anti-parallel 
A 6 7 ? anti-parallel 
B 1 2 ? anti-parallel 
C 1 2 ? anti-parallel 
C 2 3 ? anti-parallel 
C 3 4 ? anti-parallel 
# 
loop_
_struct_sheet_range.sheet_id 
_struct_sheet_range.id 
_struct_sheet_range.beg_label_comp_id 
_struct_sheet_range.beg_label_asym_id 
_struct_sheet_range.beg_label_seq_id 
_struct_sheet_range.pdbx_beg_PDB_ins_code 
_struct_sheet_range.end_label_comp_id 
_struct_sheet_range.end_label_asym_id 
_struct_sheet_range.end_label_seq_id 
_struct_sheet_range.pdbx_end_PDB_ins_code 
_struct_sheet_range.beg_auth_comp_id 
_struct_sheet_range.beg_auth_asym_id 
_struct_sheet_range.beg_auth_seq_id 
_struct_sheet_range.end_auth_comp_id 
_struct_sheet_range.end_auth_asym_id 
_struct_sheet_range.end_auth_seq_id 
A 1 ARG A 68  ? ASP A 71  ? ARG A 81  ASP A 84  
A 2 VAL A 51  ? LEU A 55  ? VAL A 64  LEU A 68  
A 3 MET A 15  ? LEU A 20  ? MET A 30  LEU A 35  
A 4 ALA A 23  ? ALA A 32  ? ALA A 39  ALA A 48  
A 5 TRP A 35  ? SER A 38  ? TRP A 51  SER A 54  
A 6 LEU A 91  ? LEU A 95  ? LEU A 104 LEU A 108 
A 7 VAL A 72  ? PRO A 77  ? VAL A 85  PRO A 90  
B 1 LEU A 122 ? GLY A 127 ? LEU A 135 GLY A 140 
B 2 GLN A 142 ? PRO A 147 ? GLN A 156 PRO A 161 
C 1 LEU A 168 ? ALA A 171 ? LEU A 180 ALA A 183 
C 2 GLY A 211 ? ARG A 215 ? GLY A 226 ARG A 230 
C 3 VAL A 192 ? VAL A 197 ? VAL A 208 VAL A 213 
C 4 PRO A 186 ? CYS A 189 ? PRO A 198 CYS A 201 
# 
loop_
_pdbx_struct_sheet_hbond.sheet_id 
_pdbx_struct_sheet_hbond.range_id_1 
_pdbx_struct_sheet_hbond.range_id_2 
_pdbx_struct_sheet_hbond.range_1_label_atom_id 
_pdbx_struct_sheet_hbond.range_1_label_comp_id 
_pdbx_struct_sheet_hbond.range_1_label_asym_id 
_pdbx_struct_sheet_hbond.range_1_label_seq_id 
_pdbx_struct_sheet_hbond.range_1_PDB_ins_code 
_pdbx_struct_sheet_hbond.range_1_auth_atom_id 
_pdbx_struct_sheet_hbond.range_1_auth_comp_id 
_pdbx_struct_sheet_hbond.range_1_auth_asym_id 
_pdbx_struct_sheet_hbond.range_1_auth_seq_id 
_pdbx_struct_sheet_hbond.range_2_label_atom_id 
_pdbx_struct_sheet_hbond.range_2_label_comp_id 
_pdbx_struct_sheet_hbond.range_2_label_asym_id 
_pdbx_struct_sheet_hbond.range_2_label_seq_id 
_pdbx_struct_sheet_hbond.range_2_PDB_ins_code 
_pdbx_struct_sheet_hbond.range_2_auth_atom_id 
_pdbx_struct_sheet_hbond.range_2_auth_comp_id 
_pdbx_struct_sheet_hbond.range_2_auth_asym_id 
_pdbx_struct_sheet_hbond.range_2_auth_seq_id 
A 1 2 O ARG A 68  ? O ARG A 81  N LEU A 55  ? N LEU A 68  
A 2 3 O GLN A 52  ? O GLN A 65  N GLN A 19  ? N GLN A 34  
A 3 4 O ALA A 16  ? O ALA A 31  N GLY A 28  ? N GLY A 44  
A 4 5 O VAL A 29  ? O VAL A 45  N LEU A 37  ? N LEU A 53  
A 5 6 O VAL A 36  ? O VAL A 52  N LEU A 93  ? N LEU A 106 
A 6 7 O LEU A 92  ? O LEU A 105 N VAL A 76  ? N VAL A 89  
B 1 2 O CYS A 123 ? O CYS A 136 N LEU A 146 ? N LEU A 160 
C 1 2 O MET A 169 ? O MET A 181 N TYR A 213 ? N TYR A 228 
C 2 3 O THR A 214 ? O THR A 229 N VAL A 196 ? N VAL A 212 
C 3 4 O VAL A 192 ? O VAL A 208 N CYS A 189 ? N CYS A 201 
# 
_pdbx_entry_details.entry_id                   1DST 
_pdbx_entry_details.compound_details           ? 
_pdbx_entry_details.source_details             ? 
_pdbx_entry_details.nonpolymer_details         ? 
_pdbx_entry_details.sequence_details           ? 
_pdbx_entry_details.has_ligand_of_interest     ? 
_pdbx_entry_details.has_protein_modification   Y 
# 
loop_
_pdbx_validate_rmsd_bond.id 
_pdbx_validate_rmsd_bond.PDB_model_num 
_pdbx_validate_rmsd_bond.auth_atom_id_1 
_pdbx_validate_rmsd_bond.auth_asym_id_1 
_pdbx_validate_rmsd_bond.auth_comp_id_1 
_pdbx_validate_rmsd_bond.auth_seq_id_1 
_pdbx_validate_rmsd_bond.PDB_ins_code_1 
_pdbx_validate_rmsd_bond.label_alt_id_1 
_pdbx_validate_rmsd_bond.auth_atom_id_2 
_pdbx_validate_rmsd_bond.auth_asym_id_2 
_pdbx_validate_rmsd_bond.auth_comp_id_2 
_pdbx_validate_rmsd_bond.auth_seq_id_2 
_pdbx_validate_rmsd_bond.PDB_ins_code_2 
_pdbx_validate_rmsd_bond.label_alt_id_2 
_pdbx_validate_rmsd_bond.bond_value 
_pdbx_validate_rmsd_bond.bond_target_value 
_pdbx_validate_rmsd_bond.bond_deviation 
_pdbx_validate_rmsd_bond.bond_standard_deviation 
_pdbx_validate_rmsd_bond.linker_flag 
1 1 C A HIS 171 ? ? N A HIS 172 ? ? 1.157 1.336 -0.179 0.023 Y 
2 1 C A ALA 175 ? ? N A ILE 176 ? ? 1.485 1.336 0.149  0.023 Y 
# 
loop_
_pdbx_validate_rmsd_angle.id 
_pdbx_validate_rmsd_angle.PDB_model_num 
_pdbx_validate_rmsd_angle.auth_atom_id_1 
_pdbx_validate_rmsd_angle.auth_asym_id_1 
_pdbx_validate_rmsd_angle.auth_comp_id_1 
_pdbx_validate_rmsd_angle.auth_seq_id_1 
_pdbx_validate_rmsd_angle.PDB_ins_code_1 
_pdbx_validate_rmsd_angle.label_alt_id_1 
_pdbx_validate_rmsd_angle.auth_atom_id_2 
_pdbx_validate_rmsd_angle.auth_asym_id_2 
_pdbx_validate_rmsd_angle.auth_comp_id_2 
_pdbx_validate_rmsd_angle.auth_seq_id_2 
_pdbx_validate_rmsd_angle.PDB_ins_code_2 
_pdbx_validate_rmsd_angle.label_alt_id_2 
_pdbx_validate_rmsd_angle.auth_atom_id_3 
_pdbx_validate_rmsd_angle.auth_asym_id_3 
_pdbx_validate_rmsd_angle.auth_comp_id_3 
_pdbx_validate_rmsd_angle.auth_seq_id_3 
_pdbx_validate_rmsd_angle.PDB_ins_code_3 
_pdbx_validate_rmsd_angle.label_alt_id_3 
_pdbx_validate_rmsd_angle.angle_value 
_pdbx_validate_rmsd_angle.angle_target_value 
_pdbx_validate_rmsd_angle.angle_deviation 
_pdbx_validate_rmsd_angle.angle_standard_deviation 
_pdbx_validate_rmsd_angle.linker_flag 
1  1 CA A CYS 168 ? ? CB A CYS 168 ? ? SG  A CYS 168 ? ? 123.07 114.20 8.87   1.10 N 
2  1 NE A ARG 170 ? ? CZ A ARG 170 ? ? NH2 A ARG 170 ? ? 124.01 120.30 3.71   0.50 N 
3  1 NE A ARG 170 A ? CZ A ARG 170 A ? NH2 A ARG 170 A ? 124.05 120.30 3.75   0.50 N 
4  1 CA A ILE 176 ? ? CB A ILE 176 ? ? CG1 A ILE 176 ? ? 130.18 111.00 19.18  1.90 N 
5  1 CA A ILE 176 ? ? CB A ILE 176 ? ? CG2 A ILE 176 ? ? 98.01  110.90 -12.89 2.00 N 
6  1 NE A ARG 179 ? ? CZ A ARG 179 ? ? NH2 A ARG 179 ? ? 123.60 120.30 3.30   0.50 N 
7  1 CA A CYS 182 ? ? CB A CYS 182 ? ? SG  A CYS 182 ? ? 103.15 114.00 -10.85 1.80 N 
8  1 NE A ARG 187 ? ? CZ A ARG 187 ? ? NH2 A ARG 187 ? ? 123.72 120.30 3.42   0.50 N 
9  1 NE A ARG 188 ? ? CZ A ARG 188 ? ? NH2 A ARG 188 ? ? 123.86 120.30 3.56   0.50 N 
10 1 NE A ARG 218 ? ? CZ A ARG 218 ? ? NH2 A ARG 218 ? ? 123.53 120.30 3.23   0.50 N 
11 1 NE A ARG 223 ? ? CZ A ARG 223 ? ? NH1 A ARG 223 ? ? 123.97 120.30 3.67   0.50 N 
# 
loop_
_pdbx_validate_torsion.id 
_pdbx_validate_torsion.PDB_model_num 
_pdbx_validate_torsion.auth_comp_id 
_pdbx_validate_torsion.auth_asym_id 
_pdbx_validate_torsion.auth_seq_id 
_pdbx_validate_torsion.PDB_ins_code 
_pdbx_validate_torsion.label_alt_id 
_pdbx_validate_torsion.phi 
_pdbx_validate_torsion.psi 
1 1 ALA A 61  A ? -104.11 72.63   
2 1 HIS A 71  ? ? -121.44 -65.37  
3 1 ASP A 97  ? ? 64.50   63.17   
4 1 THR A 170 B ? -62.97  -88.06  
5 1 HIS A 172 ? ? 90.58   103.08  
6 1 ASP A 173 ? ? 83.15   -56.37  
7 1 ALA A 175 ? ? 16.90   145.62  
8 1 GLU A 184 ? ? -49.32  151.77  
9 1 SER A 214 ? ? -90.20  -157.23 
# 
loop_
_pdbx_validate_planes.id 
_pdbx_validate_planes.PDB_model_num 
_pdbx_validate_planes.auth_comp_id 
_pdbx_validate_planes.auth_asym_id 
_pdbx_validate_planes.auth_seq_id 
_pdbx_validate_planes.PDB_ins_code 
_pdbx_validate_planes.label_alt_id 
_pdbx_validate_planes.rmsd 
_pdbx_validate_planes.type 
1 1 ARG A 20  ? ? 0.241 'SIDE CHAIN' 
2 1 ARG A 81  ? ? 0.141 'SIDE CHAIN' 
3 1 ARG A 165 ? ? 0.243 'SIDE CHAIN' 
4 1 ARG A 188 ? ? 0.172 'SIDE CHAIN' 
# 
_pdbx_validate_main_chain_plane.id                       1 
_pdbx_validate_main_chain_plane.PDB_model_num            1 
_pdbx_validate_main_chain_plane.auth_comp_id             ALA 
_pdbx_validate_main_chain_plane.auth_asym_id             A 
_pdbx_validate_main_chain_plane.auth_seq_id              175 
_pdbx_validate_main_chain_plane.PDB_ins_code             ? 
_pdbx_validate_main_chain_plane.label_alt_id             ? 
_pdbx_validate_main_chain_plane.improper_torsion_angle   -19.76 
# 
_pdbx_validate_polymer_linkage.id               1 
_pdbx_validate_polymer_linkage.PDB_model_num    1 
_pdbx_validate_polymer_linkage.auth_atom_id_1   C 
_pdbx_validate_polymer_linkage.auth_asym_id_1   A 
_pdbx_validate_polymer_linkage.auth_comp_id_1   HIS 
_pdbx_validate_polymer_linkage.auth_seq_id_1    171 
_pdbx_validate_polymer_linkage.PDB_ins_code_1   ? 
_pdbx_validate_polymer_linkage.label_alt_id_1   ? 
_pdbx_validate_polymer_linkage.auth_atom_id_2   N 
_pdbx_validate_polymer_linkage.auth_asym_id_2   A 
_pdbx_validate_polymer_linkage.auth_comp_id_2   HIS 
_pdbx_validate_polymer_linkage.auth_seq_id_2    172 
_pdbx_validate_polymer_linkage.PDB_ins_code_2   ? 
_pdbx_validate_polymer_linkage.label_alt_id_2   ? 
_pdbx_validate_polymer_linkage.dist             1.16 
# 
loop_
_chem_comp_atom.comp_id 
_chem_comp_atom.atom_id 
_chem_comp_atom.type_symbol 
_chem_comp_atom.pdbx_aromatic_flag 
_chem_comp_atom.pdbx_stereo_config 
_chem_comp_atom.pdbx_ordinal 
ALA N    N N N 1   
ALA CA   C N S 2   
ALA C    C N N 3   
ALA O    O N N 4   
ALA CB   C N N 5   
ALA OXT  O N N 6   
ALA H    H N N 7   
ALA H2   H N N 8   
ALA HA   H N N 9   
ALA HB1  H N N 10  
ALA HB2  H N N 11  
ALA HB3  H N N 12  
ALA HXT  H N N 13  
ARG N    N N N 14  
ARG CA   C N S 15  
ARG C    C N N 16  
ARG O    O N N 17  
ARG CB   C N N 18  
ARG CG   C N N 19  
ARG CD   C N N 20  
ARG NE   N N N 21  
ARG CZ   C N N 22  
ARG NH1  N N N 23  
ARG NH2  N N N 24  
ARG OXT  O N N 25  
ARG H    H N N 26  
ARG H2   H N N 27  
ARG HA   H N N 28  
ARG HB2  H N N 29  
ARG HB3  H N N 30  
ARG HG2  H N N 31  
ARG HG3  H N N 32  
ARG HD2  H N N 33  
ARG HD3  H N N 34  
ARG HE   H N N 35  
ARG HH11 H N N 36  
ARG HH12 H N N 37  
ARG HH21 H N N 38  
ARG HH22 H N N 39  
ARG HXT  H N N 40  
ASN N    N N N 41  
ASN CA   C N S 42  
ASN C    C N N 43  
ASN O    O N N 44  
ASN CB   C N N 45  
ASN CG   C N N 46  
ASN OD1  O N N 47  
ASN ND2  N N N 48  
ASN OXT  O N N 49  
ASN H    H N N 50  
ASN H2   H N N 51  
ASN HA   H N N 52  
ASN HB2  H N N 53  
ASN HB3  H N N 54  
ASN HD21 H N N 55  
ASN HD22 H N N 56  
ASN HXT  H N N 57  
ASP N    N N N 58  
ASP CA   C N S 59  
ASP C    C N N 60  
ASP O    O N N 61  
ASP CB   C N N 62  
ASP CG   C N N 63  
ASP OD1  O N N 64  
ASP OD2  O N N 65  
ASP OXT  O N N 66  
ASP H    H N N 67  
ASP H2   H N N 68  
ASP HA   H N N 69  
ASP HB2  H N N 70  
ASP HB3  H N N 71  
ASP HD2  H N N 72  
ASP HXT  H N N 73  
CYS N    N N N 74  
CYS CA   C N R 75  
CYS C    C N N 76  
CYS O    O N N 77  
CYS CB   C N N 78  
CYS SG   S N N 79  
CYS OXT  O N N 80  
CYS H    H N N 81  
CYS H2   H N N 82  
CYS HA   H N N 83  
CYS HB2  H N N 84  
CYS HB3  H N N 85  
CYS HG   H N N 86  
CYS HXT  H N N 87  
GLN N    N N N 88  
GLN CA   C N S 89  
GLN C    C N N 90  
GLN O    O N N 91  
GLN CB   C N N 92  
GLN CG   C N N 93  
GLN CD   C N N 94  
GLN OE1  O N N 95  
GLN NE2  N N N 96  
GLN OXT  O N N 97  
GLN H    H N N 98  
GLN H2   H N N 99  
GLN HA   H N N 100 
GLN HB2  H N N 101 
GLN HB3  H N N 102 
GLN HG2  H N N 103 
GLN HG3  H N N 104 
GLN HE21 H N N 105 
GLN HE22 H N N 106 
GLN HXT  H N N 107 
GLU N    N N N 108 
GLU CA   C N S 109 
GLU C    C N N 110 
GLU O    O N N 111 
GLU CB   C N N 112 
GLU CG   C N N 113 
GLU CD   C N N 114 
GLU OE1  O N N 115 
GLU OE2  O N N 116 
GLU OXT  O N N 117 
GLU H    H N N 118 
GLU H2   H N N 119 
GLU HA   H N N 120 
GLU HB2  H N N 121 
GLU HB3  H N N 122 
GLU HG2  H N N 123 
GLU HG3  H N N 124 
GLU HE2  H N N 125 
GLU HXT  H N N 126 
GLY N    N N N 127 
GLY CA   C N N 128 
GLY C    C N N 129 
GLY O    O N N 130 
GLY OXT  O N N 131 
GLY H    H N N 132 
GLY H2   H N N 133 
GLY HA2  H N N 134 
GLY HA3  H N N 135 
GLY HXT  H N N 136 
HIS N    N N N 137 
HIS CA   C N S 138 
HIS C    C N N 139 
HIS O    O N N 140 
HIS CB   C N N 141 
HIS CG   C Y N 142 
HIS ND1  N Y N 143 
HIS CD2  C Y N 144 
HIS CE1  C Y N 145 
HIS NE2  N Y N 146 
HIS OXT  O N N 147 
HIS H    H N N 148 
HIS H2   H N N 149 
HIS HA   H N N 150 
HIS HB2  H N N 151 
HIS HB3  H N N 152 
HIS HD1  H N N 153 
HIS HD2  H N N 154 
HIS HE1  H N N 155 
HIS HE2  H N N 156 
HIS HXT  H N N 157 
HOH O    O N N 158 
HOH H1   H N N 159 
HOH H2   H N N 160 
ILE N    N N N 161 
ILE CA   C N S 162 
ILE C    C N N 163 
ILE O    O N N 164 
ILE CB   C N S 165 
ILE CG1  C N N 166 
ILE CG2  C N N 167 
ILE CD1  C N N 168 
ILE OXT  O N N 169 
ILE H    H N N 170 
ILE H2   H N N 171 
ILE HA   H N N 172 
ILE HB   H N N 173 
ILE HG12 H N N 174 
ILE HG13 H N N 175 
ILE HG21 H N N 176 
ILE HG22 H N N 177 
ILE HG23 H N N 178 
ILE HD11 H N N 179 
ILE HD12 H N N 180 
ILE HD13 H N N 181 
ILE HXT  H N N 182 
LEU N    N N N 183 
LEU CA   C N S 184 
LEU C    C N N 185 
LEU O    O N N 186 
LEU CB   C N N 187 
LEU CG   C N N 188 
LEU CD1  C N N 189 
LEU CD2  C N N 190 
LEU OXT  O N N 191 
LEU H    H N N 192 
LEU H2   H N N 193 
LEU HA   H N N 194 
LEU HB2  H N N 195 
LEU HB3  H N N 196 
LEU HG   H N N 197 
LEU HD11 H N N 198 
LEU HD12 H N N 199 
LEU HD13 H N N 200 
LEU HD21 H N N 201 
LEU HD22 H N N 202 
LEU HD23 H N N 203 
LEU HXT  H N N 204 
LYS N    N N N 205 
LYS CA   C N S 206 
LYS C    C N N 207 
LYS O    O N N 208 
LYS CB   C N N 209 
LYS CG   C N N 210 
LYS CD   C N N 211 
LYS CE   C N N 212 
LYS NZ   N N N 213 
LYS OXT  O N N 214 
LYS H    H N N 215 
LYS H2   H N N 216 
LYS HA   H N N 217 
LYS HB2  H N N 218 
LYS HB3  H N N 219 
LYS HG2  H N N 220 
LYS HG3  H N N 221 
LYS HD2  H N N 222 
LYS HD3  H N N 223 
LYS HE2  H N N 224 
LYS HE3  H N N 225 
LYS HZ1  H N N 226 
LYS HZ2  H N N 227 
LYS HZ3  H N N 228 
LYS HXT  H N N 229 
MET N    N N N 230 
MET CA   C N S 231 
MET C    C N N 232 
MET O    O N N 233 
MET CB   C N N 234 
MET CG   C N N 235 
MET SD   S N N 236 
MET CE   C N N 237 
MET OXT  O N N 238 
MET H    H N N 239 
MET H2   H N N 240 
MET HA   H N N 241 
MET HB2  H N N 242 
MET HB3  H N N 243 
MET HG2  H N N 244 
MET HG3  H N N 245 
MET HE1  H N N 246 
MET HE2  H N N 247 
MET HE3  H N N 248 
MET HXT  H N N 249 
PRO N    N N N 250 
PRO CA   C N S 251 
PRO C    C N N 252 
PRO O    O N N 253 
PRO CB   C N N 254 
PRO CG   C N N 255 
PRO CD   C N N 256 
PRO OXT  O N N 257 
PRO H    H N N 258 
PRO HA   H N N 259 
PRO HB2  H N N 260 
PRO HB3  H N N 261 
PRO HG2  H N N 262 
PRO HG3  H N N 263 
PRO HD2  H N N 264 
PRO HD3  H N N 265 
PRO HXT  H N N 266 
SER N    N N N 267 
SER CA   C N S 268 
SER C    C N N 269 
SER O    O N N 270 
SER CB   C N N 271 
SER OG   O N N 272 
SER OXT  O N N 273 
SER H    H N N 274 
SER H2   H N N 275 
SER HA   H N N 276 
SER HB2  H N N 277 
SER HB3  H N N 278 
SER HG   H N N 279 
SER HXT  H N N 280 
THR N    N N N 281 
THR CA   C N S 282 
THR C    C N N 283 
THR O    O N N 284 
THR CB   C N R 285 
THR OG1  O N N 286 
THR CG2  C N N 287 
THR OXT  O N N 288 
THR H    H N N 289 
THR H2   H N N 290 
THR HA   H N N 291 
THR HB   H N N 292 
THR HG1  H N N 293 
THR HG21 H N N 294 
THR HG22 H N N 295 
THR HG23 H N N 296 
THR HXT  H N N 297 
TRP N    N N N 298 
TRP CA   C N S 299 
TRP C    C N N 300 
TRP O    O N N 301 
TRP CB   C N N 302 
TRP CG   C Y N 303 
TRP CD1  C Y N 304 
TRP CD2  C Y N 305 
TRP NE1  N Y N 306 
TRP CE2  C Y N 307 
TRP CE3  C Y N 308 
TRP CZ2  C Y N 309 
TRP CZ3  C Y N 310 
TRP CH2  C Y N 311 
TRP OXT  O N N 312 
TRP H    H N N 313 
TRP H2   H N N 314 
TRP HA   H N N 315 
TRP HB2  H N N 316 
TRP HB3  H N N 317 
TRP HD1  H N N 318 
TRP HE1  H N N 319 
TRP HE3  H N N 320 
TRP HZ2  H N N 321 
TRP HZ3  H N N 322 
TRP HH2  H N N 323 
TRP HXT  H N N 324 
TYR N    N N N 325 
TYR CA   C N S 326 
TYR C    C N N 327 
TYR O    O N N 328 
TYR CB   C N N 329 
TYR CG   C Y N 330 
TYR CD1  C Y N 331 
TYR CD2  C Y N 332 
TYR CE1  C Y N 333 
TYR CE2  C Y N 334 
TYR CZ   C Y N 335 
TYR OH   O N N 336 
TYR OXT  O N N 337 
TYR H    H N N 338 
TYR H2   H N N 339 
TYR HA   H N N 340 
TYR HB2  H N N 341 
TYR HB3  H N N 342 
TYR HD1  H N N 343 
TYR HD2  H N N 344 
TYR HE1  H N N 345 
TYR HE2  H N N 346 
TYR HH   H N N 347 
TYR HXT  H N N 348 
VAL N    N N N 349 
VAL CA   C N S 350 
VAL C    C N N 351 
VAL O    O N N 352 
VAL CB   C N N 353 
VAL CG1  C N N 354 
VAL CG2  C N N 355 
VAL OXT  O N N 356 
VAL H    H N N 357 
VAL H2   H N N 358 
VAL HA   H N N 359 
VAL HB   H N N 360 
VAL HG11 H N N 361 
VAL HG12 H N N 362 
VAL HG13 H N N 363 
VAL HG21 H N N 364 
VAL HG22 H N N 365 
VAL HG23 H N N 366 
VAL HXT  H N N 367 
# 
loop_
_chem_comp_bond.comp_id 
_chem_comp_bond.atom_id_1 
_chem_comp_bond.atom_id_2 
_chem_comp_bond.value_order 
_chem_comp_bond.pdbx_aromatic_flag 
_chem_comp_bond.pdbx_stereo_config 
_chem_comp_bond.pdbx_ordinal 
ALA N   CA   sing N N 1   
ALA N   H    sing N N 2   
ALA N   H2   sing N N 3   
ALA CA  C    sing N N 4   
ALA CA  CB   sing N N 5   
ALA CA  HA   sing N N 6   
ALA C   O    doub N N 7   
ALA C   OXT  sing N N 8   
ALA CB  HB1  sing N N 9   
ALA CB  HB2  sing N N 10  
ALA CB  HB3  sing N N 11  
ALA OXT HXT  sing N N 12  
ARG N   CA   sing N N 13  
ARG N   H    sing N N 14  
ARG N   H2   sing N N 15  
ARG CA  C    sing N N 16  
ARG CA  CB   sing N N 17  
ARG CA  HA   sing N N 18  
ARG C   O    doub N N 19  
ARG C   OXT  sing N N 20  
ARG CB  CG   sing N N 21  
ARG CB  HB2  sing N N 22  
ARG CB  HB3  sing N N 23  
ARG CG  CD   sing N N 24  
ARG CG  HG2  sing N N 25  
ARG CG  HG3  sing N N 26  
ARG CD  NE   sing N N 27  
ARG CD  HD2  sing N N 28  
ARG CD  HD3  sing N N 29  
ARG NE  CZ   sing N N 30  
ARG NE  HE   sing N N 31  
ARG CZ  NH1  sing N N 32  
ARG CZ  NH2  doub N N 33  
ARG NH1 HH11 sing N N 34  
ARG NH1 HH12 sing N N 35  
ARG NH2 HH21 sing N N 36  
ARG NH2 HH22 sing N N 37  
ARG OXT HXT  sing N N 38  
ASN N   CA   sing N N 39  
ASN N   H    sing N N 40  
ASN N   H2   sing N N 41  
ASN CA  C    sing N N 42  
ASN CA  CB   sing N N 43  
ASN CA  HA   sing N N 44  
ASN C   O    doub N N 45  
ASN C   OXT  sing N N 46  
ASN CB  CG   sing N N 47  
ASN CB  HB2  sing N N 48  
ASN CB  HB3  sing N N 49  
ASN CG  OD1  doub N N 50  
ASN CG  ND2  sing N N 51  
ASN ND2 HD21 sing N N 52  
ASN ND2 HD22 sing N N 53  
ASN OXT HXT  sing N N 54  
ASP N   CA   sing N N 55  
ASP N   H    sing N N 56  
ASP N   H2   sing N N 57  
ASP CA  C    sing N N 58  
ASP CA  CB   sing N N 59  
ASP CA  HA   sing N N 60  
ASP C   O    doub N N 61  
ASP C   OXT  sing N N 62  
ASP CB  CG   sing N N 63  
ASP CB  HB2  sing N N 64  
ASP CB  HB3  sing N N 65  
ASP CG  OD1  doub N N 66  
ASP CG  OD2  sing N N 67  
ASP OD2 HD2  sing N N 68  
ASP OXT HXT  sing N N 69  
CYS N   CA   sing N N 70  
CYS N   H    sing N N 71  
CYS N   H2   sing N N 72  
CYS CA  C    sing N N 73  
CYS CA  CB   sing N N 74  
CYS CA  HA   sing N N 75  
CYS C   O    doub N N 76  
CYS C   OXT  sing N N 77  
CYS CB  SG   sing N N 78  
CYS CB  HB2  sing N N 79  
CYS CB  HB3  sing N N 80  
CYS SG  HG   sing N N 81  
CYS OXT HXT  sing N N 82  
GLN N   CA   sing N N 83  
GLN N   H    sing N N 84  
GLN N   H2   sing N N 85  
GLN CA  C    sing N N 86  
GLN CA  CB   sing N N 87  
GLN CA  HA   sing N N 88  
GLN C   O    doub N N 89  
GLN C   OXT  sing N N 90  
GLN CB  CG   sing N N 91  
GLN CB  HB2  sing N N 92  
GLN CB  HB3  sing N N 93  
GLN CG  CD   sing N N 94  
GLN CG  HG2  sing N N 95  
GLN CG  HG3  sing N N 96  
GLN CD  OE1  doub N N 97  
GLN CD  NE2  sing N N 98  
GLN NE2 HE21 sing N N 99  
GLN NE2 HE22 sing N N 100 
GLN OXT HXT  sing N N 101 
GLU N   CA   sing N N 102 
GLU N   H    sing N N 103 
GLU N   H2   sing N N 104 
GLU CA  C    sing N N 105 
GLU CA  CB   sing N N 106 
GLU CA  HA   sing N N 107 
GLU C   O    doub N N 108 
GLU C   OXT  sing N N 109 
GLU CB  CG   sing N N 110 
GLU CB  HB2  sing N N 111 
GLU CB  HB3  sing N N 112 
GLU CG  CD   sing N N 113 
GLU CG  HG2  sing N N 114 
GLU CG  HG3  sing N N 115 
GLU CD  OE1  doub N N 116 
GLU CD  OE2  sing N N 117 
GLU OE2 HE2  sing N N 118 
GLU OXT HXT  sing N N 119 
GLY N   CA   sing N N 120 
GLY N   H    sing N N 121 
GLY N   H2   sing N N 122 
GLY CA  C    sing N N 123 
GLY CA  HA2  sing N N 124 
GLY CA  HA3  sing N N 125 
GLY C   O    doub N N 126 
GLY C   OXT  sing N N 127 
GLY OXT HXT  sing N N 128 
HIS N   CA   sing N N 129 
HIS N   H    sing N N 130 
HIS N   H2   sing N N 131 
HIS CA  C    sing N N 132 
HIS CA  CB   sing N N 133 
HIS CA  HA   sing N N 134 
HIS C   O    doub N N 135 
HIS C   OXT  sing N N 136 
HIS CB  CG   sing N N 137 
HIS CB  HB2  sing N N 138 
HIS CB  HB3  sing N N 139 
HIS CG  ND1  sing Y N 140 
HIS CG  CD2  doub Y N 141 
HIS ND1 CE1  doub Y N 142 
HIS ND1 HD1  sing N N 143 
HIS CD2 NE2  sing Y N 144 
HIS CD2 HD2  sing N N 145 
HIS CE1 NE2  sing Y N 146 
HIS CE1 HE1  sing N N 147 
HIS NE2 HE2  sing N N 148 
HIS OXT HXT  sing N N 149 
HOH O   H1   sing N N 150 
HOH O   H2   sing N N 151 
ILE N   CA   sing N N 152 
ILE N   H    sing N N 153 
ILE N   H2   sing N N 154 
ILE CA  C    sing N N 155 
ILE CA  CB   sing N N 156 
ILE CA  HA   sing N N 157 
ILE C   O    doub N N 158 
ILE C   OXT  sing N N 159 
ILE CB  CG1  sing N N 160 
ILE CB  CG2  sing N N 161 
ILE CB  HB   sing N N 162 
ILE CG1 CD1  sing N N 163 
ILE CG1 HG12 sing N N 164 
ILE CG1 HG13 sing N N 165 
ILE CG2 HG21 sing N N 166 
ILE CG2 HG22 sing N N 167 
ILE CG2 HG23 sing N N 168 
ILE CD1 HD11 sing N N 169 
ILE CD1 HD12 sing N N 170 
ILE CD1 HD13 sing N N 171 
ILE OXT HXT  sing N N 172 
LEU N   CA   sing N N 173 
LEU N   H    sing N N 174 
LEU N   H2   sing N N 175 
LEU CA  C    sing N N 176 
LEU CA  CB   sing N N 177 
LEU CA  HA   sing N N 178 
LEU C   O    doub N N 179 
LEU C   OXT  sing N N 180 
LEU CB  CG   sing N N 181 
LEU CB  HB2  sing N N 182 
LEU CB  HB3  sing N N 183 
LEU CG  CD1  sing N N 184 
LEU CG  CD2  sing N N 185 
LEU CG  HG   sing N N 186 
LEU CD1 HD11 sing N N 187 
LEU CD1 HD12 sing N N 188 
LEU CD1 HD13 sing N N 189 
LEU CD2 HD21 sing N N 190 
LEU CD2 HD22 sing N N 191 
LEU CD2 HD23 sing N N 192 
LEU OXT HXT  sing N N 193 
LYS N   CA   sing N N 194 
LYS N   H    sing N N 195 
LYS N   H2   sing N N 196 
LYS CA  C    sing N N 197 
LYS CA  CB   sing N N 198 
LYS CA  HA   sing N N 199 
LYS C   O    doub N N 200 
LYS C   OXT  sing N N 201 
LYS CB  CG   sing N N 202 
LYS CB  HB2  sing N N 203 
LYS CB  HB3  sing N N 204 
LYS CG  CD   sing N N 205 
LYS CG  HG2  sing N N 206 
LYS CG  HG3  sing N N 207 
LYS CD  CE   sing N N 208 
LYS CD  HD2  sing N N 209 
LYS CD  HD3  sing N N 210 
LYS CE  NZ   sing N N 211 
LYS CE  HE2  sing N N 212 
LYS CE  HE3  sing N N 213 
LYS NZ  HZ1  sing N N 214 
LYS NZ  HZ2  sing N N 215 
LYS NZ  HZ3  sing N N 216 
LYS OXT HXT  sing N N 217 
MET N   CA   sing N N 218 
MET N   H    sing N N 219 
MET N   H2   sing N N 220 
MET CA  C    sing N N 221 
MET CA  CB   sing N N 222 
MET CA  HA   sing N N 223 
MET C   O    doub N N 224 
MET C   OXT  sing N N 225 
MET CB  CG   sing N N 226 
MET CB  HB2  sing N N 227 
MET CB  HB3  sing N N 228 
MET CG  SD   sing N N 229 
MET CG  HG2  sing N N 230 
MET CG  HG3  sing N N 231 
MET SD  CE   sing N N 232 
MET CE  HE1  sing N N 233 
MET CE  HE2  sing N N 234 
MET CE  HE3  sing N N 235 
MET OXT HXT  sing N N 236 
PRO N   CA   sing N N 237 
PRO N   CD   sing N N 238 
PRO N   H    sing N N 239 
PRO CA  C    sing N N 240 
PRO CA  CB   sing N N 241 
PRO CA  HA   sing N N 242 
PRO C   O    doub N N 243 
PRO C   OXT  sing N N 244 
PRO CB  CG   sing N N 245 
PRO CB  HB2  sing N N 246 
PRO CB  HB3  sing N N 247 
PRO CG  CD   sing N N 248 
PRO CG  HG2  sing N N 249 
PRO CG  HG3  sing N N 250 
PRO CD  HD2  sing N N 251 
PRO CD  HD3  sing N N 252 
PRO OXT HXT  sing N N 253 
SER N   CA   sing N N 254 
SER N   H    sing N N 255 
SER N   H2   sing N N 256 
SER CA  C    sing N N 257 
SER CA  CB   sing N N 258 
SER CA  HA   sing N N 259 
SER C   O    doub N N 260 
SER C   OXT  sing N N 261 
SER CB  OG   sing N N 262 
SER CB  HB2  sing N N 263 
SER CB  HB3  sing N N 264 
SER OG  HG   sing N N 265 
SER OXT HXT  sing N N 266 
THR N   CA   sing N N 267 
THR N   H    sing N N 268 
THR N   H2   sing N N 269 
THR CA  C    sing N N 270 
THR CA  CB   sing N N 271 
THR CA  HA   sing N N 272 
THR C   O    doub N N 273 
THR C   OXT  sing N N 274 
THR CB  OG1  sing N N 275 
THR CB  CG2  sing N N 276 
THR CB  HB   sing N N 277 
THR OG1 HG1  sing N N 278 
THR CG2 HG21 sing N N 279 
THR CG2 HG22 sing N N 280 
THR CG2 HG23 sing N N 281 
THR OXT HXT  sing N N 282 
TRP N   CA   sing N N 283 
TRP N   H    sing N N 284 
TRP N   H2   sing N N 285 
TRP CA  C    sing N N 286 
TRP CA  CB   sing N N 287 
TRP CA  HA   sing N N 288 
TRP C   O    doub N N 289 
TRP C   OXT  sing N N 290 
TRP CB  CG   sing N N 291 
TRP CB  HB2  sing N N 292 
TRP CB  HB3  sing N N 293 
TRP CG  CD1  doub Y N 294 
TRP CG  CD2  sing Y N 295 
TRP CD1 NE1  sing Y N 296 
TRP CD1 HD1  sing N N 297 
TRP CD2 CE2  doub Y N 298 
TRP CD2 CE3  sing Y N 299 
TRP NE1 CE2  sing Y N 300 
TRP NE1 HE1  sing N N 301 
TRP CE2 CZ2  sing Y N 302 
TRP CE3 CZ3  doub Y N 303 
TRP CE3 HE3  sing N N 304 
TRP CZ2 CH2  doub Y N 305 
TRP CZ2 HZ2  sing N N 306 
TRP CZ3 CH2  sing Y N 307 
TRP CZ3 HZ3  sing N N 308 
TRP CH2 HH2  sing N N 309 
TRP OXT HXT  sing N N 310 
TYR N   CA   sing N N 311 
TYR N   H    sing N N 312 
TYR N   H2   sing N N 313 
TYR CA  C    sing N N 314 
TYR CA  CB   sing N N 315 
TYR CA  HA   sing N N 316 
TYR C   O    doub N N 317 
TYR C   OXT  sing N N 318 
TYR CB  CG   sing N N 319 
TYR CB  HB2  sing N N 320 
TYR CB  HB3  sing N N 321 
TYR CG  CD1  doub Y N 322 
TYR CG  CD2  sing Y N 323 
TYR CD1 CE1  sing Y N 324 
TYR CD1 HD1  sing N N 325 
TYR CD2 CE2  doub Y N 326 
TYR CD2 HD2  sing N N 327 
TYR CE1 CZ   doub Y N 328 
TYR CE1 HE1  sing N N 329 
TYR CE2 CZ   sing Y N 330 
TYR CE2 HE2  sing N N 331 
TYR CZ  OH   sing N N 332 
TYR OH  HH   sing N N 333 
TYR OXT HXT  sing N N 334 
VAL N   CA   sing N N 335 
VAL N   H    sing N N 336 
VAL N   H2   sing N N 337 
VAL CA  C    sing N N 338 
VAL CA  CB   sing N N 339 
VAL CA  HA   sing N N 340 
VAL C   O    doub N N 341 
VAL C   OXT  sing N N 342 
VAL CB  CG1  sing N N 343 
VAL CB  CG2  sing N N 344 
VAL CB  HB   sing N N 345 
VAL CG1 HG11 sing N N 346 
VAL CG1 HG12 sing N N 347 
VAL CG1 HG13 sing N N 348 
VAL CG2 HG21 sing N N 349 
VAL CG2 HG22 sing N N 350 
VAL CG2 HG23 sing N N 351 
VAL OXT HXT  sing N N 352 
# 
_atom_sites.entry_id                    1DST 
_atom_sites.fract_transf_matrix[1][1]   0.00684018 
_atom_sites.fract_transf_matrix[1][2]   -0.00532969 
_atom_sites.fract_transf_matrix[1][3]   0.02392209 
_atom_sites.fract_transf_matrix[2][1]   0.02379143 
_atom_sites.fract_transf_matrix[2][2]   -0.00746621 
_atom_sites.fract_transf_matrix[2][3]   0.00506672 
_atom_sites.fract_transf_matrix[3][1]   0.00154306 
_atom_sites.fract_transf_matrix[3][2]   0.00544010 
_atom_sites.fract_transf_matrix[3][3]   0.00077081 
_atom_sites.fract_transf_vector[1]      0.137084 
_atom_sites.fract_transf_vector[2]      0.450920 
_atom_sites.fract_transf_vector[3]      0.422695 
# 
loop_
_atom_type.symbol 
C 
N 
O 
S 
# 
loop_
_atom_site.group_PDB 
_atom_site.id 
_atom_site.type_symbol 
_atom_site.label_atom_id 
_atom_site.label_alt_id 
_atom_site.label_comp_id 
_atom_site.label_asym_id 
_atom_site.label_entity_id 
_atom_site.label_seq_id 
_atom_site.pdbx_PDB_ins_code 
_atom_site.Cartn_x 
_atom_site.Cartn_y 
_atom_site.Cartn_z 
_atom_site.occupancy 
_atom_site.B_iso_or_equiv 
_atom_site.pdbx_formal_charge 
_atom_site.auth_seq_id 
_atom_site.auth_comp_id 
_atom_site.auth_asym_id 
_atom_site.auth_atom_id 
_atom_site.pdbx_PDB_model_num 
ATOM   1    N N   . ILE A 1 1   ? 6.748   -2.217  -8.696  1.00 6.35  ? 16  ILE A N   1 
ATOM   2    C CA  . ILE A 1 1   ? 6.156   -1.041  -9.405  1.00 8.81  ? 16  ILE A CA  1 
ATOM   3    C C   . ILE A 1 1   ? 6.563   -1.082  -10.885 1.00 10.36 ? 16  ILE A C   1 
ATOM   4    O O   . ILE A 1 1   ? 7.754   -1.011  -11.217 1.00 7.96  ? 16  ILE A O   1 
ATOM   5    C CB  . ILE A 1 1   ? 6.632   0.335   -8.788  1.00 9.36  ? 16  ILE A CB  1 
ATOM   6    C CG1 . ILE A 1 1   ? 6.094   0.540   -7.351  1.00 8.07  ? 16  ILE A CG1 1 
ATOM   7    C CG2 . ILE A 1 1   ? 6.211   1.499   -9.715  1.00 6.79  ? 16  ILE A CG2 1 
ATOM   8    C CD1 . ILE A 1 1   ? 4.561   0.806   -7.225  1.00 9.27  ? 16  ILE A CD1 1 
ATOM   9    N N   . LEU A 1 2   ? 5.579   -1.227  -11.766 1.00 11.38 ? 17  LEU A N   1 
ATOM   10   C CA  . LEU A 1 2   ? 5.841   -1.261  -13.202 1.00 13.28 ? 17  LEU A CA  1 
ATOM   11   C C   . LEU A 1 2   ? 5.920   0.168   -13.761 1.00 12.24 ? 17  LEU A C   1 
ATOM   12   O O   . LEU A 1 2   ? 5.070   1.016   -13.438 1.00 10.58 ? 17  LEU A O   1 
ATOM   13   C CB  . LEU A 1 2   ? 4.721   -2.008  -13.921 1.00 12.74 ? 17  LEU A CB  1 
ATOM   14   C CG  . LEU A 1 2   ? 4.838   -2.054  -15.449 1.00 17.51 ? 17  LEU A CG  1 
ATOM   15   C CD1 . LEU A 1 2   ? 5.819   -3.177  -15.824 1.00 15.28 ? 17  LEU A CD1 1 
ATOM   16   C CD2 . LEU A 1 2   ? 3.432   -2.291  -16.075 1.00 16.17 ? 17  LEU A CD2 1 
ATOM   17   N N   . GLY A 1 3   ? 6.959   0.429   -14.552 1.00 12.87 ? 18  GLY A N   1 
ATOM   18   C CA  . GLY A 1 3   ? 7.138   1.731   -15.191 1.00 13.05 ? 18  GLY A CA  1 
ATOM   19   C C   . GLY A 1 3   ? 7.535   2.957   -14.371 1.00 14.47 ? 18  GLY A C   1 
ATOM   20   O O   . GLY A 1 3   ? 7.446   4.071   -14.866 1.00 14.45 ? 18  GLY A O   1 
ATOM   21   N N   . GLY A 1 4   ? 8.006   2.758   -13.147 1.00 12.50 ? 19  GLY A N   1 
ATOM   22   C CA  . GLY A 1 4   ? 8.397   3.871   -12.309 1.00 14.52 ? 19  GLY A CA  1 
ATOM   23   C C   . GLY A 1 4   ? 9.879   4.162   -12.368 1.00 16.88 ? 19  GLY A C   1 
ATOM   24   O O   . GLY A 1 4   ? 10.555  3.848   -13.347 1.00 17.23 ? 19  GLY A O   1 
ATOM   25   N N   . ARG A 1 5   ? 10.386  4.772   -11.310 1.00 17.65 ? 20  ARG A N   1 
ATOM   26   C CA  . ARG A 1 5   ? 11.794  5.118   -11.222 1.00 19.70 ? 20  ARG A CA  1 
ATOM   27   C C   . ARG A 1 5   ? 12.199  4.939   -9.748  1.00 14.77 ? 20  ARG A C   1 
ATOM   28   O O   . ARG A 1 5   ? 11.341  4.683   -8.893  1.00 14.75 ? 20  ARG A O   1 
ATOM   29   C CB  . ARG A 1 5   ? 12.007  6.571   -11.690 1.00 25.36 ? 20  ARG A CB  1 
ATOM   30   C CG  . ARG A 1 5   ? 11.214  7.614   -10.891 1.00 34.66 ? 20  ARG A CG  1 
ATOM   31   C CD  . ARG A 1 5   ? 10.891  8.874   -11.694 1.00 38.37 ? 20  ARG A CD  1 
ATOM   32   N NE  . ARG A 1 5   ? 10.482  9.969   -10.802 1.00 41.28 ? 20  ARG A NE  1 
ATOM   33   C CZ  . ARG A 1 5   ? 9.899   11.109  -11.189 1.00 44.81 ? 20  ARG A CZ  1 
ATOM   34   N NH1 . ARG A 1 5   ? 10.476  11.892  -12.092 1.00 45.99 ? 20  ARG A NH1 1 
ATOM   35   N NH2 . ARG A 1 5   ? 8.719   11.461  -10.672 1.00 41.25 ? 20  ARG A NH2 1 
ATOM   36   N N   . GLU A 1 6   ? 13.497  5.015   -9.469  1.00 15.17 ? 21  GLU A N   1 
ATOM   37   C CA  . GLU A 1 6   ? 13.988  4.904   -8.104  1.00 16.40 ? 21  GLU A CA  1 
ATOM   38   C C   . GLU A 1 6   ? 13.590  6.154   -7.266  1.00 15.54 ? 21  GLU A C   1 
ATOM   39   O O   . GLU A 1 6   ? 13.782  7.297   -7.691  1.00 15.80 ? 21  GLU A O   1 
ATOM   40   C CB  . GLU A 1 6   ? 15.519  4.736   -8.086  1.00 19.36 ? 21  GLU A CB  1 
ATOM   41   C CG  . GLU A 1 6   ? 16.046  4.263   -6.731  1.00 22.76 ? 21  GLU A CG  1 
ATOM   42   C CD  . GLU A 1 6   ? 17.563  4.149   -6.657  1.00 28.11 ? 21  GLU A CD  1 
ATOM   43   O OE1 . GLU A 1 6   ? 18.192  3.685   -7.646  1.00 31.23 ? 21  GLU A OE1 1 
ATOM   44   O OE2 . GLU A 1 6   ? 18.115  4.520   -5.589  1.00 29.28 ? 21  GLU A OE2 1 
ATOM   45   N N   . ALA A 1 7   ? 13.015  5.920   -6.088  1.00 14.57 ? 22  ALA A N   1 
ATOM   46   C CA  . ALA A 1 7   ? 12.637  7.032   -5.229  1.00 15.68 ? 22  ALA A CA  1 
ATOM   47   C C   . ALA A 1 7   ? 13.904  7.640   -4.637  1.00 18.41 ? 22  ALA A C   1 
ATOM   48   O O   . ALA A 1 7   ? 14.974  7.026   -4.674  1.00 20.02 ? 22  ALA A O   1 
ATOM   49   C CB  . ALA A 1 7   ? 11.700  6.581   -4.129  1.00 14.96 ? 22  ALA A CB  1 
ATOM   50   N N   . GLU A 1 8   ? 13.784  8.863   -4.134  1.00 18.60 ? 23  GLU A N   1 
ATOM   51   C CA  . GLU A 1 8   ? 14.912  9.552   -3.509  1.00 20.75 ? 23  GLU A CA  1 
ATOM   52   C C   . GLU A 1 8   ? 14.979  8.978   -2.094  1.00 19.08 ? 23  GLU A C   1 
ATOM   53   O O   . GLU A 1 8   ? 13.956  8.906   -1.397  1.00 17.80 ? 23  GLU A O   1 
ATOM   54   C CB  . GLU A 1 8   ? 14.686  11.067  -3.451  1.00 24.87 ? 23  GLU A CB  1 
ATOM   55   C CG  . GLU A 1 8   ? 14.383  11.727  -4.791  1.00 33.20 ? 23  GLU A CG  1 
ATOM   56   C CD  . GLU A 1 8   ? 12.995  11.401  -5.334  1.00 37.70 ? 23  GLU A CD  1 
ATOM   57   O OE1 . GLU A 1 8   ? 12.102  11.059  -4.538  1.00 41.18 ? 23  GLU A OE1 1 
ATOM   58   O OE2 . GLU A 1 8   ? 12.794  11.485  -6.563  1.00 36.54 ? 23  GLU A OE2 1 
ATOM   59   N N   . ALA A 1 9   ? 16.181  8.571   -1.687  1.00 21.79 ? 24  ALA A N   1 
ATOM   60   C CA  . ALA A 1 9   ? 16.406  7.964   -0.381  1.00 20.94 ? 24  ALA A CA  1 
ATOM   61   C C   . ALA A 1 9   ? 15.773  8.672   0.811   1.00 23.44 ? 24  ALA A C   1 
ATOM   62   O O   . ALA A 1 9   ? 16.097  9.805   1.120   1.00 27.89 ? 24  ALA A O   1 
ATOM   63   C CB  . ALA A 1 9   ? 17.903  7.745   -0.148  1.00 24.58 ? 24  ALA A CB  1 
ATOM   64   N N   . HIS A 1 10  ? 14.844  7.985   1.463   1.00 21.27 ? 25  HIS A N   1 
ATOM   65   C CA  . HIS A 1 10  ? 14.148  8.492   2.651   1.00 19.86 ? 25  HIS A CA  1 
ATOM   66   C C   . HIS A 1 10  ? 13.304  9.754   2.458   1.00 22.23 ? 25  HIS A C   1 
ATOM   67   O O   . HIS A 1 10  ? 13.003  10.442  3.419   1.00 21.60 ? 25  HIS A O   1 
ATOM   68   C CB  . HIS A 1 10  ? 15.132  8.682   3.812   1.00 18.84 ? 25  HIS A CB  1 
ATOM   69   C CG  . HIS A 1 10  ? 16.039  7.514   4.016   1.00 16.45 ? 25  HIS A CG  1 
ATOM   70   N ND1 . HIS A 1 10  ? 17.377  7.550   3.695   1.00 16.34 ? 25  HIS A ND1 1 
ATOM   71   C CD2 . HIS A 1 10  ? 15.784  6.247   4.416   1.00 14.50 ? 25  HIS A CD2 1 
ATOM   72   C CE1 . HIS A 1 10  ? 17.906  6.354   3.879   1.00 13.87 ? 25  HIS A CE1 1 
ATOM   73   N NE2 . HIS A 1 10  ? 16.958  5.545   4.315   1.00 14.24 ? 25  HIS A NE2 1 
ATOM   74   N N   . ALA A 1 11  ? 12.906  10.047  1.225   1.00 21.90 ? 26  ALA A N   1 
ATOM   75   C CA  . ALA A 1 11  ? 12.059  11.215  0.969   1.00 20.01 ? 26  ALA A CA  1 
ATOM   76   C C   . ALA A 1 11  ? 10.583  10.896  1.291   1.00 17.59 ? 26  ALA A C   1 
ATOM   77   O O   . ALA A 1 11  ? 9.761   11.798  1.364   1.00 15.50 ? 26  ALA A O   1 
ATOM   78   C CB  . ALA A 1 11  ? 12.215  11.705  -0.498  1.00 21.31 ? 26  ALA A CB  1 
ATOM   79   N N   . ARG A 1 12  ? 10.238  9.613   1.411   1.00 16.85 ? 27  ARG A N   1 
ATOM   80   C CA  . ARG A 1 12  ? 8.875   9.196   1.760   1.00 14.65 ? 27  ARG A CA  1 
ATOM   81   C C   . ARG A 1 12  ? 9.068   8.412   3.056   1.00 14.44 ? 27  ARG A C   1 
ATOM   82   O O   . ARG A 1 12  ? 8.954   7.179   3.080   1.00 15.38 ? 27  ARG A O   1 
ATOM   83   C CB  . ARG A 1 12  ? 8.260   8.288   0.667   1.00 16.18 ? 27  ARG A CB  1 
ATOM   84   C CG  . ARG A 1 12  ? 8.101   8.965   -0.677  1.00 20.65 ? 27  ARG A CG  1 
ATOM   85   C CD  . ARG A 1 12  ? 7.944   7.983   -1.796  1.00 22.17 ? 27  ARG A CD  1 
ATOM   86   N NE  . ARG A 1 12  ? 7.641   8.686   -3.029  1.00 31.12 ? 27  ARG A NE  1 
ATOM   87   C CZ  . ARG A 1 12  ? 8.519   9.423   -3.699  1.00 28.93 ? 27  ARG A CZ  1 
ATOM   88   N NH1 . ARG A 1 12  ? 9.772   9.507   -3.278  1.00 30.00 ? 27  ARG A NH1 1 
ATOM   89   N NH2 . ARG A 1 12  ? 8.148   10.052  -4.802  1.00 30.57 ? 27  ARG A NH2 1 
ATOM   90   N N   . PRO A 1 13  ? 9.284   9.133   4.162   1.00 12.90 ? 28  PRO A N   1 
ATOM   91   C CA  . PRO A 1 13  ? 9.506   8.542   5.477   1.00 11.23 ? 28  PRO A CA  1 
ATOM   92   C C   . PRO A 1 13  ? 8.416   7.652   6.085   1.00 10.28 ? 28  PRO A C   1 
ATOM   93   O O   . PRO A 1 13  ? 8.682   6.940   7.053   1.00 12.28 ? 28  PRO A O   1 
ATOM   94   C CB  . PRO A 1 13  ? 9.853   9.762   6.323   1.00 11.37 ? 28  PRO A CB  1 
ATOM   95   C CG  . PRO A 1 13  ? 9.051   10.841  5.693   1.00 12.89 ? 28  PRO A CG  1 
ATOM   96   C CD  . PRO A 1 13  ? 9.276   10.603  4.251   1.00 10.98 ? 28  PRO A CD  1 
ATOM   97   N N   . TYR A 1 14  ? 7.209   7.686   5.510   1.00 12.11 ? 29  TYR A N   1 
ATOM   98   C CA  . TYR A 1 14  ? 6.057   6.876   5.961   1.00 9.89  ? 29  TYR A CA  1 
ATOM   99   C C   . TYR A 1 14  ? 6.038   5.457   5.364   1.00 12.20 ? 29  TYR A C   1 
ATOM   100  O O   . TYR A 1 14  ? 5.198   4.647   5.721   1.00 11.43 ? 29  TYR A O   1 
ATOM   101  C CB  . TYR A 1 14  ? 4.735   7.556   5.557   1.00 11.73 ? 29  TYR A CB  1 
ATOM   102  C CG  . TYR A 1 14  ? 4.700   7.958   4.093   1.00 11.37 ? 29  TYR A CG  1 
ATOM   103  C CD1 . TYR A 1 14  ? 4.375   7.027   3.080   1.00 14.03 ? 29  TYR A CD1 1 
ATOM   104  C CD2 . TYR A 1 14  ? 5.045   9.264   3.705   1.00 12.04 ? 29  TYR A CD2 1 
ATOM   105  C CE1 . TYR A 1 14  ? 4.412   7.392   1.732   1.00 15.15 ? 29  TYR A CE1 1 
ATOM   106  C CE2 . TYR A 1 14  ? 5.075   9.634   2.348   1.00 15.92 ? 29  TYR A CE2 1 
ATOM   107  C CZ  . TYR A 1 14  ? 4.765   8.696   1.377   1.00 16.61 ? 29  TYR A CZ  1 
ATOM   108  O OH  . TYR A 1 14  ? 4.851   9.078   0.059   1.00 17.92 ? 29  TYR A OH  1 
ATOM   109  N N   . MET A 1 15  ? 6.934   5.200   4.419   1.00 13.49 ? 30  MET A N   1 
ATOM   110  C CA  . MET A 1 15  ? 7.011   3.920   3.737   1.00 14.58 ? 30  MET A CA  1 
ATOM   111  C C   . MET A 1 15  ? 7.528   2.787   4.622   1.00 14.75 ? 30  MET A C   1 
ATOM   112  O O   . MET A 1 15  ? 8.559   2.905   5.279   1.00 15.18 ? 30  MET A O   1 
ATOM   113  C CB  . MET A 1 15  ? 7.872   4.063   2.489   1.00 14.11 ? 30  MET A CB  1 
ATOM   114  C CG  . MET A 1 15  ? 7.632   3.012   1.457   1.00 19.32 ? 30  MET A CG  1 
ATOM   115  S SD  . MET A 1 15  ? 5.948   3.082   0.787   1.00 14.08 ? 30  MET A SD  1 
ATOM   116  C CE  . MET A 1 15  ? 5.910   1.425   0.215   1.00 13.41 ? 30  MET A CE  1 
ATOM   117  N N   . ALA A 1 16  ? 6.769   1.700   4.658   1.00 14.33 ? 31  ALA A N   1 
ATOM   118  C CA  . ALA A 1 16  ? 7.124   0.545   5.457   1.00 13.51 ? 31  ALA A CA  1 
ATOM   119  C C   . ALA A 1 16  ? 7.197   -0.686  4.586   1.00 14.47 ? 31  ALA A C   1 
ATOM   120  O O   . ALA A 1 16  ? 6.561   -0.746  3.539   1.00 14.04 ? 31  ALA A O   1 
ATOM   121  C CB  . ALA A 1 16  ? 6.099   0.334   6.537   1.00 11.95 ? 31  ALA A CB  1 
ATOM   122  N N   . SER A 1 17  ? 8.025   -1.634  4.989   1.00 12.39 ? 32  SER A N   1 
ATOM   123  C CA  . SER A 1 17  ? 8.146   -2.906  4.290   1.00 11.85 ? 32  SER A CA  1 
ATOM   124  C C   . SER A 1 17  ? 7.645   -3.941  5.289   1.00 11.98 ? 32  SER A C   1 
ATOM   125  O O   . SER A 1 17  ? 8.159   -4.056  6.387   1.00 14.69 ? 32  SER A O   1 
ATOM   126  C CB  . SER A 1 17  ? 9.599   -3.223  3.923   1.00 14.20 ? 32  SER A CB  1 
ATOM   127  O OG  . SER A 1 17  ? 9.722   -4.546  3.389   1.00 9.42  ? 32  SER A OG  1 
ATOM   128  N N   . VAL A 1 18  ? 6.596   -4.645  4.920   1.00 9.59  ? 33  VAL A N   1 
ATOM   129  C CA  . VAL A 1 18  ? 6.033   -5.676  5.771   1.00 9.14  ? 33  VAL A CA  1 
ATOM   130  C C   . VAL A 1 18  ? 6.777   -6.913  5.298   1.00 11.27 ? 33  VAL A C   1 
ATOM   131  O O   . VAL A 1 18  ? 6.652   -7.308  4.129   1.00 12.00 ? 33  VAL A O   1 
ATOM   132  C CB  . VAL A 1 18  ? 4.529   -5.822  5.541   1.00 7.50  ? 33  VAL A CB  1 
ATOM   133  C CG1 . VAL A 1 18  ? 4.003   -7.004  6.293   1.00 9.37  ? 33  VAL A CG1 1 
ATOM   134  C CG2 . VAL A 1 18  ? 3.787   -4.545  5.965   1.00 10.75 ? 33  VAL A CG2 1 
ATOM   135  N N   . GLN A 1 19  ? 7.567   -7.505  6.189   1.00 13.41 ? 34  GLN A N   1 
ATOM   136  C CA  . GLN A 1 19  ? 8.381   -8.677  5.858   1.00 15.31 ? 34  GLN A CA  1 
ATOM   137  C C   . GLN A 1 19  ? 7.986   -10.021 6.484   1.00 18.16 ? 34  GLN A C   1 
ATOM   138  O O   . GLN A 1 19  ? 7.562   -10.095 7.653   1.00 18.83 ? 34  GLN A O   1 
ATOM   139  C CB  . GLN A 1 19  ? 9.827   -8.401  6.219   1.00 13.75 ? 34  GLN A CB  1 
ATOM   140  C CG  . GLN A 1 19  ? 10.238  -6.990  5.963   1.00 18.08 ? 34  GLN A CG  1 
ATOM   141  C CD  . GLN A 1 19  ? 11.684  -6.896  5.643   1.00 18.98 ? 34  GLN A CD  1 
ATOM   142  O OE1 . GLN A 1 19  ? 12.061  -6.246  4.662   1.00 21.38 ? 34  GLN A OE1 1 
ATOM   143  N NE2 . GLN A 1 19  ? 12.524  -7.559  6.446   1.00 19.81 ? 34  GLN A NE2 1 
ATOM   144  N N   . LEU A 1 20  ? 8.190   -11.079 5.708   1.00 19.74 ? 35  LEU A N   1 
ATOM   145  C CA  . LEU A 1 20  ? 7.887   -12.434 6.134   1.00 22.40 ? 35  LEU A CA  1 
ATOM   146  C C   . LEU A 1 20  ? 9.195   -13.214 6.189   1.00 24.35 ? 35  LEU A C   1 
ATOM   147  O O   . LEU A 1 20  ? 9.771   -13.567 5.168   1.00 23.98 ? 35  LEU A O   1 
ATOM   148  C CB  . LEU A 1 20  ? 6.906   -13.074 5.154   1.00 22.87 ? 35  LEU A CB  1 
ATOM   149  C CG  . LEU A 1 20  ? 6.528   -14.528 5.392   1.00 22.40 ? 35  LEU A CG  1 
ATOM   150  C CD1 . LEU A 1 20  ? 6.101   -14.706 6.808   1.00 23.60 ? 35  LEU A CD1 1 
ATOM   151  C CD2 . LEU A 1 20  ? 5.422   -14.953 4.443   1.00 24.71 ? 35  LEU A CD2 1 
ATOM   152  N N   . ASN A 1 21  ? 9.678   -13.429 7.408   1.00 25.51 ? 36  ASN A N   1 
ATOM   153  C CA  . ASN A 1 21  ? 10.929  -14.159 7.647   1.00 26.88 ? 36  ASN A CA  1 
ATOM   154  C C   . ASN A 1 21  ? 12.053  -13.499 6.860   1.00 26.58 ? 36  ASN A C   1 
ATOM   155  O O   . ASN A 1 21  ? 12.755  -14.147 6.073   1.00 28.70 ? 36  ASN A O   1 
ATOM   156  C CB  . ASN A 1 21  ? 10.809  -15.651 7.269   1.00 27.64 ? 36  ASN A CB  1 
ATOM   157  C CG  . ASN A 1 21  ? 9.875   -16.431 8.200   1.00 29.70 ? 36  ASN A CG  1 
ATOM   158  O OD1 . ASN A 1 21  ? 10.074  -16.476 9.429   1.00 28.22 ? 36  ASN A OD1 1 
ATOM   159  N ND2 . ASN A 1 21  ? 8.852   -17.056 7.614   1.00 33.18 ? 36  ASN A ND2 1 
ATOM   160  N N   . GLY A 1 22  ? 12.142  -12.179 7.001   1.00 25.42 ? 38  GLY A N   1 
ATOM   161  C CA  . GLY A 1 22  ? 13.195  -11.443 6.326   1.00 22.14 ? 38  GLY A CA  1 
ATOM   162  C C   . GLY A 1 22  ? 12.979  -11.026 4.880   1.00 21.11 ? 38  GLY A C   1 
ATOM   163  O O   . GLY A 1 22  ? 13.650  -10.123 4.415   1.00 23.97 ? 38  GLY A O   1 
ATOM   164  N N   . ALA A 1 23  ? 12.074  -11.672 4.162   1.00 17.68 ? 39  ALA A N   1 
ATOM   165  C CA  . ALA A 1 23  ? 11.814  -11.289 2.791   1.00 14.37 ? 39  ALA A CA  1 
ATOM   166  C C   . ALA A 1 23  ? 10.658  -10.269 2.762   1.00 13.02 ? 39  ALA A C   1 
ATOM   167  O O   . ALA A 1 23  ? 9.746   -10.308 3.599   1.00 14.59 ? 39  ALA A O   1 
ATOM   168  C CB  . ALA A 1 23  ? 11.477  -12.510 1.974   1.00 14.19 ? 39  ALA A CB  1 
ATOM   169  N N   . HIS A 1 24  ? 10.773  -9.281  1.891   1.00 10.09 ? 40  HIS A N   1 
ATOM   170  C CA  . HIS A 1 24  ? 9.743   -8.275  1.756   1.00 11.97 ? 40  HIS A CA  1 
ATOM   171  C C   . HIS A 1 24  ? 8.515   -9.007  1.237   1.00 11.32 ? 40  HIS A C   1 
ATOM   172  O O   . HIS A 1 24  ? 8.605   -9.750  0.265   1.00 12.47 ? 40  HIS A O   1 
ATOM   173  C CB  . HIS A 1 24  ? 10.176  -7.201  0.751   1.00 10.02 ? 40  HIS A CB  1 
ATOM   174  C CG  . HIS A 1 24  ? 9.062   -6.320  0.289   1.00 11.89 ? 40  HIS A CG  1 
ATOM   175  N ND1 . HIS A 1 24  ? 8.620   -5.230  1.005   1.00 8.59  ? 40  HIS A ND1 1 
ATOM   176  C CD2 . HIS A 1 24  ? 8.307   -6.360  -0.836  1.00 6.75  ? 40  HIS A CD2 1 
ATOM   177  C CE1 . HIS A 1 24  ? 7.647   -4.629  0.343   1.00 7.24  ? 40  HIS A CE1 1 
ATOM   178  N NE2 . HIS A 1 24  ? 7.439   -5.296  -0.780  1.00 8.62  ? 40  HIS A NE2 1 
ATOM   179  N N   . LEU A 1 25  ? 7.391   -8.811  1.911   1.00 12.14 ? 41  LEU A N   1 
ATOM   180  C CA  . LEU A 1 25  ? 6.123   -9.445  1.544   1.00 11.97 ? 41  LEU A CA  1 
ATOM   181  C C   . LEU A 1 25  ? 5.133   -8.417  0.955   1.00 11.94 ? 41  LEU A C   1 
ATOM   182  O O   . LEU A 1 25  ? 4.590   -8.610  -0.121  1.00 12.50 ? 41  LEU A O   1 
ATOM   183  C CB  . LEU A 1 25  ? 5.488   -10.110 2.777   1.00 11.64 ? 41  LEU A CB  1 
ATOM   184  C CG  . LEU A 1 25  ? 4.164   -10.856 2.534   1.00 13.64 ? 41  LEU A CG  1 
ATOM   185  C CD1 . LEU A 1 25  ? 4.441   -12.033 1.632   1.00 11.78 ? 41  LEU A CD1 1 
ATOM   186  C CD2 . LEU A 1 25  ? 3.548   -11.309 3.858   1.00 15.80 ? 41  LEU A CD2 1 
ATOM   187  N N   . CYS A 1 26  ? 4.950   -7.301  1.640   1.00 11.65 ? 42  CYS A N   1 
ATOM   188  C CA  . CYS A 1 26  ? 4.014   -6.278  1.202   1.00 13.29 ? 42  CYS A CA  1 
ATOM   189  C C   . CYS A 1 26  ? 4.458   -4.911  1.658   1.00 13.07 ? 42  CYS A C   1 
ATOM   190  O O   . CYS A 1 26  ? 5.324   -4.799  2.510   1.00 15.84 ? 42  CYS A O   1 
ATOM   191  C CB  . CYS A 1 26  ? 2.640   -6.528  1.816   1.00 17.27 ? 42  CYS A CB  1 
ATOM   192  S SG  . CYS A 1 26  ? 1.671   -7.823  1.004   1.00 24.33 ? 42  CYS A SG  1 
ATOM   193  N N   . GLY A 1 27  ? 3.882   -3.889  1.032   1.00 9.76  ? 43  GLY A N   1 
ATOM   194  C CA  . GLY A 1 27  ? 4.146   -2.521  1.390   1.00 8.32  ? 43  GLY A CA  1 
ATOM   195  C C   . GLY A 1 27  ? 3.253   -2.236  2.589   1.00 8.72  ? 43  GLY A C   1 
ATOM   196  O O   . GLY A 1 27  ? 2.410   -3.073  2.951   1.00 9.40  ? 43  GLY A O   1 
ATOM   197  N N   . GLY A 1 28  ? 3.452   -1.064  3.184   1.00 7.58  ? 44  GLY A N   1 
ATOM   198  C CA  . GLY A 1 28  ? 2.720   -0.586  4.348   1.00 10.63 ? 44  GLY A CA  1 
ATOM   199  C C   . GLY A 1 28  ? 2.926   0.926   4.518   1.00 9.47  ? 44  GLY A C   1 
ATOM   200  O O   . GLY A 1 28  ? 3.810   1.526   3.896   1.00 10.20 ? 44  GLY A O   1 
ATOM   201  N N   . VAL A 1 29  ? 2.092   1.540   5.346   1.00 10.41 ? 45  VAL A N   1 
ATOM   202  C CA  . VAL A 1 29  ? 2.136   2.974   5.620   1.00 10.02 ? 45  VAL A CA  1 
ATOM   203  C C   . VAL A 1 29  ? 2.082   3.250   7.139   1.00 11.30 ? 45  VAL A C   1 
ATOM   204  O O   . VAL A 1 29  ? 1.168   2.819   7.837   1.00 12.85 ? 45  VAL A O   1 
ATOM   205  C CB  . VAL A 1 29  ? 0.952   3.737   4.993   1.00 12.44 ? 45  VAL A CB  1 
ATOM   206  C CG1 . VAL A 1 29  ? 1.193   5.230   5.079   1.00 11.75 ? 45  VAL A CG1 1 
ATOM   207  C CG2 . VAL A 1 29  ? 0.744   3.333   3.596   1.00 6.10  ? 45  VAL A CG2 1 
ATOM   208  N N   . LEU A 1 30  ? 3.078   3.965   7.638   1.00 10.53 ? 46  LEU A N   1 
ATOM   209  C CA  . LEU A 1 30  ? 3.102   4.332   9.039   1.00 11.49 ? 46  LEU A CA  1 
ATOM   210  C C   . LEU A 1 30  ? 2.042   5.428   9.201   1.00 10.92 ? 46  LEU A C   1 
ATOM   211  O O   . LEU A 1 30  ? 2.160   6.523   8.614   1.00 9.79  ? 46  LEU A O   1 
ATOM   212  C CB  . LEU A 1 30  ? 4.495   4.855   9.417   1.00 8.83  ? 46  LEU A CB  1 
ATOM   213  C CG  . LEU A 1 30  ? 4.829   5.033   10.888  1.00 8.59  ? 46  LEU A CG  1 
ATOM   214  C CD1 . LEU A 1 30  ? 4.942   3.713   11.659  1.00 10.52 ? 46  LEU A CD1 1 
ATOM   215  C CD2 . LEU A 1 30  ? 6.129   5.766   10.936  1.00 11.22 ? 46  LEU A CD2 1 
ATOM   216  N N   . VAL A 1 31  ? 0.980   5.109   9.938   1.00 12.60 ? 47  VAL A N   1 
ATOM   217  C CA  . VAL A 1 31  ? -0.118  6.053   10.175  1.00 16.27 ? 47  VAL A CA  1 
ATOM   218  C C   . VAL A 1 31  ? -0.100  6.612   11.601  1.00 17.26 ? 47  VAL A C   1 
ATOM   219  O O   . VAL A 1 31  ? -0.837  7.524   11.947  1.00 15.49 ? 47  VAL A O   1 
ATOM   220  C CB  . VAL A 1 31  ? -1.525  5.428   9.844   1.00 17.75 ? 47  VAL A CB  1 
ATOM   221  C CG1 . VAL A 1 31  ? -1.736  5.368   8.333   1.00 16.92 ? 47  VAL A CG1 1 
ATOM   222  C CG2 . VAL A 1 31  ? -1.678  4.043   10.456  1.00 23.17 ? 47  VAL A CG2 1 
ATOM   223  N N   . ALA A 1 32  ? 0.768   6.056   12.428  1.00 14.27 ? 48  ALA A N   1 
ATOM   224  C CA  . ALA A 1 32  ? 0.904   6.504   13.801  1.00 13.69 ? 48  ALA A CA  1 
ATOM   225  C C   . ALA A 1 32  ? 2.212   5.925   14.332  1.00 15.32 ? 48  ALA A C   1 
ATOM   226  O O   . ALA A 1 32  ? 2.816   5.056   13.688  1.00 14.60 ? 48  ALA A O   1 
ATOM   227  C CB  . ALA A 1 32  ? -0.275  6.051   14.640  1.00 11.26 ? 48  ALA A CB  1 
ATOM   228  N N   . GLU A 1 33  ? 2.599   6.372   15.532  1.00 16.25 ? 49  GLU A N   1 
ATOM   229  C CA  . GLU A 1 33  ? 3.841   5.961   16.196  1.00 17.30 ? 49  GLU A CA  1 
ATOM   230  C C   . GLU A 1 33  ? 3.974   4.455   16.320  1.00 15.15 ? 49  GLU A C   1 
ATOM   231  O O   . GLU A 1 33  ? 5.048   3.905   16.147  1.00 15.04 ? 49  GLU A O   1 
ATOM   232  C CB  . GLU A 1 33  ? 3.925   6.598   17.591  1.00 22.45 ? 49  GLU A CB  1 
ATOM   233  C CG  . GLU A 1 33  ? 5.239   7.327   17.861  1.00 28.42 ? 49  GLU A CG  1 
ATOM   234  C CD  . GLU A 1 33  ? 5.509   7.556   19.337  1.00 34.43 ? 49  GLU A CD  1 
ATOM   235  O OE1 . GLU A 1 33  ? 4.545   7.878   20.075  1.00 38.68 ? 49  GLU A OE1 1 
ATOM   236  O OE2 . GLU A 1 33  ? 6.693   7.414   19.759  1.00 34.03 ? 49  GLU A OE2 1 
ATOM   237  N N   . GLN A 1 34  ? 2.862   3.788   16.562  1.00 12.87 ? 50  GLN A N   1 
ATOM   238  C CA  . GLN A 1 34  ? 2.915   2.361   16.727  1.00 14.23 ? 50  GLN A CA  1 
ATOM   239  C C   . GLN A 1 34  ? 2.031   1.579   15.763  1.00 14.09 ? 50  GLN A C   1 
ATOM   240  O O   . GLN A 1 34  ? 1.810   0.387   15.961  1.00 13.20 ? 50  GLN A O   1 
ATOM   241  C CB  . GLN A 1 34  ? 2.542   2.012   18.168  1.00 18.41 ? 50  GLN A CB  1 
ATOM   242  C CG  . GLN A 1 34  ? 3.212   0.740   18.665  1.00 23.29 ? 50  GLN A CG  1 
ATOM   243  C CD  . GLN A 1 34  ? 2.942   0.445   20.126  1.00 28.45 ? 50  GLN A CD  1 
ATOM   244  O OE1 . GLN A 1 34  ? 3.442   -0.535  20.666  1.00 30.92 ? 50  GLN A OE1 1 
ATOM   245  N NE2 . GLN A 1 34  ? 2.162   1.294   20.777  1.00 30.68 ? 50  GLN A NE2 1 
ATOM   246  N N   . TRP A 1 35  ? 1.586   2.203   14.680  1.00 13.40 ? 51  TRP A N   1 
ATOM   247  C CA  . TRP A 1 35  ? 0.694   1.503   13.758  1.00 10.75 ? 51  TRP A CA  1 
ATOM   248  C C   . TRP A 1 35  ? 1.061   1.608   12.295  1.00 10.44 ? 51  TRP A C   1 
ATOM   249  O O   . TRP A 1 35  ? 1.373   2.716   11.795  1.00 11.11 ? 51  TRP A O   1 
ATOM   250  C CB  . TRP A 1 35  ? -0.729  1.999   13.964  1.00 13.06 ? 51  TRP A CB  1 
ATOM   251  C CG  . TRP A 1 35  ? -1.244  1.660   15.310  1.00 14.62 ? 51  TRP A CG  1 
ATOM   252  C CD1 . TRP A 1 35  ? -1.085  2.386   16.460  1.00 12.23 ? 51  TRP A CD1 1 
ATOM   253  C CD2 . TRP A 1 35  ? -1.972  0.479   15.670  1.00 14.13 ? 51  TRP A CD2 1 
ATOM   254  N NE1 . TRP A 1 35  ? -1.662  1.721   17.525  1.00 13.47 ? 51  TRP A NE1 1 
ATOM   255  C CE2 . TRP A 1 35  ? -2.221  0.551   17.073  1.00 13.73 ? 51  TRP A CE2 1 
ATOM   256  C CE3 . TRP A 1 35  ? -2.443  -0.635  14.949  1.00 15.38 ? 51  TRP A CE3 1 
ATOM   257  C CZ2 . TRP A 1 35  ? -2.921  -0.450  17.770  1.00 12.90 ? 51  TRP A CZ2 1 
ATOM   258  C CZ3 . TRP A 1 35  ? -3.151  -1.650  15.648  1.00 15.15 ? 51  TRP A CZ3 1 
ATOM   259  C CH2 . TRP A 1 35  ? -3.379  -1.542  17.046  1.00 14.46 ? 51  TRP A CH2 1 
ATOM   260  N N   . VAL A 1 36  ? 1.009   0.460   11.620  1.00 11.85 ? 52  VAL A N   1 
ATOM   261  C CA  . VAL A 1 36  ? 1.314   0.372   10.199  1.00 10.16 ? 52  VAL A CA  1 
ATOM   262  C C   . VAL A 1 36  ? 0.093   -0.146  9.454   1.00 9.44  ? 52  VAL A C   1 
ATOM   263  O O   . VAL A 1 36  ? -0.405  -1.215  9.784   1.00 9.76  ? 52  VAL A O   1 
ATOM   264  C CB  . VAL A 1 36  ? 2.523   -0.582  9.931   1.00 9.17  ? 52  VAL A CB  1 
ATOM   265  C CG1 . VAL A 1 36  ? 2.551   -1.042  8.460   1.00 11.06 ? 52  VAL A CG1 1 
ATOM   266  C CG2 . VAL A 1 36  ? 3.823   0.153   10.231  1.00 8.52  ? 52  VAL A CG2 1 
ATOM   267  N N   . LEU A 1 37  ? -0.375  0.620   8.469   1.00 7.09  ? 53  LEU A N   1 
ATOM   268  C CA  . LEU A 1 37  ? -1.535  0.274   7.648   1.00 8.72  ? 53  LEU A CA  1 
ATOM   269  C C   . LEU A 1 37  ? -1.041  -0.439  6.398   1.00 8.76  ? 53  LEU A C   1 
ATOM   270  O O   . LEU A 1 37  ? -0.077  0.014   5.778   1.00 11.54 ? 53  LEU A O   1 
ATOM   271  C CB  . LEU A 1 37  ? -2.294  1.534   7.257   1.00 9.50  ? 53  LEU A CB  1 
ATOM   272  C CG  . LEU A 1 37  ? -3.565  1.326   6.442   1.00 14.43 ? 53  LEU A CG  1 
ATOM   273  C CD1 . LEU A 1 37  ? -4.690  0.712   7.264   1.00 13.09 ? 53  LEU A CD1 1 
ATOM   274  C CD2 . LEU A 1 37  ? -3.977  2.680   5.937   1.00 10.96 ? 53  LEU A CD2 1 
ATOM   275  N N   . SER A 1 38  ? -1.706  -1.534  6.021   1.00 9.53  ? 54  SER A N   1 
ATOM   276  C CA  . SER A 1 38  ? -1.322  -2.363  4.863   1.00 12.06 ? 54  SER A CA  1 
ATOM   277  C C   . SER A 1 38  ? -2.591  -3.077  4.379   1.00 14.19 ? 54  SER A C   1 
ATOM   278  O O   . SER A 1 38  ? -3.690  -2.710  4.794   1.00 12.42 ? 54  SER A O   1 
ATOM   279  C CB  . SER A 1 38  ? -0.255  -3.390  5.315   1.00 13.67 ? 54  SER A CB  1 
ATOM   280  O OG  . SER A 1 38  ? 0.222   -4.204  4.260   1.00 13.84 ? 54  SER A OG  1 
ATOM   281  N N   . ALA A 1 39  ? -2.454  -4.108  3.551   1.00 12.16 ? 55  ALA A N   1 
ATOM   282  C CA  . ALA A 1 39  ? -3.614  -4.844  3.042   1.00 14.18 ? 55  ALA A CA  1 
ATOM   283  C C   . ALA A 1 39  ? -3.777  -6.196  3.757   1.00 13.60 ? 55  ALA A C   1 
ATOM   284  O O   . ALA A 1 39  ? -2.787  -6.880  4.021   1.00 13.93 ? 55  ALA A O   1 
ATOM   285  C CB  . ALA A 1 39  ? -3.488  -5.044  1.553   1.00 10.07 ? 55  ALA A CB  1 
ATOM   286  N N   . ALA A 1 40  ? -5.024  -6.552  4.095   1.00 12.79 ? 56  ALA A N   1 
ATOM   287  C CA  . ALA A 1 40  ? -5.366  -7.812  4.790   1.00 13.62 ? 56  ALA A CA  1 
ATOM   288  C C   . ALA A 1 40  ? -4.910  -9.111  4.097   1.00 15.30 ? 56  ALA A C   1 
ATOM   289  O O   . ALA A 1 40  ? -4.377  -10.021 4.741   1.00 19.17 ? 56  ALA A O   1 
ATOM   290  C CB  . ALA A 1 40  ? -6.893  -7.877  5.072   1.00 12.45 ? 56  ALA A CB  1 
ATOM   291  N N   . HIS A 1 41  ? -5.102  -9.191  2.783   1.00 16.87 ? 57  HIS A N   1 
ATOM   292  C CA  . HIS A 1 41  ? -4.711  -10.389 2.031   1.00 19.73 ? 57  HIS A CA  1 
ATOM   293  C C   . HIS A 1 41  ? -3.230  -10.755 2.191   1.00 24.13 ? 57  HIS A C   1 
ATOM   294  O O   . HIS A 1 41  ? -2.853  -11.917 1.961   1.00 25.21 ? 57  HIS A O   1 
ATOM   295  C CB  . HIS A 1 41  ? -5.112  -10.300 0.534   1.00 22.30 ? 57  HIS A CB  1 
ATOM   296  C CG  . HIS A 1 41  ? -4.161  -9.518  -0.327  1.00 24.50 ? 57  HIS A CG  1 
ATOM   297  N ND1 . HIS A 1 41  ? -4.390  -8.211  -0.691  1.00 24.45 ? 57  HIS A ND1 1 
ATOM   298  C CD2 . HIS A 1 41  ? -2.995  -9.874  -0.926  1.00 24.41 ? 57  HIS A CD2 1 
ATOM   299  C CE1 . HIS A 1 41  ? -3.413  -7.790  -1.473  1.00 23.00 ? 57  HIS A CE1 1 
ATOM   300  N NE2 . HIS A 1 41  ? -2.553  -8.780  -1.632  1.00 25.04 ? 57  HIS A NE2 1 
ATOM   301  N N   . CYS A 1 42  ? -2.406  -9.777  2.592   1.00 24.22 ? 58  CYS A N   1 
ATOM   302  C CA  . CYS A 1 42  ? -0.969  -10.013 2.812   1.00 26.34 ? 58  CYS A CA  1 
ATOM   303  C C   . CYS A 1 42  ? -0.792  -11.066 3.908   1.00 28.22 ? 58  CYS A C   1 
ATOM   304  O O   . CYS A 1 42  ? 0.122   -11.880 3.817   1.00 29.89 ? 58  CYS A O   1 
ATOM   305  C CB  . CYS A 1 42  ? -0.234  -8.720  3.175   1.00 26.71 ? 58  CYS A CB  1 
ATOM   306  S SG  . CYS A 1 42  ? -0.167  -7.523  1.793   1.00 24.36 ? 58  CYS A SG  1 
ATOM   307  N N   . LEU A 1 43  ? -1.698  -11.080 4.901   1.00 30.05 ? 59  LEU A N   1 
ATOM   308  C CA  . LEU A 1 43  ? -1.661  -12.076 5.982   1.00 32.67 ? 59  LEU A CA  1 
ATOM   309  C C   . LEU A 1 43  ? -1.992  -13.494 5.489   1.00 33.29 ? 59  LEU A C   1 
ATOM   310  O O   . LEU A 1 43  ? -1.534  -14.466 6.063   1.00 31.90 ? 59  LEU A O   1 
ATOM   311  C CB  . LEU A 1 43  ? -2.631  -11.723 7.112   1.00 34.47 ? 59  LEU A CB  1 
ATOM   312  C CG  . LEU A 1 43  ? -2.259  -10.713 8.195   1.00 36.13 ? 59  LEU A CG  1 
ATOM   313  C CD1 . LEU A 1 43  ? -3.354  -10.671 9.222   1.00 38.22 ? 59  LEU A CD1 1 
ATOM   314  C CD2 . LEU A 1 43  ? -0.974  -11.086 8.865   1.00 37.03 ? 59  LEU A CD2 1 
ATOM   315  N N   . GLU A 1 44  ? -2.799  -13.609 4.438   1.00 36.14 ? 60  GLU A N   1 
ATOM   316  C CA  . GLU A 1 44  ? -3.172  -14.913 3.902   1.00 40.05 ? 60  GLU A CA  1 
ATOM   317  C C   . GLU A 1 44  ? -1.943  -15.597 3.382   1.00 41.98 ? 60  GLU A C   1 
ATOM   318  O O   . GLU A 1 44  ? -1.789  -16.813 3.495   1.00 41.74 ? 60  GLU A O   1 
ATOM   319  C CB  . GLU A 1 44  ? -4.152  -14.766 2.743   1.00 41.89 ? 60  GLU A CB  1 
ATOM   320  C CG  . GLU A 1 44  ? -5.576  -14.450 3.141   1.00 47.09 ? 60  GLU A CG  1 
ATOM   321  C CD  . GLU A 1 44  ? -6.474  -14.124 1.949   1.00 52.33 ? 60  GLU A CD  1 
ATOM   322  O OE1 . GLU A 1 44  ? -6.228  -14.602 0.811   1.00 53.69 ? 60  GLU A OE1 1 
ATOM   323  O OE2 . GLU A 1 44  ? -7.449  -13.384 2.162   1.00 56.19 ? 60  GLU A OE2 1 
ATOM   324  N N   . ASP A 1 45  ? -1.075  -14.802 2.776   1.00 46.30 ? 61  ASP A N   1 
ATOM   325  C CA  . ASP A 1 45  ? 0.150   -15.316 2.192   1.00 49.26 ? 61  ASP A CA  1 
ATOM   326  C C   . ASP A 1 45  ? 1.124   -15.824 3.261   1.00 50.18 ? 61  ASP A C   1 
ATOM   327  O O   . ASP A 1 45  ? 1.963   -16.668 2.961   1.00 50.55 ? 61  ASP A O   1 
ATOM   328  C CB  . ASP A 1 45  ? 0.823   -14.246 1.294   1.00 51.51 ? 61  ASP A CB  1 
ATOM   329  C CG  . ASP A 1 45  ? -0.167  -13.536 0.334   1.00 53.33 ? 61  ASP A CG  1 
ATOM   330  O OD1 . ASP A 1 45  ? -1.295  -14.039 0.117   1.00 53.52 ? 61  ASP A OD1 1 
ATOM   331  O OD2 . ASP A 1 45  ? 0.186   -12.455 -0.199  1.00 55.17 ? 61  ASP A OD2 1 
ATOM   332  N N   . ALA A 1 46  A 0.986   -15.350 4.502   1.00 50.62 ? 61  ALA A N   1 
ATOM   333  C CA  . ALA A 1 46  A 1.864   -15.750 5.609   1.00 51.36 ? 61  ALA A CA  1 
ATOM   334  C C   . ALA A 1 46  A 1.186   -16.740 6.567   1.00 53.18 ? 61  ALA A C   1 
ATOM   335  O O   . ALA A 1 46  A 0.901   -16.396 7.713   1.00 54.48 ? 61  ALA A O   1 
ATOM   336  C CB  . ALA A 1 46  A 2.311   -14.511 6.373   1.00 50.75 ? 61  ALA A CB  1 
ATOM   337  N N   . ALA A 1 47  B 1.010   -17.986 6.131   1.00 53.50 ? 61  ALA A N   1 
ATOM   338  C CA  . ALA A 1 47  B 0.328   -19.009 6.942   1.00 54.28 ? 61  ALA A CA  1 
ATOM   339  C C   . ALA A 1 47  B 0.986   -19.530 8.230   1.00 54.77 ? 61  ALA A C   1 
ATOM   340  O O   . ALA A 1 47  B 0.280   -19.950 9.150   1.00 56.78 ? 61  ALA A O   1 
ATOM   341  C CB  . ALA A 1 47  B -0.093  -20.189 6.064   1.00 54.81 ? 61  ALA A CB  1 
ATOM   342  N N   . ASP A 1 48  C 2.317   -19.554 8.290   1.00 55.35 ? 61  ASP A N   1 
ATOM   343  C CA  . ASP A 1 48  C 3.008   -20.055 9.492   1.00 54.31 ? 61  ASP A CA  1 
ATOM   344  C C   . ASP A 1 48  C 4.263   -19.251 9.877   1.00 51.96 ? 61  ASP A C   1 
ATOM   345  O O   . ASP A 1 48  C 4.992   -19.646 10.790  1.00 53.77 ? 61  ASP A O   1 
ATOM   346  C CB  . ASP A 1 48  C 3.458   -21.523 9.307   1.00 57.40 ? 61  ASP A CB  1 
ATOM   347  C CG  . ASP A 1 48  C 2.566   -22.321 8.353   1.00 59.13 ? 61  ASP A CG  1 
ATOM   348  O OD1 . ASP A 1 48  C 1.535   -22.856 8.824   1.00 60.83 ? 61  ASP A OD1 1 
ATOM   349  O OD2 . ASP A 1 48  C 2.918   -22.437 7.149   1.00 60.40 ? 61  ASP A OD2 1 
ATOM   350  N N   . GLY A 1 49  ? 4.500   -18.123 9.208   1.00 46.77 ? 62  GLY A N   1 
ATOM   351  C CA  . GLY A 1 49  ? 5.702   -17.351 9.471   1.00 42.08 ? 62  GLY A CA  1 
ATOM   352  C C   . GLY A 1 49  ? 5.656   -16.150 10.396  1.00 38.65 ? 62  GLY A C   1 
ATOM   353  O O   . GLY A 1 49  ? 4.592   -15.769 10.891  1.00 39.53 ? 62  GLY A O   1 
ATOM   354  N N   . LYS A 1 50  ? 6.837   -15.551 10.607  1.00 35.52 ? 63  LYS A N   1 
ATOM   355  C CA  . LYS A 1 50  ? 7.005   -14.376 11.460  1.00 33.26 ? 63  LYS A CA  1 
ATOM   356  C C   . LYS A 1 50  ? 6.974   -13.131 10.618  1.00 29.28 ? 63  LYS A C   1 
ATOM   357  O O   . LYS A 1 50  ? 7.865   -12.921 9.776   1.00 27.37 ? 63  LYS A O   1 
ATOM   358  C CB  . LYS A 1 50  ? 8.346   -14.404 12.214  1.00 33.04 ? 63  LYS A CB  1 
ATOM   359  C CG  . LYS A 1 50  ? 8.486   -13.294 13.271  1.00 36.49 ? 63  LYS A CG  1 
ATOM   360  C CD  . LYS A 1 50  ? 9.939   -12.990 13.612  1.00 40.27 ? 63  LYS A CD  1 
ATOM   361  C CE  . LYS A 1 50  ? 10.253  -13.263 15.087  1.00 41.38 ? 63  LYS A CE  1 
ATOM   362  N NZ  . LYS A 1 50  ? 9.626   -12.324 16.077  1.00 43.83 ? 63  LYS A NZ  1 
ATOM   363  N N   . VAL A 1 51  ? 5.950   -12.315 10.850  1.00 26.63 ? 64  VAL A N   1 
ATOM   364  C CA  . VAL A 1 51  ? 5.784   -11.038 10.143  1.00 24.13 ? 64  VAL A CA  1 
ATOM   365  C C   . VAL A 1 51  ? 6.399   -9.929  11.003  1.00 23.32 ? 64  VAL A C   1 
ATOM   366  O O   . VAL A 1 51  ? 6.190   -9.873  12.217  1.00 23.10 ? 64  VAL A O   1 
ATOM   367  C CB  . VAL A 1 51  ? 4.272   -10.686 9.871   1.00 25.04 ? 64  VAL A CB  1 
ATOM   368  C CG1 . VAL A 1 51  ? 4.137   -9.225  9.403   1.00 22.09 ? 64  VAL A CG1 1 
ATOM   369  C CG2 . VAL A 1 51  ? 3.671   -11.629 8.824   1.00 26.57 ? 64  VAL A CG2 1 
ATOM   370  N N   . GLN A 1 52  ? 7.204   -9.094  10.368  1.00 22.46 ? 65  GLN A N   1 
ATOM   371  C CA  . GLN A 1 52  ? 7.856   -7.974  11.037  1.00 20.03 ? 65  GLN A CA  1 
ATOM   372  C C   . GLN A 1 52  ? 7.801   -6.812  10.048  1.00 18.65 ? 65  GLN A C   1 
ATOM   373  O O   . GLN A 1 52  ? 7.485   -7.018  8.878   1.00 16.08 ? 65  GLN A O   1 
ATOM   374  C CB  . GLN A 1 52  ? 9.314   -8.316  11.348  1.00 19.30 ? 65  GLN A CB  1 
ATOM   375  C CG  . GLN A 1 52  ? 9.528   -9.638  12.107  1.00 22.42 ? 65  GLN A CG  1 
ATOM   376  C CD  . GLN A 1 52  ? 10.988  -9.956  12.339  1.00 27.13 ? 65  GLN A CD  1 
ATOM   377  O OE1 . GLN A 1 52  ? 11.425  -10.066 13.469  1.00 29.64 ? 65  GLN A OE1 1 
ATOM   378  N NE2 . GLN A 1 52  ? 11.746  -10.093 11.267  1.00 29.86 ? 65  GLN A NE2 1 
ATOM   379  N N   . VAL A 1 53  ? 8.035   -5.592  10.506  1.00 17.48 ? 66  VAL A N   1 
ATOM   380  C CA  . VAL A 1 53  ? 8.008   -4.464  9.581   1.00 14.64 ? 66  VAL A CA  1 
ATOM   381  C C   . VAL A 1 53  ? 9.269   -3.601  9.683   1.00 15.22 ? 66  VAL A C   1 
ATOM   382  O O   . VAL A 1 53  ? 9.767   -3.307  10.775  1.00 17.12 ? 66  VAL A O   1 
ATOM   383  C CB  . VAL A 1 53  ? 6.648   -3.650  9.630   1.00 16.46 ? 66  VAL A CB  1 
ATOM   384  C CG1 . VAL A 1 53  ? 5.709   -4.207  10.662  1.00 16.53 ? 66  VAL A CG1 1 
ATOM   385  C CG2 . VAL A 1 53  ? 6.865   -2.156  9.802   1.00 14.12 ? 66  VAL A CG2 1 
ATOM   386  N N   . LEU A 1 54  ? 9.858   -3.348  8.524   1.00 13.42 ? 67  LEU A N   1 
ATOM   387  C CA  . LEU A 1 54  ? 11.072  -2.569  8.391   1.00 11.98 ? 67  LEU A CA  1 
ATOM   388  C C   . LEU A 1 54  ? 10.729  -1.114  8.063   1.00 11.79 ? 67  LEU A C   1 
ATOM   389  O O   . LEU A 1 54  ? 9.992   -0.845  7.111   1.00 12.96 ? 67  LEU A O   1 
ATOM   390  C CB  . LEU A 1 54  ? 11.927  -3.188  7.272   1.00 8.90  ? 67  LEU A CB  1 
ATOM   391  C CG  . LEU A 1 54  ? 13.233  -2.504  6.861   1.00 10.04 ? 67  LEU A CG  1 
ATOM   392  C CD1 . LEU A 1 54  ? 14.208  -2.623  7.993   1.00 11.70 ? 67  LEU A CD1 1 
ATOM   393  C CD2 . LEU A 1 54  ? 13.801  -3.119  5.593   1.00 11.14 ? 67  LEU A CD2 1 
ATOM   394  N N   . LEU A 1 55  ? 11.233  -0.200  8.884   1.00 13.86 ? 68  LEU A N   1 
ATOM   395  C CA  . LEU A 1 55  ? 11.025  1.234   8.725   1.00 12.52 ? 68  LEU A CA  1 
ATOM   396  C C   . LEU A 1 55  ? 12.384  1.937   8.440   1.00 13.94 ? 68  LEU A C   1 
ATOM   397  O O   . LEU A 1 55  ? 13.435  1.340   8.636   1.00 14.53 ? 68  LEU A O   1 
ATOM   398  C CB  . LEU A 1 55  ? 10.367  1.828   9.997   1.00 14.08 ? 68  LEU A CB  1 
ATOM   399  C CG  . LEU A 1 55  ? 8.970   1.388   10.491  1.00 14.30 ? 68  LEU A CG  1 
ATOM   400  C CD1 . LEU A 1 55  ? 8.587   2.160   11.734  1.00 17.79 ? 68  LEU A CD1 1 
ATOM   401  C CD2 . LEU A 1 55  ? 7.899   1.612   9.431   1.00 14.87 ? 68  LEU A CD2 1 
ATOM   402  N N   . GLY A 1 56  ? 12.328  3.185   7.961   1.00 15.51 ? 69  GLY A N   1 
ATOM   403  C CA  . GLY A 1 56  ? 13.517  3.977   7.677   1.00 11.46 ? 69  GLY A CA  1 
ATOM   404  C C   . GLY A 1 56  ? 14.399  3.486   6.553   1.00 12.91 ? 69  GLY A C   1 
ATOM   405  O O   . GLY A 1 56  ? 15.546  3.908   6.402   1.00 11.40 ? 69  GLY A O   1 
ATOM   406  N N   . ALA A 1 57  ? 13.834  2.636   5.705   1.00 13.31 ? 70  ALA A N   1 
ATOM   407  C CA  . ALA A 1 57  ? 14.598  2.043   4.600   1.00 14.21 ? 70  ALA A CA  1 
ATOM   408  C C   . ALA A 1 57  ? 14.435  2.611   3.200   1.00 13.80 ? 70  ALA A C   1 
ATOM   409  O O   . ALA A 1 57  ? 13.396  3.183   2.841   1.00 11.48 ? 70  ALA A O   1 
ATOM   410  C CB  . ALA A 1 57  ? 14.325  0.536   4.537   1.00 12.25 ? 70  ALA A CB  1 
ATOM   411  N N   . HIS A 1 58  ? 15.504  2.445   2.428   1.00 12.60 ? 71  HIS A N   1 
ATOM   412  C CA  . HIS A 1 58  ? 15.505  2.777   1.010   1.00 12.07 ? 71  HIS A CA  1 
ATOM   413  C C   . HIS A 1 58  ? 15.867  1.440   0.324   1.00 13.14 ? 71  HIS A C   1 
ATOM   414  O O   . HIS A 1 58  ? 15.050  0.848   -0.396  1.00 15.12 ? 71  HIS A O   1 
ATOM   415  C CB  . HIS A 1 58  ? 16.505  3.871   0.614   1.00 12.61 ? 71  HIS A CB  1 
ATOM   416  C CG  . HIS A 1 58  ? 16.372  4.257   -0.825  1.00 14.70 ? 71  HIS A CG  1 
ATOM   417  N ND1 . HIS A 1 58  ? 17.374  4.054   -1.748  1.00 18.49 ? 71  HIS A ND1 1 
ATOM   418  C CD2 . HIS A 1 58  ? 15.298  4.697   -1.523  1.00 12.77 ? 71  HIS A CD2 1 
ATOM   419  C CE1 . HIS A 1 58  ? 16.920  4.347   -2.954  1.00 15.88 ? 71  HIS A CE1 1 
ATOM   420  N NE2 . HIS A 1 58  ? 15.665  4.740   -2.846  1.00 15.91 ? 71  HIS A NE2 1 
ATOM   421  N N   . SER A 1 59  ? 17.096  0.983   0.584   1.00 13.75 ? 72  SER A N   1 
ATOM   422  C CA  . SER A 1 59  ? 17.595  -0.289  0.077   1.00 11.82 ? 72  SER A CA  1 
ATOM   423  C C   . SER A 1 59  ? 17.183  -1.347  1.086   1.00 12.43 ? 72  SER A C   1 
ATOM   424  O O   . SER A 1 59  ? 17.323  -1.151  2.284   1.00 15.59 ? 72  SER A O   1 
ATOM   425  C CB  . SER A 1 59  ? 19.116  -0.271  0.005   1.00 12.84 ? 72  SER A CB  1 
ATOM   426  O OG  . SER A 1 59  ? 19.637  -1.579  -0.166  1.00 12.83 ? 72  SER A OG  1 
ATOM   427  N N   . LEU A 1 60  ? 16.636  -2.444  0.600   1.00 12.44 ? 73  LEU A N   1 
ATOM   428  C CA  . LEU A 1 60  ? 16.231  -3.538  1.471   1.00 13.27 ? 73  LEU A CA  1 
ATOM   429  C C   . LEU A 1 60  ? 17.443  -4.323  2.026   1.00 15.49 ? 73  LEU A C   1 
ATOM   430  O O   . LEU A 1 60  ? 17.332  -4.982  3.062   1.00 17.10 ? 73  LEU A O   1 
ATOM   431  C CB  . LEU A 1 60  ? 15.303  -4.511  0.721   1.00 13.02 ? 73  LEU A CB  1 
ATOM   432  C CG  . LEU A 1 60  ? 13.851  -4.135  0.358   1.00 12.22 ? 73  LEU A CG  1 
ATOM   433  C CD1 . LEU A 1 60  ? 13.255  -5.212  -0.563  1.00 10.76 ? 73  LEU A CD1 1 
ATOM   434  C CD2 . LEU A 1 60  ? 12.982  -3.943  1.591   1.00 14.17 ? 73  LEU A CD2 1 
ATOM   435  N N   . SER A 1 61  ? 18.589  -4.265  1.354   1.00 19.85 ? 74  SER A N   1 
ATOM   436  C CA  . SER A 1 61  ? 19.741  -5.023  1.831   1.00 20.84 ? 74  SER A CA  1 
ATOM   437  C C   . SER A 1 61  ? 20.889  -4.223  2.422   1.00 22.19 ? 74  SER A C   1 
ATOM   438  O O   . SER A 1 61  ? 21.605  -4.703  3.291   1.00 20.32 ? 74  SER A O   1 
ATOM   439  C CB  . SER A 1 61  ? 20.282  -5.924  0.720   1.00 22.22 ? 74  SER A CB  1 
ATOM   440  O OG  . SER A 1 61  ? 20.737  -5.181  -0.402  1.00 26.55 ? 74  SER A OG  1 
ATOM   441  N N   . GLN A 1 62  ? 21.084  -3.009  1.946   1.00 23.69 ? 75  GLN A N   1 
ATOM   442  C CA  . GLN A 1 62  ? 22.185  -2.215  2.434   1.00 24.05 ? 75  GLN A CA  1 
ATOM   443  C C   . GLN A 1 62  ? 21.938  -1.621  3.794   1.00 21.95 ? 75  GLN A C   1 
ATOM   444  O O   . GLN A 1 62  ? 20.816  -1.313  4.147   1.00 20.24 ? 75  GLN A O   1 
ATOM   445  C CB  . GLN A 1 62  ? 22.462  -1.069  1.475   1.00 28.41 ? 75  GLN A CB  1 
ATOM   446  C CG  . GLN A 1 62  ? 22.977  -1.505  0.134   1.00 38.37 ? 75  GLN A CG  1 
ATOM   447  C CD  . GLN A 1 62  ? 23.266  -0.325  -0.757  1.00 43.87 ? 75  GLN A CD  1 
ATOM   448  O OE1 . GLN A 1 62  ? 23.698  -0.483  -1.903  1.00 47.54 ? 75  GLN A OE1 1 
ATOM   449  N NE2 . GLN A 1 62  ? 23.013  0.877   -0.243  1.00 41.70 ? 75  GLN A NE2 1 
ATOM   450  N N   . PRO A 1 63  ? 22.987  -1.515  4.610   1.00 21.13 ? 76  PRO A N   1 
ATOM   451  C CA  . PRO A 1 63  ? 22.815  -0.922  5.932   1.00 22.69 ? 76  PRO A CA  1 
ATOM   452  C C   . PRO A 1 63  ? 22.597  0.594   5.759   1.00 21.06 ? 76  PRO A C   1 
ATOM   453  O O   . PRO A 1 63  ? 23.232  1.244   4.910   1.00 22.04 ? 76  PRO A O   1 
ATOM   454  C CB  . PRO A 1 63  ? 24.151  -1.230  6.619   1.00 21.09 ? 76  PRO A CB  1 
ATOM   455  C CG  . PRO A 1 63  ? 25.117  -1.287  5.496   1.00 18.40 ? 76  PRO A CG  1 
ATOM   456  C CD  . PRO A 1 63  ? 24.335  -2.093  4.473   1.00 21.53 ? 76  PRO A CD  1 
ATOM   457  N N   . GLU A 1 64  ? 21.650  1.135   6.520   1.00 20.45 ? 77  GLU A N   1 
ATOM   458  C CA  . GLU A 1 64  ? 21.346  2.562   6.462   1.00 21.36 ? 77  GLU A CA  1 
ATOM   459  C C   . GLU A 1 64  ? 21.104  3.067   7.854   1.00 19.66 ? 77  GLU A C   1 
ATOM   460  O O   . GLU A 1 64  ? 20.546  2.358   8.660   1.00 18.73 ? 77  GLU A O   1 
ATOM   461  C CB  . GLU A 1 64  ? 20.111  2.817   5.610   1.00 20.20 ? 77  GLU A CB  1 
ATOM   462  C CG  . GLU A 1 64  ? 20.308  2.471   4.151   1.00 14.57 ? 77  GLU A CG  1 
ATOM   463  C CD  . GLU A 1 64  ? 19.001  2.432   3.414   1.00 16.90 ? 77  GLU A CD  1 
ATOM   464  O OE1 . GLU A 1 64  ? 17.963  2.382   4.115   1.00 15.62 ? 77  GLU A OE1 1 
ATOM   465  O OE2 . GLU A 1 64  ? 19.009  2.460   2.162   1.00 20.22 ? 77  GLU A OE2 1 
ATOM   466  N N   . PRO A 1 65  ? 21.534  4.301   8.151   1.00 20.64 ? 78  PRO A N   1 
ATOM   467  C CA  . PRO A 1 65  ? 21.378  4.944   9.472   1.00 20.70 ? 78  PRO A CA  1 
ATOM   468  C C   . PRO A 1 65  ? 19.983  4.989   10.091  1.00 21.09 ? 78  PRO A C   1 
ATOM   469  O O   . PRO A 1 65  ? 19.845  5.083   11.305  1.00 17.42 ? 78  PRO A O   1 
ATOM   470  C CB  . PRO A 1 65  ? 21.946  6.371   9.254   1.00 24.12 ? 78  PRO A CB  1 
ATOM   471  C CG  . PRO A 1 65  ? 22.054  6.528   7.702   1.00 21.28 ? 78  PRO A CG  1 
ATOM   472  C CD  . PRO A 1 65  ? 22.408  5.110   7.278   1.00 20.41 ? 78  PRO A CD  1 
ATOM   473  N N   . SER A 1 66  ? 18.951  4.969   9.264   1.00 22.10 ? 79  SER A N   1 
ATOM   474  C CA  . SER A 1 66  ? 17.594  5.035   9.793   1.00 20.82 ? 79  SER A CA  1 
ATOM   475  C C   . SER A 1 66  ? 16.806  3.718   9.807   1.00 19.52 ? 79  SER A C   1 
ATOM   476  O O   . SER A 1 66  ? 15.706  3.692   10.336  1.00 21.03 ? 79  SER A O   1 
ATOM   477  C CB  . SER A 1 66  ? 16.802  6.127   9.059   1.00 22.49 ? 79  SER A CB  1 
ATOM   478  O OG  . SER A 1 66  ? 16.835  5.915   7.658   1.00 24.45 ? 79  SER A OG  1 
ATOM   479  N N   . LYS A 1 67  ? 17.356  2.646   9.236   1.00 19.36 ? 80  LYS A N   1 
ATOM   480  C CA  . LYS A 1 67  ? 16.645  1.358   9.217   1.00 18.25 ? 80  LYS A CA  1 
ATOM   481  C C   . LYS A 1 67  ? 16.489  0.775   10.625  1.00 19.36 ? 80  LYS A C   1 
ATOM   482  O O   . LYS A 1 67  ? 17.428  0.763   11.442  1.00 19.21 ? 80  LYS A O   1 
ATOM   483  C CB  . LYS A 1 67  ? 17.332  0.312   8.328   1.00 16.32 ? 80  LYS A CB  1 
ATOM   484  C CG  . LYS A 1 67  ? 17.281  0.574   6.830   1.00 18.04 ? 80  LYS A CG  1 
ATOM   485  C CD  . LYS A 1 67  ? 18.177  -0.402  6.073   1.00 15.80 ? 80  LYS A CD  1 
ATOM   486  C CE  . LYS A 1 67  ? 17.396  -1.547  5.488   1.00 14.40 ? 80  LYS A CE  1 
ATOM   487  N NZ  . LYS A 1 67  ? 18.271  -2.532  4.810   1.00 18.68 ? 80  LYS A NZ  1 
ATOM   488  N N   . ARG A 1 68  ? 15.282  0.309   10.902  1.00 18.78 ? 81  ARG A N   1 
ATOM   489  C CA  . ARG A 1 68  ? 14.949  -0.301  12.167  1.00 21.17 ? 81  ARG A CA  1 
ATOM   490  C C   . ARG A 1 68  ? 13.881  -1.342  11.869  1.00 20.70 ? 81  ARG A C   1 
ATOM   491  O O   . ARG A 1 68  ? 12.906  -1.048  11.163  1.00 18.04 ? 81  ARG A O   1 
ATOM   492  C CB  . ARG A 1 68  ? 14.430  0.751   13.143  1.00 26.73 ? 81  ARG A CB  1 
ATOM   493  C CG  . ARG A 1 68  ? 15.495  1.760   13.562  1.00 33.51 ? 81  ARG A CG  1 
ATOM   494  C CD  . ARG A 1 68  ? 16.542  1.160   14.497  1.00 39.41 ? 81  ARG A CD  1 
ATOM   495  N NE  . ARG A 1 68  ? 16.042  1.093   15.867  1.00 43.89 ? 81  ARG A NE  1 
ATOM   496  C CZ  . ARG A 1 68  ? 15.098  0.254   16.277  1.00 45.68 ? 81  ARG A CZ  1 
ATOM   497  N NH1 . ARG A 1 68  ? 14.929  -0.909  15.669  1.00 46.78 ? 81  ARG A NH1 1 
ATOM   498  N NH2 . ARG A 1 68  ? 14.303  0.589   17.277  1.00 47.34 ? 81  ARG A NH2 1 
ATOM   499  N N   . LEU A 1 69  ? 14.116  -2.563  12.352  1.00 18.46 ? 82  LEU A N   1 
ATOM   500  C CA  . LEU A 1 69  ? 13.191  -3.678  12.171  1.00 17.73 ? 82  LEU A CA  1 
ATOM   501  C C   . LEU A 1 69  ? 12.358  -3.833  13.447  1.00 18.15 ? 82  LEU A C   1 
ATOM   502  O O   . LEU A 1 69  ? 12.900  -3.776  14.551  1.00 15.87 ? 82  LEU A O   1 
ATOM   503  C CB  . LEU A 1 69  ? 13.959  -4.970  11.902  1.00 23.49 ? 82  LEU A CB  1 
ATOM   504  C CG  . LEU A 1 69  ? 13.077  -6.169  11.592  1.00 27.18 ? 82  LEU A CG  1 
ATOM   505  C CD1 . LEU A 1 69  ? 12.480  -6.004  10.203  1.00 25.84 ? 82  LEU A CD1 1 
ATOM   506  C CD2 . LEU A 1 69  ? 13.869  -7.439  11.723  1.00 30.13 ? 82  LEU A CD2 1 
ATOM   507  N N   . TYR A 1 70  ? 11.049  -4.018  13.310  1.00 18.87 ? 83  TYR A N   1 
ATOM   508  C CA  . TYR A 1 70  ? 10.188  -4.161  14.471  1.00 19.12 ? 83  TYR A CA  1 
ATOM   509  C C   . TYR A 1 70  ? 9.350   -5.413  14.367  1.00 18.95 ? 83  TYR A C   1 
ATOM   510  O O   . TYR A 1 70  ? 9.029   -5.874  13.254  1.00 17.69 ? 83  TYR A O   1 
ATOM   511  C CB  . TYR A 1 70  ? 9.242   -2.962  14.594  1.00 18.62 ? 83  TYR A CB  1 
ATOM   512  C CG  . TYR A 1 70  ? 9.929   -1.649  14.869  1.00 16.96 ? 83  TYR A CG  1 
ATOM   513  C CD1 . TYR A 1 70  ? 10.500  -0.910  13.836  1.00 17.04 ? 83  TYR A CD1 1 
ATOM   514  C CD2 . TYR A 1 70  ? 10.000  -1.139  16.163  1.00 17.47 ? 83  TYR A CD2 1 
ATOM   515  C CE1 . TYR A 1 70  ? 11.126  0.309   14.073  1.00 17.86 ? 83  TYR A CE1 1 
ATOM   516  C CE2 . TYR A 1 70  ? 10.629  0.082   16.423  1.00 17.22 ? 83  TYR A CE2 1 
ATOM   517  C CZ  . TYR A 1 70  ? 11.189  0.810   15.365  1.00 17.97 ? 83  TYR A CZ  1 
ATOM   518  O OH  . TYR A 1 70  ? 11.757  2.049   15.603  1.00 21.90 ? 83  TYR A OH  1 
ATOM   519  N N   . ASP A 1 71  ? 8.988   -5.961  15.526  1.00 17.81 ? 84  ASP A N   1 
ATOM   520  C CA  . ASP A 1 71  ? 8.142   -7.157  15.578  1.00 19.12 ? 84  ASP A CA  1 
ATOM   521  C C   . ASP A 1 71  ? 6.704   -6.620  15.641  1.00 18.09 ? 84  ASP A C   1 
ATOM   522  O O   . ASP A 1 71  ? 6.483   -5.492  16.082  1.00 16.75 ? 84  ASP A O   1 
ATOM   523  C CB  . ASP A 1 71  ? 8.437   -8.018  16.827  1.00 22.33 ? 84  ASP A CB  1 
ATOM   524  C CG  . ASP A 1 71  ? 9.732   -8.855  16.713  1.00 25.70 ? 84  ASP A CG  1 
ATOM   525  O OD1 . ASP A 1 71  ? 9.838   -9.714  15.811  1.00 27.31 ? 84  ASP A OD1 1 
ATOM   526  O OD2 . ASP A 1 71  ? 10.631  -8.679  17.569  1.00 29.73 ? 84  ASP A OD2 1 
ATOM   527  N N   . VAL A 1 72  ? 5.738   -7.416  15.205  1.00 20.04 ? 85  VAL A N   1 
ATOM   528  C CA  . VAL A 1 72  ? 4.335   -7.000  15.240  1.00 20.28 ? 85  VAL A CA  1 
ATOM   529  C C   . VAL A 1 72  ? 3.647   -7.628  16.436  1.00 22.92 ? 85  VAL A C   1 
ATOM   530  O O   . VAL A 1 72  ? 3.595   -8.839  16.559  1.00 25.07 ? 85  VAL A O   1 
ATOM   531  C CB  . VAL A 1 72  ? 3.608   -7.413  13.959  1.00 20.47 ? 85  VAL A CB  1 
ATOM   532  C CG1 . VAL A 1 72  ? 2.115   -7.161  14.085  1.00 18.30 ? 85  VAL A CG1 1 
ATOM   533  C CG2 . VAL A 1 72  ? 4.206   -6.658  12.773  1.00 19.63 ? 85  VAL A CG2 1 
ATOM   534  N N   . LEU A 1 73  ? 3.123   -6.773  17.301  1.00 20.88 ? 86  LEU A N   1 
ATOM   535  C CA  . LEU A 1 73  ? 2.443   -7.145  18.540  1.00 23.91 ? 86  LEU A CA  1 
ATOM   536  C C   . LEU A 1 73  ? 1.056   -7.723  18.285  1.00 25.43 ? 86  LEU A C   1 
ATOM   537  O O   . LEU A 1 73  ? 0.652   -8.690  18.924  1.00 26.31 ? 86  LEU A O   1 
ATOM   538  C CB  . LEU A 1 73  ? 2.279   -5.879  19.400  1.00 26.03 ? 86  LEU A CB  1 
ATOM   539  C CG  . LEU A 1 73  ? 2.270   -5.907  20.932  1.00 29.08 ? 86  LEU A CG  1 
ATOM   540  C CD1 . LEU A 1 73  ? 3.700   -5.993  21.385  1.00 30.27 ? 86  LEU A CD1 1 
ATOM   541  C CD2 . LEU A 1 73  ? 1.652   -4.632  21.501  1.00 29.00 ? 86  LEU A CD2 1 
ATOM   542  N N   . ARG A 1 74  ? 0.319   -7.079  17.380  1.00 25.17 ? 87  ARG A N   1 
ATOM   543  C CA  . ARG A 1 74  ? -1.042  -7.456  17.041  1.00 24.68 ? 87  ARG A CA  1 
ATOM   544  C C   . ARG A 1 74  ? -1.323  -7.123  15.604  1.00 22.34 ? 87  ARG A C   1 
ATOM   545  O O   . ARG A 1 74  ? -0.941  -6.060  15.128  1.00 21.74 ? 87  ARG A O   1 
ATOM   546  C CB  . ARG A 1 74  ? -2.018  -6.643  17.878  1.00 23.87 ? 87  ARG A CB  1 
ATOM   547  C CG  . ARG A 1 74  ? -1.980  -6.972  19.339  1.00 22.83 ? 87  ARG A CG  1 
ATOM   548  C CD  . ARG A 1 74  ? -2.909  -6.090  20.146  1.00 22.87 ? 87  ARG A CD  1 
ATOM   549  N NE  . ARG A 1 74  ? -2.924  -6.358  21.593  1.00 21.28 ? 87  ARG A NE  1 
ATOM   550  C CZ  . ARG A 1 74  ? -3.663  -5.711  22.505  1.00 25.77 ? 87  ARG A CZ  1 
ATOM   551  N NH1 . ARG A 1 74  ? -4.547  -4.774  22.142  1.00 25.18 ? 87  ARG A NH1 1 
ATOM   552  N NH2 . ARG A 1 74  ? -3.572  -6.065  23.789  1.00 24.25 ? 87  ARG A NH2 1 
ATOM   553  N N   . ALA A 1 75  ? -2.013  -8.028  14.921  1.00 18.49 ? 88  ALA A N   1 
ATOM   554  C CA  . ALA A 1 75  ? -2.391  -7.822  13.530  1.00 21.81 ? 88  ALA A CA  1 
ATOM   555  C C   . ALA A 1 75  ? -3.915  -7.703  13.549  1.00 21.90 ? 88  ALA A C   1 
ATOM   556  O O   . ALA A 1 75  ? -4.588  -8.609  14.018  1.00 21.13 ? 88  ALA A O   1 
ATOM   557  C CB  . ALA A 1 75  ? -1.946  -9.003  12.669  1.00 20.28 ? 88  ALA A CB  1 
ATOM   558  N N   . VAL A 1 76  ? -4.446  -6.581  13.067  1.00 18.10 ? 89  VAL A N   1 
ATOM   559  C CA  . VAL A 1 76  ? -5.882  -6.341  13.058  1.00 17.51 ? 89  VAL A CA  1 
ATOM   560  C C   . VAL A 1 76  ? -6.459  -6.149  11.643  1.00 18.22 ? 89  VAL A C   1 
ATOM   561  O O   . VAL A 1 76  ? -6.501  -5.015  11.136  1.00 15.88 ? 89  VAL A O   1 
ATOM   562  C CB  . VAL A 1 76  ? -6.226  -5.076  13.891  1.00 16.13 ? 89  VAL A CB  1 
ATOM   563  C CG1 . VAL A 1 76  ? -7.751  -4.928  14.048  1.00 14.21 ? 89  VAL A CG1 1 
ATOM   564  C CG2 . VAL A 1 76  ? -5.509  -5.111  15.249  1.00 18.49 ? 89  VAL A CG2 1 
ATOM   565  N N   . PRO A 1 77  ? -6.882  -7.251  10.979  1.00 20.33 ? 90  PRO A N   1 
ATOM   566  C CA  . PRO A 1 77  ? -7.458  -7.164  9.622   1.00 21.38 ? 90  PRO A CA  1 
ATOM   567  C C   . PRO A 1 77  ? -8.866  -6.595  9.747   1.00 24.04 ? 90  PRO A C   1 
ATOM   568  O O   . PRO A 1 77  ? -9.472  -6.700  10.807  1.00 23.18 ? 90  PRO A O   1 
ATOM   569  C CB  . PRO A 1 77  ? -7.526  -8.631  9.184   1.00 23.07 ? 90  PRO A CB  1 
ATOM   570  C CG  . PRO A 1 77  ? -7.844  -9.347  10.508  1.00 22.24 ? 90  PRO A CG  1 
ATOM   571  C CD  . PRO A 1 77  ? -6.935  -8.641  11.498  1.00 20.25 ? 90  PRO A CD  1 
ATOM   572  N N   . HIS A 1 78  ? -9.378  -5.970  8.696   1.00 24.75 ? 91  HIS A N   1 
ATOM   573  C CA  . HIS A 1 78  ? -10.727 -5.434  8.759   1.00 25.10 ? 91  HIS A CA  1 
ATOM   574  C C   . HIS A 1 78  ? -11.679 -6.591  9.117   1.00 24.67 ? 91  HIS A C   1 
ATOM   575  O O   . HIS A 1 78  ? -11.597 -7.690  8.544   1.00 22.94 ? 91  HIS A O   1 
ATOM   576  C CB  . HIS A 1 78  ? -11.130 -4.791  7.428   1.00 24.17 ? 91  HIS A CB  1 
ATOM   577  C CG  . HIS A 1 78  ? -12.300 -3.865  7.545   1.00 21.03 ? 91  HIS A CG  1 
ATOM   578  N ND1 . HIS A 1 78  ? -13.605 -4.282  7.379   1.00 22.58 ? 91  HIS A ND1 1 
ATOM   579  C CD2 . HIS A 1 78  ? -12.366 -2.547  7.863   1.00 22.63 ? 91  HIS A CD2 1 
ATOM   580  C CE1 . HIS A 1 78  ? -14.425 -3.264  7.594   1.00 24.32 ? 91  HIS A CE1 1 
ATOM   581  N NE2 . HIS A 1 78  ? -13.695 -2.202  7.890   1.00 23.78 ? 91  HIS A NE2 1 
ATOM   582  N N   . PRO A 1 79  ? -12.596 -6.358  10.075  1.00 27.87 ? 92  PRO A N   1 
ATOM   583  C CA  . PRO A 1 79  ? -13.567 -7.361  10.525  1.00 30.18 ? 92  PRO A CA  1 
ATOM   584  C C   . PRO A 1 79  ? -14.397 -8.021  9.443   1.00 32.45 ? 92  PRO A C   1 
ATOM   585  O O   . PRO A 1 79  ? -14.777 -9.223  9.606   1.00 38.32 ? 92  PRO A O   1 
ATOM   586  C CB  . PRO A 1 79  ? -14.431 -6.564  11.518  1.00 29.00 ? 92  PRO A CB  1 
ATOM   587  C CG  . PRO A 1 79  ? -13.871 -5.145  11.594  1.00 27.38 ? 92  PRO A CG  1 
ATOM   588  C CD  . PRO A 1 79  ? -12.670 -5.037  10.698  1.00 27.33 ? 92  PRO A CD  1 
ATOM   589  N N   . ASP A 1 80  ? -14.698 -7.320  8.369   1.00 30.68 ? 93  ASP A N   1 
ATOM   590  C CA  . ASP A 1 80  ? -15.575 -7.889  7.318   1.00 28.39 ? 93  ASP A CA  1 
ATOM   591  C C   . ASP A 1 80  ? -14.792 -8.462  6.121   1.00 26.67 ? 93  ASP A C   1 
ATOM   592  O O   . ASP A 1 80  ? -15.374 -8.823  5.088   1.00 21.80 ? 93  ASP A O   1 
ATOM   593  C CB  . ASP A 1 80  ? -16.521 -6.822  6.773   1.00 29.57 ? 93  ASP A CB  1 
ATOM   594  C CG  . ASP A 1 80  ? -17.342 -6.135  7.866   1.00 32.44 ? 93  ASP A CG  1 
ATOM   595  O OD1 . ASP A 1 80  ? -17.784 -6.817  8.868   1.00 29.16 ? 93  ASP A OD1 1 
ATOM   596  O OD2 . ASP A 1 80  ? -17.590 -4.872  7.786   1.00 34.07 ? 93  ASP A OD2 1 
ATOM   597  N N   . TYR A 1 81  ? -13.461 -8.603  6.268   1.00 11.58 ? 94  TYR A N   1 
ATOM   598  C CA  . TYR A 1 81  ? -12.653 -9.109  5.149   1.00 11.20 ? 94  TYR A CA  1 
ATOM   599  C C   . TYR A 1 81  ? -12.845 -10.627 5.006   1.00 11.73 ? 94  TYR A C   1 
ATOM   600  O O   . TYR A 1 81  ? -12.706 -11.381 5.979   1.00 11.77 ? 94  TYR A O   1 
ATOM   601  C CB  . TYR A 1 81  ? -11.173 -8.819  5.397   1.00 10.06 ? 94  TYR A CB  1 
ATOM   602  C CG  . TYR A 1 81  ? -10.288 -9.370  4.286   1.00 9.37  ? 94  TYR A CG  1 
ATOM   603  C CD1 . TYR A 1 81  ? -10.414 -8.869  2.988   1.00 8.69  ? 94  TYR A CD1 1 
ATOM   604  C CD2 . TYR A 1 81  ? -9.360  -10.377 4.566   1.00 8.57  ? 94  TYR A CD2 1 
ATOM   605  C CE1 . TYR A 1 81  ? -9.619  -9.383  1.962   1.00 9.08  ? 94  TYR A CE1 1 
ATOM   606  C CE2 . TYR A 1 81  ? -8.566  -10.896 3.538   1.00 8.18  ? 94  TYR A CE2 1 
ATOM   607  C CZ  . TYR A 1 81  ? -8.697  -10.400 2.236   1.00 8.50  ? 94  TYR A CZ  1 
ATOM   608  O OH  . TYR A 1 81  ? -7.931  -10.907 1.234   1.00 10.72 ? 94  TYR A OH  1 
ATOM   609  N N   . GLN A 1 82  ? -13.159 -11.023 3.779   1.00 37.50 ? 95  GLN A N   1 
ATOM   610  C CA  . GLN A 1 82  ? -13.402 -12.436 3.415   1.00 40.92 ? 95  GLN A CA  1 
ATOM   611  C C   . GLN A 1 82  ? -12.359 -12.914 2.396   1.00 43.27 ? 95  GLN A C   1 
ATOM   612  O O   . GLN A 1 82  ? -12.322 -12.438 1.250   1.00 45.70 ? 95  GLN A O   1 
ATOM   613  C CB  . GLN A 1 82  ? -14.789 -12.581 2.778   1.00 44.08 ? 95  GLN A CB  1 
ATOM   614  C CG  . GLN A 1 82  ? -15.928 -12.533 3.797   1.00 47.68 ? 95  GLN A CG  1 
ATOM   615  C CD  . GLN A 1 82  ? -15.912 -13.719 4.760   1.00 49.09 ? 95  GLN A CD  1 
ATOM   616  O OE1 . GLN A 1 82  ? -15.728 -14.857 4.331   1.00 50.65 ? 95  GLN A OE1 1 
ATOM   617  N NE2 . GLN A 1 82  ? -16.095 -13.521 6.051   1.00 48.02 ? 95  GLN A NE2 1 
ATOM   618  N N   . PRO A 1 83  ? -11.475 -13.877 2.731   1.00 42.83 ? 96  PRO A N   1 
ATOM   619  C CA  . PRO A 1 83  ? -10.455 -14.327 1.793   1.00 39.40 ? 96  PRO A CA  1 
ATOM   620  C C   . PRO A 1 83  ? -11.083 -14.746 0.482   1.00 37.86 ? 96  PRO A C   1 
ATOM   621  O O   . PRO A 1 83  ? -12.124 -15.477 0.509   1.00 35.28 ? 96  PRO A O   1 
ATOM   622  C CB  . PRO A 1 83  ? -9.734  -15.426 2.531   1.00 39.84 ? 96  PRO A CB  1 
ATOM   623  C CG  . PRO A 1 83  ? -10.351 -15.537 3.916   1.00 40.03 ? 96  PRO A CG  1 
ATOM   624  C CD  . PRO A 1 83  ? -11.457 -14.532 4.039   1.00 41.49 ? 96  PRO A CD  1 
ATOM   625  N N   . ASP A 1 84  ? -10.413 -14.264 -0.556  1.00 38.33 ? 97  ASP A N   1 
ATOM   626  C CA  . ASP A 1 84  ? -10.776 -14.402 -1.985  1.00 38.09 ? 97  ASP A CA  1 
ATOM   627  C C   . ASP A 1 84  ? -12.088 -13.676 -2.256  1.00 39.09 ? 97  ASP A C   1 
ATOM   628  O O   . ASP A 1 84  ? -13.095 -14.302 -2.632  1.00 39.39 ? 97  ASP A O   1 
ATOM   629  C CB  . ASP A 1 84  ? -10.839 -15.842 -2.458  1.00 37.19 ? 97  ASP A CB  1 
ATOM   630  C CG  . ASP A 1 84  ? -10.283 -15.959 -3.887  1.00 35.08 ? 97  ASP A CG  1 
ATOM   631  O OD1 . ASP A 1 84  ? -10.604 -15.077 -4.779  1.00 35.76 ? 97  ASP A OD1 1 
ATOM   632  O OD2 . ASP A 1 84  ? -9.484  -16.920 -4.199  1.00 31.79 ? 97  ASP A OD2 1 
ATOM   633  N N   . THR A 1 85  ? -11.908 -12.405 -2.022  1.00 39.60 ? 98  THR A N   1 
ATOM   634  C CA  . THR A 1 85  ? -12.854 -11.307 -2.187  1.00 35.54 ? 98  THR A CA  1 
ATOM   635  C C   . THR A 1 85  ? -11.962 -10.068 -2.164  1.00 32.95 ? 98  THR A C   1 
ATOM   636  O O   . THR A 1 85  ? -10.851 -10.099 -1.616  1.00 29.52 ? 98  THR A O   1 
ATOM   637  C CB  . THR A 1 85  ? -13.879 -11.320 -1.050  1.00 38.58 ? 98  THR A CB  1 
ATOM   638  O OG1 . THR A 1 85  ? -14.726 -12.454 -1.169  1.00 44.24 ? 98  THR A OG1 1 
ATOM   639  C CG2 . THR A 1 85  ? -14.776 -10.080 -1.044  1.00 45.01 ? 98  THR A CG2 1 
ATOM   640  N N   . ILE A 1 86  ? -12.404 -8.978  -2.740  1.00 29.87 ? 99  ILE A N   1 
ATOM   641  C CA  . ILE A 1 86  ? -11.521 -7.802  -2.843  1.00 33.24 ? 99  ILE A CA  1 
ATOM   642  C C   . ILE A 1 86  ? -11.851 -6.661  -1.862  1.00 38.09 ? 99  ILE A C   1 
ATOM   643  O O   . ILE A 1 86  ? -11.000 -5.823  -1.544  1.00 34.76 ? 99  ILE A O   1 
ATOM   644  C CB  . ILE A 1 86  ? -11.571 -7.211  -4.249  1.00 28.64 ? 99  ILE A CB  1 
ATOM   645  C CG1 . ILE A 1 86  ? -12.899 -6.526  -4.564  1.00 26.85 ? 99  ILE A CG1 1 
ATOM   646  C CG2 . ILE A 1 86  ? -11.368 -8.256  -5.347  1.00 30.83 ? 99  ILE A CG2 1 
ATOM   647  C CD1 . ILE A 1 86  ? -13.046 -6.164  -6.042  1.00 19.22 ? 99  ILE A CD1 1 
ATOM   648  N N   . ASP A 1 87  ? -13.066 -6.584  -1.363  1.00 42.68 ? 100 ASP A N   1 
ATOM   649  C CA  . ASP A 1 87  ? -13.431 -5.460  -0.466  1.00 44.16 ? 100 ASP A CA  1 
ATOM   650  C C   . ASP A 1 87  ? -12.896 -5.674  0.964   1.00 41.94 ? 100 ASP A C   1 
ATOM   651  O O   . ASP A 1 87  ? -12.563 -6.798  1.363   1.00 44.59 ? 100 ASP A O   1 
ATOM   652  C CB  . ASP A 1 87  ? -14.945 -5.288  -0.407  1.00 47.29 ? 100 ASP A CB  1 
ATOM   653  C CG  . ASP A 1 87  ? -15.663 -6.508  0.154   1.00 50.46 ? 100 ASP A CG  1 
ATOM   654  O OD1 . ASP A 1 87  ? -14.981 -7.512  0.586   1.00 49.36 ? 100 ASP A OD1 1 
ATOM   655  O OD2 . ASP A 1 87  ? -16.951 -6.531  0.192   1.00 55.06 ? 100 ASP A OD2 1 
ATOM   656  N N   . HIS A 1 88  ? -12.838 -4.554  1.680   1.00 41.84 ? 101 HIS A N   1 
ATOM   657  C CA  . HIS A 1 88  ? -12.373 -4.491  3.081   1.00 39.81 ? 101 HIS A CA  1 
ATOM   658  C C   . HIS A 1 88  ? -10.966 -5.074  3.212   1.00 35.69 ? 101 HIS A C   1 
ATOM   659  O O   . HIS A 1 88  ? -10.520 -5.424  4.316   1.00 32.17 ? 101 HIS A O   1 
ATOM   660  C CB  . HIS A 1 88  ? -13.315 -5.284  3.986   1.00 42.69 ? 101 HIS A CB  1 
ATOM   661  C CG  . HIS A 1 88  ? -14.787 -5.012  3.690   1.00 45.41 ? 101 HIS A CG  1 
ATOM   662  N ND1 . HIS A 1 88  ? -15.296 -3.719  3.633   1.00 48.33 ? 101 HIS A ND1 1 
ATOM   663  C CD2 . HIS A 1 88  ? -15.830 -5.845  3.438   1.00 48.53 ? 101 HIS A CD2 1 
ATOM   664  C CE1 . HIS A 1 88  ? -16.585 -3.799  3.355   1.00 47.63 ? 101 HIS A CE1 1 
ATOM   665  N NE2 . HIS A 1 88  ? -16.919 -5.059  3.236   1.00 50.45 ? 101 HIS A NE2 1 
ATOM   666  N N   . ASP A 1 89  ? -10.161 -4.850  2.200   1.00 32.69 ? 102 ASP A N   1 
ATOM   667  C CA  . ASP A 1 89  ? -8.791  -5.310  2.177   1.00 30.06 ? 102 ASP A CA  1 
ATOM   668  C C   . ASP A 1 89  ? -7.862  -4.349  2.935   1.00 23.58 ? 102 ASP A C   1 
ATOM   669  O O   . ASP A 1 89  ? -6.946  -3.745  2.366   1.00 21.17 ? 102 ASP A O   1 
ATOM   670  C CB  . ASP A 1 89  ? -8.355  -5.510  0.716   1.00 35.72 ? 102 ASP A CB  1 
ATOM   671  C CG  . ASP A 1 89  ? -7.195  -6.490  0.555   1.00 40.60 ? 102 ASP A CG  1 
ATOM   672  O OD1 . ASP A 1 89  ? -6.783  -7.143  1.532   1.00 31.45 ? 102 ASP A OD1 1 
ATOM   673  O OD2 . ASP A 1 89  ? -6.706  -6.611  -0.580  1.00 42.52 ? 102 ASP A OD2 1 
ATOM   674  N N   . LEU A 1 90  ? -8.105  -4.201  4.228   1.00 19.39 ? 103 LEU A N   1 
ATOM   675  C CA  . LEU A 1 90  ? -7.255  -3.353  5.039   1.00 16.80 ? 103 LEU A CA  1 
ATOM   676  C C   . LEU A 1 90  ? -6.791  -4.093  6.296   1.00 15.11 ? 103 LEU A C   1 
ATOM   677  O O   . LEU A 1 90  ? -7.557  -4.846  6.910   1.00 11.58 ? 103 LEU A O   1 
ATOM   678  C CB  . LEU A 1 90  ? -7.955  -2.050  5.389   1.00 18.56 ? 103 LEU A CB  1 
ATOM   679  C CG  . LEU A 1 90  ? -8.146  -0.994  4.296   1.00 17.71 ? 103 LEU A CG  1 
ATOM   680  C CD1 . LEU A 1 90  ? -8.642  0.302   4.960   1.00 16.32 ? 103 LEU A CD1 1 
ATOM   681  C CD2 . LEU A 1 90  ? -6.843  -0.732  3.548   1.00 20.13 ? 103 LEU A CD2 1 
ATOM   682  N N   . LEU A 1 91  ? -5.519  -3.895  6.647   1.00 12.68 ? 104 LEU A N   1 
ATOM   683  C CA  . LEU A 1 91  ? -4.890  -4.529  7.809   1.00 14.10 ? 104 LEU A CA  1 
ATOM   684  C C   . LEU A 1 91  ? -4.099  -3.513  8.643   1.00 11.75 ? 104 LEU A C   1 
ATOM   685  O O   . LEU A 1 91  ? -3.337  -2.716  8.117   1.00 11.79 ? 104 LEU A O   1 
ATOM   686  C CB  . LEU A 1 91  ? -3.953  -5.645  7.338   1.00 20.82 ? 104 LEU A CB  1 
ATOM   687  C CG  . LEU A 1 91  ? -2.958  -6.258  8.323   1.00 22.41 ? 104 LEU A CG  1 
ATOM   688  C CD1 . LEU A 1 91  ? -3.703  -6.987  9.428   1.00 25.32 ? 104 LEU A CD1 1 
ATOM   689  C CD2 . LEU A 1 91  ? -2.021  -7.191  7.579   1.00 23.42 ? 104 LEU A CD2 1 
ATOM   690  N N   . LEU A 1 92  ? -4.351  -3.487  9.936   1.00 10.81 ? 105 LEU A N   1 
ATOM   691  C CA  . LEU A 1 92  ? -3.642  -2.575  10.823  1.00 13.44 ? 105 LEU A CA  1 
ATOM   692  C C   . LEU A 1 92  ? -2.655  -3.391  11.667  1.00 14.56 ? 105 LEU A C   1 
ATOM   693  O O   . LEU A 1 92  ? -3.032  -4.375  12.306  1.00 18.08 ? 105 LEU A O   1 
ATOM   694  C CB  . LEU A 1 92  ? -4.618  -1.771  11.701  1.00 13.02 ? 105 LEU A CB  1 
ATOM   695  C CG  . LEU A 1 92  ? -5.074  -0.441  11.077  1.00 13.85 ? 105 LEU A CG  1 
ATOM   696  C CD1 . LEU A 1 92  ? -6.223  0.159   11.852  1.00 11.04 ? 105 LEU A CD1 1 
ATOM   697  C CD2 . LEU A 1 92  ? -3.904  0.552   10.983  1.00 8.19  ? 105 LEU A CD2 1 
ATOM   698  N N   . LEU A 1 93  ? -1.383  -3.030  11.576  1.00 13.77 ? 106 LEU A N   1 
ATOM   699  C CA  . LEU A 1 93  ? -0.344  -3.715  12.307  1.00 14.04 ? 106 LEU A CA  1 
ATOM   700  C C   . LEU A 1 93  ? 0.169   -2.852  13.439  1.00 14.30 ? 106 LEU A C   1 
ATOM   701  O O   . LEU A 1 93  ? 0.499   -1.671  13.243  1.00 16.32 ? 106 LEU A O   1 
ATOM   702  C CB  . LEU A 1 93  ? 0.818   -4.084  11.380  1.00 15.20 ? 106 LEU A CB  1 
ATOM   703  C CG  . LEU A 1 93  ? 0.549   -5.180  10.371  1.00 16.29 ? 106 LEU A CG  1 
ATOM   704  C CD1 . LEU A 1 93  ? 1.758   -5.369  9.524   1.00 20.57 ? 106 LEU A CD1 1 
ATOM   705  C CD2 . LEU A 1 93  ? 0.222   -6.469  11.087  1.00 18.91 ? 106 LEU A CD2 1 
ATOM   706  N N   . GLN A 1 94  ? 0.199   -3.438  14.628  1.00 14.36 ? 107 GLN A N   1 
ATOM   707  C CA  . GLN A 1 94  ? 0.720   -2.743  15.798  1.00 15.53 ? 107 GLN A CA  1 
ATOM   708  C C   . GLN A 1 94  ? 2.151   -3.232  16.014  1.00 15.84 ? 107 GLN A C   1 
ATOM   709  O O   . GLN A 1 94  ? 2.419   -4.437  16.006  1.00 18.37 ? 107 GLN A O   1 
ATOM   710  C CB  . GLN A 1 94  ? -0.123  -3.000  17.061  1.00 14.95 ? 107 GLN A CB  1 
ATOM   711  C CG  . GLN A 1 94  ? 0.426   -2.243  18.287  1.00 16.36 ? 107 GLN A CG  1 
ATOM   712  C CD  . GLN A 1 94  ? -0.456  -2.374  19.507  1.00 18.19 ? 107 GLN A CD  1 
ATOM   713  O OE1 . GLN A 1 94  ? -0.574  -1.449  20.313  1.00 22.27 ? 107 GLN A OE1 1 
ATOM   714  N NE2 . GLN A 1 94  ? -1.070  -3.519  19.660  1.00 18.97 ? 107 GLN A NE2 1 
ATOM   715  N N   . LEU A 1 95  ? 3.070   -2.296  16.169  1.00 14.38 ? 108 LEU A N   1 
ATOM   716  C CA  . LEU A 1 95  ? 4.472   -2.633  16.386  1.00 15.75 ? 108 LEU A CA  1 
ATOM   717  C C   . LEU A 1 95  ? 4.741   -3.004  17.848  1.00 20.65 ? 108 LEU A C   1 
ATOM   718  O O   . LEU A 1 95  ? 4.048   -2.532  18.748  1.00 17.98 ? 108 LEU A O   1 
ATOM   719  C CB  . LEU A 1 95  ? 5.340   -1.453  15.975  1.00 10.38 ? 108 LEU A CB  1 
ATOM   720  C CG  . LEU A 1 95  ? 5.712   -1.269  14.493  1.00 10.18 ? 108 LEU A CG  1 
ATOM   721  C CD1 . LEU A 1 95  ? 4.972   -2.201  13.570  1.00 10.90 ? 108 LEU A CD1 1 
ATOM   722  C CD2 . LEU A 1 95  ? 5.558   0.181   14.093  1.00 10.73 ? 108 LEU A CD2 1 
ATOM   723  N N   . SER A 1 96  ? 5.781   -3.812  18.068  1.00 24.21 ? 109 SER A N   1 
ATOM   724  C CA  . SER A 1 96  ? 6.194   -4.264  19.403  1.00 27.52 ? 109 SER A CA  1 
ATOM   725  C C   . SER A 1 96  ? 6.515   -3.093  20.322  1.00 29.27 ? 109 SER A C   1 
ATOM   726  O O   . SER A 1 96  ? 6.613   -3.261  21.528  1.00 31.93 ? 109 SER A O   1 
ATOM   727  C CB  . SER A 1 96  ? 7.447   -5.123  19.293  1.00 25.09 ? 109 SER A CB  1 
ATOM   728  O OG  . SER A 1 96  ? 8.475   -4.403  18.619  1.00 28.49 ? 109 SER A OG  1 
ATOM   729  N N   . GLU A 1 97  ? 6.781   -1.938  19.724  1.00 30.26 ? 110 GLU A N   1 
ATOM   730  C CA  . GLU A 1 97  ? 7.091   -0.719  20.457  1.00 31.36 ? 110 GLU A CA  1 
ATOM   731  C C   . GLU A 1 97  ? 6.797   0.463   19.545  1.00 30.97 ? 110 GLU A C   1 
ATOM   732  O O   . GLU A 1 97  ? 6.626   0.285   18.336  1.00 30.68 ? 110 GLU A O   1 
ATOM   733  C CB  . GLU A 1 97  ? 8.562   -0.694  20.840  1.00 33.68 ? 110 GLU A CB  1 
ATOM   734  C CG  . GLU A 1 97  ? 8.781   -0.326  22.274  1.00 35.46 ? 110 GLU A CG  1 
ATOM   735  C CD  . GLU A 1 97  ? 10.130  0.317   22.501  1.00 38.65 ? 110 GLU A CD  1 
ATOM   736  O OE1 . GLU A 1 97  ? 11.119  -0.437  22.691  1.00 40.38 ? 110 GLU A OE1 1 
ATOM   737  O OE2 . GLU A 1 97  ? 10.197  1.580   22.491  1.00 39.32 ? 110 GLU A OE2 1 
ATOM   738  N N   . LYS A 1 98  ? 6.724   1.657   20.125  1.00 28.75 ? 111 LYS A N   1 
ATOM   739  C CA  . LYS A 1 98  ? 6.468   2.865   19.344  1.00 28.77 ? 111 LYS A CA  1 
ATOM   740  C C   . LYS A 1 98  ? 7.712   3.128   18.505  1.00 29.01 ? 111 LYS A C   1 
ATOM   741  O O   . LYS A 1 98  ? 8.824   2.990   19.011  1.00 26.80 ? 111 LYS A O   1 
ATOM   742  C CB  . LYS A 1 98  ? 6.210   4.066   20.257  1.00 30.51 ? 111 LYS A CB  1 
ATOM   743  C CG  . LYS A 1 98  ? 5.103   3.851   21.273  1.00 33.96 ? 111 LYS A CG  1 
ATOM   744  C CD  . LYS A 1 98  ? 5.623   3.214   22.551  1.00 37.20 ? 111 LYS A CD  1 
ATOM   745  C CE  . LYS A 1 98  ? 6.726   4.090   23.156  1.00 41.46 ? 111 LYS A CE  1 
ATOM   746  N NZ  . LYS A 1 98  ? 6.349   5.549   23.226  1.00 46.01 ? 111 LYS A NZ  1 
ATOM   747  N N   . ALA A 1 99  ? 7.535   3.510   17.243  1.00 28.54 ? 112 ALA A N   1 
ATOM   748  C CA  . ALA A 1 99  ? 8.664   3.764   16.353  1.00 25.74 ? 112 ALA A CA  1 
ATOM   749  C C   . ALA A 1 99  ? 9.477   5.015   16.701  1.00 25.43 ? 112 ALA A C   1 
ATOM   750  O O   . ALA A 1 99  ? 8.943   5.997   17.226  1.00 27.27 ? 112 ALA A O   1 
ATOM   751  C CB  . ALA A 1 99  ? 8.176   3.840   14.910  1.00 28.80 ? 112 ALA A CB  1 
ATOM   752  N N   . THR A 1 100 ? 10.782  4.954   16.440  1.00 22.21 ? 113 THR A N   1 
ATOM   753  C CA  . THR A 1 100 ? 11.665  6.092   16.666  1.00 22.17 ? 113 THR A CA  1 
ATOM   754  C C   . THR A 1 100 ? 11.478  7.008   15.461  1.00 21.58 ? 113 THR A C   1 
ATOM   755  O O   . THR A 1 100 ? 11.865  6.684   14.338  1.00 21.58 ? 113 THR A O   1 
ATOM   756  C CB  . THR A 1 100 ? 13.143  5.679   16.782  1.00 24.83 ? 113 THR A CB  1 
ATOM   757  O OG1 . THR A 1 100 ? 13.299  4.784   17.882  1.00 25.67 ? 113 THR A OG1 1 
ATOM   758  C CG2 . THR A 1 100 ? 13.993  6.883   17.042  1.00 23.18 ? 113 THR A CG2 1 
ATOM   759  N N   . LEU A 1 101 ? 10.803  8.119   15.692  1.00 20.05 ? 114 LEU A N   1 
ATOM   760  C CA  . LEU A 1 101 ? 10.522  9.067   14.627  1.00 18.54 ? 114 LEU A CA  1 
ATOM   761  C C   . LEU A 1 101 ? 11.709  10.000  14.353  1.00 19.09 ? 114 LEU A C   1 
ATOM   762  O O   . LEU A 1 101 ? 12.534  10.270  15.232  1.00 19.21 ? 114 LEU A O   1 
ATOM   763  C CB  . LEU A 1 101 ? 9.251   9.855   14.963  1.00 21.19 ? 114 LEU A CB  1 
ATOM   764  C CG  . LEU A 1 101 ? 8.120   8.941   15.461  1.00 21.73 ? 114 LEU A CG  1 
ATOM   765  C CD1 . LEU A 1 101 ? 6.887   9.776   15.743  1.00 21.15 ? 114 LEU A CD1 1 
ATOM   766  C CD2 . LEU A 1 101 ? 7.819   7.836   14.457  1.00 22.51 ? 114 LEU A CD2 1 
ATOM   767  N N   . GLY A 1 102 ? 11.788  10.481  13.123  1.00 15.03 ? 115 GLY A N   1 
ATOM   768  C CA  . GLY A 1 102 ? 12.871  11.354  12.729  1.00 19.22 ? 115 GLY A CA  1 
ATOM   769  C C   . GLY A 1 102 ? 12.667  11.689  11.273  1.00 18.40 ? 115 GLY A C   1 
ATOM   770  O O   . GLY A 1 102 ? 11.658  11.284  10.699  1.00 21.06 ? 115 GLY A O   1 
ATOM   771  N N   . PRO A 1 103 ? 13.596  12.413  10.636  1.00 21.20 ? 118 PRO A N   1 
ATOM   772  C CA  . PRO A 1 103 ? 13.388  12.740  9.220   1.00 23.04 ? 118 PRO A CA  1 
ATOM   773  C C   . PRO A 1 103 ? 13.103  11.552  8.294   1.00 24.68 ? 118 PRO A C   1 
ATOM   774  O O   . PRO A 1 103 ? 12.308  11.671  7.375   1.00 27.49 ? 118 PRO A O   1 
ATOM   775  C CB  . PRO A 1 103 ? 14.677  13.480  8.846   1.00 21.95 ? 118 PRO A CB  1 
ATOM   776  C CG  . PRO A 1 103 ? 15.043  14.188  10.142  1.00 22.85 ? 118 PRO A CG  1 
ATOM   777  C CD  . PRO A 1 103 ? 14.797  13.091  11.174  1.00 24.01 ? 118 PRO A CD  1 
ATOM   778  N N   . ALA A 1 104 ? 13.716  10.407  8.555   1.00 23.25 ? 119 ALA A N   1 
ATOM   779  C CA  . ALA A 1 104 ? 13.508  9.248   7.693   1.00 19.69 ? 119 ALA A CA  1 
ATOM   780  C C   . ALA A 1 104 ? 12.325  8.394   8.089   1.00 19.94 ? 119 ALA A C   1 
ATOM   781  O O   . ALA A 1 104 ? 11.957  7.501   7.329   1.00 18.61 ? 119 ALA A O   1 
ATOM   782  C CB  . ALA A 1 104 ? 14.760  8.391   7.623   1.00 18.19 ? 119 ALA A CB  1 
ATOM   783  N N   . VAL A 1 105 ? 11.756  8.630   9.278   1.00 19.07 ? 120 VAL A N   1 
ATOM   784  C CA  . VAL A 1 105 ? 10.602  7.853   9.785   1.00 17.84 ? 120 VAL A CA  1 
ATOM   785  C C   . VAL A 1 105 ? 9.574   8.815   10.361  1.00 17.11 ? 120 VAL A C   1 
ATOM   786  O O   . VAL A 1 105 ? 9.773   9.367   11.433  1.00 16.27 ? 120 VAL A O   1 
ATOM   787  C CB  . VAL A 1 105 ? 10.984  6.837   10.920  1.00 17.92 ? 120 VAL A CB  1 
ATOM   788  C CG1 . VAL A 1 105 ? 9.816   5.904   11.205  1.00 16.85 ? 120 VAL A CG1 1 
ATOM   789  C CG2 . VAL A 1 105 ? 12.223  6.023   10.554  1.00 15.32 ? 120 VAL A CG2 1 
ATOM   790  N N   . ARG A 1 106 ? 8.427   8.917   9.707   1.00 15.14 ? 121 ARG A N   1 
ATOM   791  C CA  . ARG A 1 106 ? 7.397   9.852   10.145  1.00 16.76 ? 121 ARG A CA  1 
ATOM   792  C C   . ARG A 1 106 ? 6.028   9.431   9.568   1.00 14.72 ? 121 ARG A C   1 
ATOM   793  O O   . ARG A 1 106 ? 5.951   8.976   8.439   1.00 15.81 ? 121 ARG A O   1 
ATOM   794  C CB  . ARG A 1 106 ? 7.850   11.244  9.656   1.00 17.56 ? 121 ARG A CB  1 
ATOM   795  C CG  . ARG A 1 106 ? 6.964   12.415  9.929   1.00 28.97 ? 121 ARG A CG  1 
ATOM   796  C CD  . ARG A 1 106 ? 7.748   13.678  9.636   1.00 34.48 ? 121 ARG A CD  1 
ATOM   797  N NE  . ARG A 1 106 ? 6.881   14.855  9.769   1.00 40.69 ? 121 ARG A NE  1 
ATOM   798  C CZ  . ARG A 1 106 ? 7.255   16.110  9.513   1.00 45.38 ? 121 ARG A CZ  1 
ATOM   799  N NH1 . ARG A 1 106 ? 8.503   16.380  9.127   1.00 46.59 ? 121 ARG A NH1 1 
ATOM   800  N NH2 . ARG A 1 106 ? 6.380   17.106  9.659   1.00 43.60 ? 121 ARG A NH2 1 
ATOM   801  N N   . PRO A 1 107 ? 4.952   9.485   10.378  1.00 13.23 ? 122 PRO A N   1 
ATOM   802  C CA  . PRO A 1 107 ? 3.616   9.097   9.892   1.00 12.06 ? 122 PRO A CA  1 
ATOM   803  C C   . PRO A 1 107 ? 3.149   10.037  8.784   1.00 12.01 ? 122 PRO A C   1 
ATOM   804  O O   . PRO A 1 107 ? 3.640   11.159  8.665   1.00 11.04 ? 122 PRO A O   1 
ATOM   805  C CB  . PRO A 1 107 ? 2.738   9.268   11.120  1.00 8.73  ? 122 PRO A CB  1 
ATOM   806  C CG  . PRO A 1 107 ? 3.687   9.057   12.247  1.00 8.29  ? 122 PRO A CG  1 
ATOM   807  C CD  . PRO A 1 107 ? 4.911   9.813   11.808  1.00 10.56 ? 122 PRO A CD  1 
ATOM   808  N N   . LEU A 1 108 ? 2.236   9.560   7.961   1.00 14.03 ? 123 LEU A N   1 
ATOM   809  C CA  . LEU A 1 108 ? 1.684   10.354  6.875   1.00 14.26 ? 123 LEU A CA  1 
ATOM   810  C C   . LEU A 1 108 ? 0.219   10.567  7.240   1.00 14.92 ? 123 LEU A C   1 
ATOM   811  O O   . LEU A 1 108 ? -0.413  9.663   7.783   1.00 10.75 ? 123 LEU A O   1 
ATOM   812  C CB  . LEU A 1 108 ? 1.726   9.560   5.565   1.00 17.05 ? 123 LEU A CB  1 
ATOM   813  C CG  . LEU A 1 108 ? 1.135   10.321  4.375   1.00 18.24 ? 123 LEU A CG  1 
ATOM   814  C CD1 . LEU A 1 108 ? 2.032   11.526  4.084   1.00 19.82 ? 123 LEU A CD1 1 
ATOM   815  C CD2 . LEU A 1 108 ? 0.970   9.457   3.134   1.00 15.42 ? 123 LEU A CD2 1 
ATOM   816  N N   . PRO A 1 109 ? -0.315  11.787  7.055   1.00 16.02 ? 124 PRO A N   1 
ATOM   817  C CA  . PRO A 1 109 ? -1.729  11.934  7.404   1.00 15.78 ? 124 PRO A CA  1 
ATOM   818  C C   . PRO A 1 109 ? -2.593  11.237  6.360   1.00 14.38 ? 124 PRO A C   1 
ATOM   819  O O   . PRO A 1 109 ? -2.207  11.113  5.181   1.00 14.04 ? 124 PRO A O   1 
ATOM   820  C CB  . PRO A 1 109 ? -1.933  13.447  7.399   1.00 17.92 ? 124 PRO A CB  1 
ATOM   821  C CG  . PRO A 1 109 ? -0.879  13.942  6.465   1.00 19.18 ? 124 PRO A CG  1 
ATOM   822  C CD  . PRO A 1 109 ? 0.310   13.101  6.839   1.00 17.38 ? 124 PRO A CD  1 
ATOM   823  N N   . TRP A 1 110 A -3.734  10.723  6.813   1.00 15.35 ? 124 TRP A N   1 
ATOM   824  C CA  . TRP A 1 110 A -4.674  10.032  5.929   1.00 18.13 ? 124 TRP A CA  1 
ATOM   825  C C   . TRP A 1 110 A -6.003  10.796  5.837   1.00 18.92 ? 124 TRP A C   1 
ATOM   826  O O   . TRP A 1 110 A -6.408  11.493  6.766   1.00 20.64 ? 124 TRP A O   1 
ATOM   827  C CB  . TRP A 1 110 A -4.895  8.575   6.362   1.00 21.52 ? 124 TRP A CB  1 
ATOM   828  C CG  . TRP A 1 110 A -5.164  8.401   7.812   1.00 23.56 ? 124 TRP A CG  1 
ATOM   829  C CD1 . TRP A 1 110 A -4.235  8.275   8.802   1.00 25.50 ? 124 TRP A CD1 1 
ATOM   830  C CD2 . TRP A 1 110 A -6.447  8.269   8.443   1.00 21.60 ? 124 TRP A CD2 1 
ATOM   831  N NE1 . TRP A 1 110 A -4.852  8.059   10.011  1.00 25.41 ? 124 TRP A NE1 1 
ATOM   832  C CE2 . TRP A 1 110 A -6.211  8.044   9.821   1.00 23.47 ? 124 TRP A CE2 1 
ATOM   833  C CE3 . TRP A 1 110 A -7.772  8.314   7.981   1.00 20.20 ? 124 TRP A CE3 1 
ATOM   834  C CZ2 . TRP A 1 110 A -7.250  7.862   10.740  1.00 25.84 ? 124 TRP A CZ2 1 
ATOM   835  C CZ3 . TRP A 1 110 A -8.804  8.139   8.896   1.00 22.56 ? 124 TRP A CZ3 1 
ATOM   836  C CH2 . TRP A 1 110 A -8.536  7.912   10.260  1.00 25.89 ? 124 TRP A CH2 1 
ATOM   837  N N   . GLN A 1 111 ? -6.625  10.703  4.670   1.00 15.44 ? 125 GLN A N   1 
ATOM   838  C CA  . GLN A 1 111 ? -7.885  11.370  4.378   1.00 17.77 ? 125 GLN A CA  1 
ATOM   839  C C   . GLN A 1 111 ? -9.046  10.893  5.260   1.00 18.48 ? 125 GLN A C   1 
ATOM   840  O O   . GLN A 1 111 ? -9.411  9.718   5.237   1.00 18.11 ? 125 GLN A O   1 
ATOM   841  C CB  . GLN A 1 111 ? -8.254  11.136  2.916   1.00 16.34 ? 125 GLN A CB  1 
ATOM   842  C CG  . GLN A 1 111 ? -9.412  11.966  2.484   1.00 16.44 ? 125 GLN A CG  1 
ATOM   843  C CD  . GLN A 1 111 ? -9.185  13.430  2.786   1.00 17.50 ? 125 GLN A CD  1 
ATOM   844  O OE1 . GLN A 1 111 ? -9.610  13.931  3.830   1.00 19.77 ? 125 GLN A OE1 1 
ATOM   845  N NE2 . GLN A 1 111 ? -8.489  14.116  1.893   1.00 18.05 ? 125 GLN A NE2 1 
ATOM   846  N N   . ARG A 1 112 ? -9.605  11.801  6.051   1.00 20.88 ? 126 ARG A N   1 
ATOM   847  C CA  . ARG A 1 112 ? -10.737 11.436  6.879   1.00 23.15 ? 126 ARG A CA  1 
ATOM   848  C C   . ARG A 1 112 ? -12.001 12.080  6.340   1.00 21.74 ? 126 ARG A C   1 
ATOM   849  O O   . ARG A 1 112 ? -13.090 11.861  6.883   1.00 22.44 ? 126 ARG A O   1 
ATOM   850  C CB  . ARG A 1 112 ? -10.516 11.782  8.359   1.00 29.37 ? 126 ARG A CB  1 
ATOM   851  C CG  . ARG A 1 112 ? -9.995  13.189  8.662   1.00 38.04 ? 126 ARG A CG  1 
ATOM   852  C CD  . ARG A 1 112 ? -9.999  13.467  10.170  1.00 47.11 ? 126 ARG A CD  1 
ATOM   853  N NE  . ARG A 1 112 ? -9.215  12.505  10.952  1.00 52.17 ? 126 ARG A NE  1 
ATOM   854  C CZ  . ARG A 1 112 ? -9.731  11.522  11.692  1.00 53.64 ? 126 ARG A CZ  1 
ATOM   855  N NH1 . ARG A 1 112 ? -11.045 11.323  11.736  1.00 52.27 ? 126 ARG A NH1 1 
ATOM   856  N NH2 . ARG A 1 112 ? -8.925  10.717  12.374  1.00 53.58 ? 126 ARG A NH2 1 
ATOM   857  N N   . VAL A 1 113 ? -11.853 12.904  5.301   1.00 21.16 ? 127 VAL A N   1 
ATOM   858  C CA  . VAL A 1 113 ? -12.988 13.554  4.673   1.00 18.59 ? 127 VAL A CA  1 
ATOM   859  C C   . VAL A 1 113 ? -13.381 12.726  3.452   1.00 16.31 ? 127 VAL A C   1 
ATOM   860  O O   . VAL A 1 113 ? -12.604 12.533  2.507   1.00 15.70 ? 127 VAL A O   1 
ATOM   861  C CB  . VAL A 1 113 ? -12.673 14.996  4.296   1.00 19.32 ? 127 VAL A CB  1 
ATOM   862  C CG1 . VAL A 1 113 ? -13.782 15.575  3.421   1.00 19.83 ? 127 VAL A CG1 1 
ATOM   863  C CG2 . VAL A 1 113 ? -12.535 15.815  5.549   1.00 20.15 ? 127 VAL A CG2 1 
ATOM   864  N N   . ASP A 1 114 ? -14.583 12.176  3.499   1.00 16.75 ? 128 ASP A N   1 
ATOM   865  C CA  . ASP A 1 114 ? -15.026 11.334  2.415   1.00 17.76 ? 128 ASP A CA  1 
ATOM   866  C C   . ASP A 1 114 ? -15.433 12.080  1.159   1.00 19.62 ? 128 ASP A C   1 
ATOM   867  O O   . ASP A 1 114 ? -16.599 12.410  0.985   1.00 21.65 ? 128 ASP A O   1 
ATOM   868  C CB  . ASP A 1 114 ? -16.146 10.407  2.865   1.00 19.39 ? 128 ASP A CB  1 
ATOM   869  C CG  . ASP A 1 114 ? -16.403 9.308   1.883   1.00 22.22 ? 128 ASP A CG  1 
ATOM   870  O OD1 . ASP A 1 114 ? -15.496 8.961   1.119   1.00 29.21 ? 128 ASP A OD1 1 
ATOM   871  O OD2 . ASP A 1 114 ? -17.510 8.769   1.867   1.00 25.11 ? 128 ASP A OD2 1 
ATOM   872  N N   . ARG A 1 115 ? -14.454 12.327  0.294   1.00 19.18 ? 129 ARG A N   1 
ATOM   873  C CA  . ARG A 1 115 ? -14.672 12.990  -0.979  1.00 22.09 ? 129 ARG A CA  1 
ATOM   874  C C   . ARG A 1 115 ? -13.748 12.385  -2.071  1.00 22.20 ? 129 ARG A C   1 
ATOM   875  O O   . ARG A 1 115 ? -12.620 11.930  -1.808  1.00 23.27 ? 129 ARG A O   1 
ATOM   876  C CB  . ARG A 1 115 ? -14.508 14.509  -0.830  1.00 22.94 ? 129 ARG A CB  1 
ATOM   877  C CG  . ARG A 1 115 ? -14.976 15.372  -1.997  1.00 29.02 ? 129 ARG A CG  1 
ATOM   878  C CD  . ARG A 1 115 ? -15.113 16.844  -1.644  1.00 30.79 ? 129 ARG A CD  1 
ATOM   879  N NE  . ARG A 1 115 ? -16.285 17.426  -2.302  1.00 35.64 ? 129 ARG A NE  1 
ATOM   880  C CZ  . ARG A 1 115 ? -16.377 18.683  -2.758  1.00 35.56 ? 129 ARG A CZ  1 
ATOM   881  N NH1 . ARG A 1 115 ? -15.351 19.532  -2.659  1.00 38.93 ? 129 ARG A NH1 1 
ATOM   882  N NH2 . ARG A 1 115 ? -17.515 19.094  -3.328  1.00 37.76 ? 129 ARG A NH2 1 
ATOM   883  N N   . ASP A 1 116 A -14.260 12.318  -3.288  1.00 22.07 ? 129 ASP A N   1 
ATOM   884  C CA  . ASP A 1 116 A -13.498 11.740  -4.381  1.00 22.47 ? 129 ASP A CA  1 
ATOM   885  C C   . ASP A 1 116 A -12.351 12.577  -4.891  1.00 22.78 ? 129 ASP A C   1 
ATOM   886  O O   . ASP A 1 116 A -12.494 13.788  -5.018  1.00 22.67 ? 129 ASP A O   1 
ATOM   887  C CB  . ASP A 1 116 A -14.416 11.477  -5.565  1.00 23.72 ? 129 ASP A CB  1 
ATOM   888  C CG  . ASP A 1 116 A -15.003 12.736  -6.130  1.00 26.80 ? 129 ASP A CG  1 
ATOM   889  O OD1 . ASP A 1 116 A -14.639 13.809  -5.607  1.00 27.48 ? 129 ASP A OD1 1 
ATOM   890  O OD2 . ASP A 1 116 A -15.810 12.653  -7.090  1.00 29.33 ? 129 ASP A OD2 1 
ATOM   891  N N   . VAL A 1 117 ? -11.228 11.928  -5.200  1.00 20.48 ? 130 VAL A N   1 
ATOM   892  C CA  . VAL A 1 117 ? -10.098 12.635  -5.789  1.00 19.04 ? 130 VAL A CA  1 
ATOM   893  C C   . VAL A 1 117 ? -10.570 12.951  -7.218  1.00 18.93 ? 130 VAL A C   1 
ATOM   894  O O   . VAL A 1 117 ? -11.304 12.155  -7.825  1.00 18.89 ? 130 VAL A O   1 
ATOM   895  C CB  . VAL A 1 117 ? -8.791  11.765  -5.820  1.00 17.78 ? 130 VAL A CB  1 
ATOM   896  C CG1 . VAL A 1 117 ? -7.680  12.468  -6.618  1.00 17.03 ? 130 VAL A CG1 1 
ATOM   897  C CG2 . VAL A 1 117 ? -8.290  11.552  -4.413  1.00 18.35 ? 130 VAL A CG2 1 
ATOM   898  N N   . ALA A 1 118 ? -10.237 14.149  -7.708  1.00 16.55 ? 131 ALA A N   1 
ATOM   899  C CA  . ALA A 1 118 ? -10.629 14.549  -9.054  1.00 17.83 ? 131 ALA A CA  1 
ATOM   900  C C   . ALA A 1 118 ? -10.012 13.642  -10.116 1.00 18.11 ? 131 ALA A C   1 
ATOM   901  O O   . ALA A 1 118 ? -8.818  13.352  -10.085 1.00 19.29 ? 131 ALA A O   1 
ATOM   902  C CB  . ALA A 1 118 ? -10.237 15.989  -9.318  1.00 15.73 ? 131 ALA A CB  1 
ATOM   903  N N   . PRO A 1 119 ? -10.845 13.124  -11.027 1.00 17.63 ? 132 PRO A N   1 
ATOM   904  C CA  . PRO A 1 119 ? -10.402 12.250  -12.113 1.00 16.72 ? 132 PRO A CA  1 
ATOM   905  C C   . PRO A 1 119 ? -9.365  13.020  -12.943 1.00 15.14 ? 132 PRO A C   1 
ATOM   906  O O   . PRO A 1 119 ? -9.584  14.190  -13.311 1.00 14.72 ? 132 PRO A O   1 
ATOM   907  C CB  . PRO A 1 119 ? -11.694 12.033  -12.898 1.00 20.54 ? 132 PRO A CB  1 
ATOM   908  C CG  . PRO A 1 119 ? -12.714 12.011  -11.831 1.00 21.37 ? 132 PRO A CG  1 
ATOM   909  C CD  . PRO A 1 119 ? -12.317 13.167  -10.959 1.00 18.84 ? 132 PRO A CD  1 
ATOM   910  N N   . GLY A 1 120 ? -8.225  12.394  -13.195 1.00 13.09 ? 133 GLY A N   1 
ATOM   911  C CA  . GLY A 1 120 ? -7.176  13.060  -13.947 1.00 13.34 ? 133 GLY A CA  1 
ATOM   912  C C   . GLY A 1 120 ? -6.008  13.428  -13.040 1.00 15.70 ? 133 GLY A C   1 
ATOM   913  O O   . GLY A 1 120 ? -4.884  13.597  -13.508 1.00 16.62 ? 133 GLY A O   1 
ATOM   914  N N   . THR A 1 121 ? -6.268  13.525  -11.737 1.00 14.82 ? 134 THR A N   1 
ATOM   915  C CA  . THR A 1 121 ? -5.217  13.852  -10.776 1.00 12.64 ? 134 THR A CA  1 
ATOM   916  C C   . THR A 1 121 ? -4.159  12.767  -10.705 1.00 12.87 ? 134 THR A C   1 
ATOM   917  O O   . THR A 1 121 ? -4.492  11.581  -10.644 1.00 14.75 ? 134 THR A O   1 
ATOM   918  C CB  . THR A 1 121 ? -5.767  14.024  -9.355  1.00 14.77 ? 134 THR A CB  1 
ATOM   919  O OG1 . THR A 1 121 ? -6.693  15.093  -9.349  1.00 13.21 ? 134 THR A OG1 1 
ATOM   920  C CG2 . THR A 1 121 ? -4.644  14.372  -8.348  1.00 14.28 ? 134 THR A CG2 1 
ATOM   921  N N   . LEU A 1 122 ? -2.895  13.185  -10.756 1.00 11.62 ? 135 LEU A N   1 
ATOM   922  C CA  . LEU A 1 122 ? -1.768  12.264  -10.630 1.00 12.72 ? 135 LEU A CA  1 
ATOM   923  C C   . LEU A 1 122 ? -1.366  12.070  -9.137  1.00 12.96 ? 135 LEU A C   1 
ATOM   924  O O   . LEU A 1 122 ? -1.025  13.038  -8.437  1.00 13.32 ? 135 LEU A O   1 
ATOM   925  C CB  . LEU A 1 122 ? -0.569  12.770  -11.443 1.00 13.61 ? 135 LEU A CB  1 
ATOM   926  C CG  . LEU A 1 122 ? -0.621  12.639  -12.972 1.00 17.34 ? 135 LEU A CG  1 
ATOM   927  C CD1 . LEU A 1 122 ? 0.700   13.072  -13.562 1.00 16.21 ? 135 LEU A CD1 1 
ATOM   928  C CD2 . LEU A 1 122 ? -0.889  11.201  -13.381 1.00 19.56 ? 135 LEU A CD2 1 
ATOM   929  N N   . CYS A 1 123 ? -1.485  10.832  -8.653  1.00 10.75 ? 136 CYS A N   1 
ATOM   930  C CA  . CYS A 1 123 ? -1.124  10.481  -7.278  1.00 10.34 ? 136 CYS A CA  1 
ATOM   931  C C   . CYS A 1 123 ? 0.131   9.638   -7.299  1.00 9.74  ? 136 CYS A C   1 
ATOM   932  O O   . CYS A 1 123 ? 0.422   9.003   -8.311  1.00 9.45  ? 136 CYS A O   1 
ATOM   933  C CB  . CYS A 1 123 ? -2.252  9.702   -6.606  1.00 7.72  ? 136 CYS A CB  1 
ATOM   934  S SG  . CYS A 1 123 ? -3.756  10.701  -6.587  1.00 12.43 ? 136 CYS A SG  1 
ATOM   935  N N   . ASP A 1 124 ? 0.859   9.641   -6.186  1.00 8.49  ? 137 ASP A N   1 
ATOM   936  C CA  . ASP A 1 124 ? 2.099   8.880   -6.062  1.00 9.38  ? 137 ASP A CA  1 
ATOM   937  C C   . ASP A 1 124 ? 1.919   7.514   -5.349  1.00 9.27  ? 137 ASP A C   1 
ATOM   938  O O   . ASP A 1 124 ? 1.273   7.427   -4.305  1.00 9.07  ? 137 ASP A O   1 
ATOM   939  C CB  . ASP A 1 124 ? 3.160   9.735   -5.347  1.00 9.50  ? 137 ASP A CB  1 
ATOM   940  C CG  . ASP A 1 124 ? 4.587   9.261   -5.620  1.00 16.78 ? 137 ASP A CG  1 
ATOM   941  O OD1 . ASP A 1 124 ? 4.828   8.652   -6.686  1.00 21.39 ? 137 ASP A OD1 1 
ATOM   942  O OD2 . ASP A 1 124 ? 5.460   9.496   -4.762  1.00 19.84 ? 137 ASP A OD2 1 
ATOM   943  N N   . VAL A 1 125 ? 2.491   6.458   -5.920  1.00 8.58  ? 138 VAL A N   1 
ATOM   944  C CA  . VAL A 1 125 ? 2.411   5.097   -5.358  1.00 8.07  ? 138 VAL A CA  1 
ATOM   945  C C   . VAL A 1 125 ? 3.848   4.631   -5.240  1.00 7.91  ? 138 VAL A C   1 
ATOM   946  O O   . VAL A 1 125 ? 4.581   4.701   -6.223  1.00 8.24  ? 138 VAL A O   1 
ATOM   947  C CB  . VAL A 1 125 ? 1.703   4.124   -6.325  1.00 9.89  ? 138 VAL A CB  1 
ATOM   948  C CG1 . VAL A 1 125 ? 1.490   2.756   -5.671  1.00 10.44 ? 138 VAL A CG1 1 
ATOM   949  C CG2 . VAL A 1 125 ? 0.403   4.717   -6.772  1.00 12.23 ? 138 VAL A CG2 1 
ATOM   950  N N   . ALA A 1 126 ? 4.244   4.137   -4.064  1.00 8.44  ? 139 ALA A N   1 
ATOM   951  C CA  . ALA A 1 126 ? 5.617   3.656   -3.846  1.00 8.13  ? 139 ALA A CA  1 
ATOM   952  C C   . ALA A 1 126 ? 5.603   2.177   -3.460  1.00 10.13 ? 139 ALA A C   1 
ATOM   953  O O   . ALA A 1 126 ? 4.578   1.666   -3.025  1.00 8.95  ? 139 ALA A O   1 
ATOM   954  C CB  . ALA A 1 126 ? 6.300   4.470   -2.765  1.00 9.21  ? 139 ALA A CB  1 
ATOM   955  N N   . GLY A 1 127 ? 6.719   1.481   -3.655  1.00 7.75  ? 140 GLY A N   1 
ATOM   956  C CA  . GLY A 1 127 ? 6.767   0.064   -3.299  1.00 7.61  ? 140 GLY A CA  1 
ATOM   957  C C   . GLY A 1 127 ? 8.027   -0.676  -3.727  1.00 10.89 ? 140 GLY A C   1 
ATOM   958  O O   . GLY A 1 127 ? 8.860   -0.116  -4.462  1.00 7.99  ? 140 GLY A O   1 
ATOM   959  N N   . TRP A 1 128 ? 8.207   -1.879  -3.176  1.00 10.08 ? 141 TRP A N   1 
ATOM   960  C CA  . TRP A 1 128 ? 9.346   -2.730  -3.496  1.00 10.71 ? 141 TRP A CA  1 
ATOM   961  C C   . TRP A 1 128 ? 8.899   -3.979  -4.230  1.00 12.76 ? 141 TRP A C   1 
ATOM   962  O O   . TRP A 1 128 ? 9.506   -5.014  -4.091  1.00 12.32 ? 141 TRP A O   1 
ATOM   963  C CB  . TRP A 1 128 ? 10.085  -3.160  -2.232  1.00 11.31 ? 141 TRP A CB  1 
ATOM   964  C CG  . TRP A 1 128 ? 10.959  -2.104  -1.580  1.00 8.80  ? 141 TRP A CG  1 
ATOM   965  C CD1 . TRP A 1 128 ? 12.259  -1.796  -1.900  1.00 10.24 ? 141 TRP A CD1 1 
ATOM   966  C CD2 . TRP A 1 128 ? 10.626  -1.302  -0.434  1.00 10.59 ? 141 TRP A CD2 1 
ATOM   967  N NE1 . TRP A 1 128 ? 12.758  -0.861  -1.009  1.00 9.45  ? 141 TRP A NE1 1 
ATOM   968  C CE2 . TRP A 1 128 ? 11.780  -0.541  -0.102  1.00 9.20  ? 141 TRP A CE2 1 
ATOM   969  C CE3 . TRP A 1 128 ? 9.464   -1.153  0.351   1.00 8.71  ? 141 TRP A CE3 1 
ATOM   970  C CZ2 . TRP A 1 128 ? 11.801  0.350   0.975   1.00 8.60  ? 141 TRP A CZ2 1 
ATOM   971  C CZ3 . TRP A 1 128 ? 9.495   -0.258  1.429   1.00 10.23 ? 141 TRP A CZ3 1 
ATOM   972  C CH2 . TRP A 1 128 ? 10.654  0.476   1.726   1.00 7.36  ? 141 TRP A CH2 1 
ATOM   973  N N   . GLY A 1 129 ? 7.798   -3.894  -4.956  1.00 13.09 ? 142 GLY A N   1 
ATOM   974  C CA  . GLY A 1 129 ? 7.292   -5.039  -5.686  1.00 10.57 ? 142 GLY A CA  1 
ATOM   975  C C   . GLY A 1 129 ? 7.987   -5.204  -7.021  1.00 11.47 ? 142 GLY A C   1 
ATOM   976  O O   . GLY A 1 129 ? 8.885   -4.432  -7.327  1.00 10.28 ? 142 GLY A O   1 
ATOM   977  N N   . ILE A 1 130 ? 7.572   -6.218  -7.792  1.00 14.81 ? 143 ILE A N   1 
ATOM   978  C CA  . ILE A 1 130 ? 8.124   -6.528  -9.121  1.00 16.88 ? 143 ILE A CA  1 
ATOM   979  C C   . ILE A 1 130 ? 8.084   -5.310  -10.058 1.00 15.82 ? 143 ILE A C   1 
ATOM   980  O O   . ILE A 1 130 ? 7.108   -4.547  -10.067 1.00 17.75 ? 143 ILE A O   1 
ATOM   981  C CB  . ILE A 1 130 ? 7.368   -7.733  -9.736  1.00 17.45 ? 143 ILE A CB  1 
ATOM   982  C CG1 . ILE A 1 130 ? 7.783   -9.015  -9.028  1.00 17.96 ? 143 ILE A CG1 1 
ATOM   983  C CG2 . ILE A 1 130 ? 7.581   -7.834  -11.237 1.00 16.92 ? 143 ILE A CG2 1 
ATOM   984  C CD1 . ILE A 1 130 ? 6.854   -10.167 -9.355  1.00 20.93 ? 143 ILE A CD1 1 
ATOM   985  N N   . VAL A 1 131 ? 9.163   -5.129  -10.820 1.00 14.58 ? 144 VAL A N   1 
ATOM   986  C CA  . VAL A 1 131 ? 9.301   -3.997  -11.740 1.00 14.12 ? 144 VAL A CA  1 
ATOM   987  C C   . VAL A 1 131 ? 9.099   -4.305  -13.225 1.00 17.43 ? 144 VAL A C   1 
ATOM   988  O O   . VAL A 1 131 ? 8.876   -3.391  -14.025 1.00 17.73 ? 144 VAL A O   1 
ATOM   989  C CB  . VAL A 1 131 ? 10.697  -3.274  -11.606 1.00 14.34 ? 144 VAL A CB  1 
ATOM   990  C CG1 . VAL A 1 131 ? 10.839  -2.613  -10.244 1.00 17.10 ? 144 VAL A CG1 1 
ATOM   991  C CG2 . VAL A 1 131 ? 11.847  -4.250  -11.874 1.00 15.41 ? 144 VAL A CG2 1 
ATOM   992  N N   . ASN A 1 132 ? 9.195   -5.572  -13.608 1.00 16.12 ? 145 ASN A N   1 
ATOM   993  C CA  . ASN A 1 132 ? 9.034   -5.919  -15.013 1.00 14.99 ? 145 ASN A CA  1 
ATOM   994  C C   . ASN A 1 132 ? 8.388   -7.279  -15.224 1.00 14.63 ? 145 ASN A C   1 
ATOM   995  O O   . ASN A 1 132 ? 8.181   -8.035  -14.268 1.00 10.94 ? 145 ASN A O   1 
ATOM   996  C CB  . ASN A 1 132 ? 10.372  -5.818  -15.777 1.00 12.16 ? 145 ASN A CB  1 
ATOM   997  C CG  . ASN A 1 132 ? 11.412  -6.805  -15.281 1.00 13.35 ? 145 ASN A CG  1 
ATOM   998  O OD1 . ASN A 1 132 ? 11.117  -7.734  -14.511 1.00 17.37 ? 145 ASN A OD1 1 
ATOM   999  N ND2 . ASN A 1 132 ? 12.644  -6.607  -15.721 1.00 19.02 ? 145 ASN A ND2 1 
ATOM   1000 N N   . HIS A 1 133 ? 8.081   -7.604  -16.475 1.00 12.90 ? 146 HIS A N   1 
ATOM   1001 C CA  . HIS A 1 133 ? 7.406   -8.866  -16.756 1.00 15.91 ? 146 HIS A CA  1 
ATOM   1002 C C   . HIS A 1 133 ? 8.212   -10.098 -16.332 1.00 14.43 ? 146 HIS A C   1 
ATOM   1003 O O   . HIS A 1 133 ? 7.646   -11.140 -16.026 1.00 11.82 ? 146 HIS A O   1 
ATOM   1004 C CB  . HIS A 1 133 ? 6.996   -8.933  -18.232 1.00 17.00 ? 146 HIS A CB  1 
ATOM   1005 C CG  . HIS A 1 133 ? 6.109   -10.097 -18.548 1.00 21.83 ? 146 HIS A CG  1 
ATOM   1006 N ND1 . HIS A 1 133 ? 4.754   -10.095 -18.286 1.00 23.82 ? 146 HIS A ND1 1 
ATOM   1007 C CD2 . HIS A 1 133 ? 6.396   -11.325 -19.047 1.00 21.90 ? 146 HIS A CD2 1 
ATOM   1008 C CE1 . HIS A 1 133 ? 4.245   -11.275 -18.605 1.00 24.81 ? 146 HIS A CE1 1 
ATOM   1009 N NE2 . HIS A 1 133 ? 5.219   -12.040 -19.068 1.00 26.46 ? 146 HIS A NE2 1 
ATOM   1010 N N   . ALA A 1 134 ? 9.537   -9.948  -16.266 1.00 14.07 ? 147 ALA A N   1 
ATOM   1011 C CA  . ALA A 1 134 ? 10.451  -11.043 -15.882 1.00 13.67 ? 147 ALA A CA  1 
ATOM   1012 C C   . ALA A 1 134 ? 10.376  -11.457 -14.396 1.00 13.01 ? 147 ALA A C   1 
ATOM   1013 O O   . ALA A 1 134 ? 10.890  -12.521 -14.008 1.00 14.63 ? 147 ALA A O   1 
ATOM   1014 C CB  . ALA A 1 134 ? 11.903  -10.679 -16.274 1.00 12.86 ? 147 ALA A CB  1 
ATOM   1015 N N   . GLY A 1 135 ? 9.732   -10.628 -13.569 1.00 14.51 ? 149 GLY A N   1 
ATOM   1016 C CA  . GLY A 1 135 ? 9.600   -10.965 -12.162 1.00 14.44 ? 149 GLY A CA  1 
ATOM   1017 C C   . GLY A 1 135 ? 10.739  -10.434 -11.341 1.00 14.71 ? 149 GLY A C   1 
ATOM   1018 O O   . GLY A 1 135 ? 10.929  -10.823 -10.181 1.00 15.62 ? 149 GLY A O   1 
ATOM   1019 N N   . ARG A 1 136 ? 11.474  -9.510  -11.943 1.00 17.69 ? 150 ARG A N   1 
ATOM   1020 C CA  . ARG A 1 136 ? 12.618  -8.871  -11.302 1.00 17.50 ? 150 ARG A CA  1 
ATOM   1021 C C   . ARG A 1 136 ? 12.201  -8.010  -10.089 1.00 18.20 ? 150 ARG A C   1 
ATOM   1022 O O   . ARG A 1 136 ? 11.319  -7.155  -10.194 1.00 16.75 ? 150 ARG A O   1 
ATOM   1023 C CB  . ARG A 1 136 ? 13.376  -8.037  -12.353 1.00 20.91 ? 150 ARG A CB  1 
ATOM   1024 C CG  . ARG A 1 136 ? 14.435  -7.084  -11.810 1.00 20.81 ? 150 ARG A CG  1 
ATOM   1025 C CD  . ARG A 1 136 ? 15.062  -6.313  -12.948 1.00 27.29 ? 150 ARG A CD  1 
ATOM   1026 N NE  . ARG A 1 136 ? 15.468  -4.955  -12.571 1.00 30.73 ? 150 ARG A NE  1 
ATOM   1027 C CZ  . ARG A 1 136 ? 16.650  -4.417  -12.879 1.00 34.56 ? 150 ARG A CZ  1 
ATOM   1028 N NH1 . ARG A 1 136 ? 17.556  -5.142  -13.537 1.00 36.18 ? 150 ARG A NH1 1 
ATOM   1029 N NH2 . ARG A 1 136 ? 16.949  -3.169  -12.507 1.00 34.31 ? 150 ARG A NH2 1 
ATOM   1030 N N   . ARG A 1 137 ? 12.831  -8.257  -8.940  1.00 16.62 ? 151 ARG A N   1 
ATOM   1031 C CA  . ARG A 1 137 ? 12.544  -7.519  -7.704  1.00 18.39 ? 151 ARG A CA  1 
ATOM   1032 C C   . ARG A 1 137 ? 13.662  -6.529  -7.357  1.00 16.93 ? 151 ARG A C   1 
ATOM   1033 O O   . ARG A 1 137 ? 14.841  -6.911  -7.243  1.00 14.40 ? 151 ARG A O   1 
ATOM   1034 C CB  . ARG A 1 137 ? 12.262  -8.479  -6.537  1.00 20.39 ? 151 ARG A CB  1 
ATOM   1035 C CG  . ARG A 1 137 ? 10.959  -9.280  -6.684  1.00 31.09 ? 151 ARG A CG  1 
ATOM   1036 C CD  . ARG A 1 137 ? 10.752  -10.287 -5.533  1.00 39.78 ? 151 ARG A CD  1 
ATOM   1037 N NE  . ARG A 1 137 ? 9.499   -11.039 -5.698  1.00 42.89 ? 151 ARG A NE  1 
ATOM   1038 C CZ  . ARG A 1 137 ? 9.044   -11.982 -4.863  1.00 39.22 ? 151 ARG A CZ  1 
ATOM   1039 N NH1 . ARG A 1 137 ? 9.710   -12.304 -3.748  1.00 39.27 ? 151 ARG A NH1 1 
ATOM   1040 N NH2 . ARG A 1 137 ? 7.886   -12.586 -5.138  1.00 30.19 ? 151 ARG A NH2 1 
ATOM   1041 N N   . PRO A 1 138 ? 13.301  -5.241  -7.186  1.00 16.68 ? 152 PRO A N   1 
ATOM   1042 C CA  . PRO A 1 138 ? 14.262  -4.195  -6.864  1.00 15.94 ? 152 PRO A CA  1 
ATOM   1043 C C   . PRO A 1 138 ? 14.739  -4.214  -5.414  1.00 15.69 ? 152 PRO A C   1 
ATOM   1044 O O   . PRO A 1 138 ? 14.042  -4.682  -4.513  1.00 18.06 ? 152 PRO A O   1 
ATOM   1045 C CB  . PRO A 1 138 ? 13.494  -2.914  -7.226  1.00 14.71 ? 152 PRO A CB  1 
ATOM   1046 C CG  . PRO A 1 138 ? 12.062  -3.241  -6.834  1.00 12.01 ? 152 PRO A CG  1 
ATOM   1047 C CD  . PRO A 1 138 ? 11.928  -4.704  -7.271  1.00 12.70 ? 152 PRO A CD  1 
ATOM   1048 N N   . ASP A 1 139 ? 15.965  -3.754  -5.225  1.00 14.96 ? 153 ASP A N   1 
ATOM   1049 C CA  . ASP A 1 139 ? 16.590  -3.663  -3.910  1.00 17.50 ? 153 ASP A CA  1 
ATOM   1050 C C   . ASP A 1 139 ? 16.152  -2.349  -3.239  1.00 17.93 ? 153 ASP A C   1 
ATOM   1051 O O   . ASP A 1 139 ? 15.983  -2.300  -2.026  1.00 20.26 ? 153 ASP A O   1 
ATOM   1052 C CB  . ASP A 1 139 ? 18.122  -3.689  -4.068  1.00 18.11 ? 153 ASP A CB  1 
ATOM   1053 C CG  . ASP A 1 139 ? 18.849  -3.156  -2.841  1.00 18.55 ? 153 ASP A CG  1 
ATOM   1054 O OD1 . ASP A 1 139 ? 18.574  -3.711  -1.743  1.00 15.22 ? 153 ASP A OD1 1 
ATOM   1055 O OD2 . ASP A 1 139 ? 19.647  -2.173  -2.969  1.00 23.40 ? 153 ASP A OD2 1 
ATOM   1056 N N   . SER A 1 140 ? 16.000  -1.294  -4.051  1.00 17.22 ? 154 SER A N   1 
ATOM   1057 C CA  . SER A 1 140 ? 15.612  0.049   -3.597  1.00 16.72 ? 154 SER A CA  1 
ATOM   1058 C C   . SER A 1 140 ? 14.171  0.445   -3.926  1.00 15.08 ? 154 SER A C   1 
ATOM   1059 O O   . SER A 1 140 ? 13.600  -0.014  -4.899  1.00 14.27 ? 154 SER A O   1 
ATOM   1060 C CB  . SER A 1 140 ? 16.544  1.093   -4.193  1.00 18.87 ? 154 SER A CB  1 
ATOM   1061 O OG  . SER A 1 140 ? 17.806  1.064   -3.553  1.00 27.46 ? 154 SER A OG  1 
ATOM   1062 N N   . LEU A 1 141 ? 13.611  1.325   -3.103  1.00 16.00 ? 155 LEU A N   1 
ATOM   1063 C CA  . LEU A 1 141 ? 12.242  1.794   -3.271  1.00 12.63 ? 155 LEU A CA  1 
ATOM   1064 C C   . LEU A 1 141 ? 11.986  2.463   -4.627  1.00 11.47 ? 155 LEU A C   1 
ATOM   1065 O O   . LEU A 1 141 ? 12.736  3.337   -5.053  1.00 13.10 ? 155 LEU A O   1 
ATOM   1066 C CB  . LEU A 1 141 ? 11.858  2.740   -2.116  1.00 11.52 ? 155 LEU A CB  1 
ATOM   1067 C CG  . LEU A 1 141 ? 10.409  3.218   -2.071  1.00 8.43  ? 155 LEU A CG  1 
ATOM   1068 C CD1 . LEU A 1 141 ? 9.513   2.087   -1.623  1.00 11.96 ? 155 LEU A CD1 1 
ATOM   1069 C CD2 . LEU A 1 141 ? 10.273  4.388   -1.105  1.00 10.36 ? 155 LEU A CD2 1 
ATOM   1070 N N   . GLN A 1 142 ? 10.926  2.019   -5.294  1.00 10.12 ? 156 GLN A N   1 
ATOM   1071 C CA  . GLN A 1 142 ? 10.509  2.556   -6.595  1.00 9.55  ? 156 GLN A CA  1 
ATOM   1072 C C   . GLN A 1 142 ? 9.235   3.352   -6.360  1.00 11.78 ? 156 GLN A C   1 
ATOM   1073 O O   . GLN A 1 142 ? 8.610   3.232   -5.301  1.00 14.32 ? 156 GLN A O   1 
ATOM   1074 C CB  . GLN A 1 142 ? 10.197  1.419   -7.595  1.00 8.39  ? 156 GLN A CB  1 
ATOM   1075 C CG  . GLN A 1 142 ? 11.332  0.400   -7.782  1.00 9.14  ? 156 GLN A CG  1 
ATOM   1076 C CD  . GLN A 1 142 ? 12.609  1.019   -8.367  1.00 12.14 ? 156 GLN A CD  1 
ATOM   1077 O OE1 . GLN A 1 142 ? 13.736  0.828   -7.838  1.00 16.18 ? 156 GLN A OE1 1 
ATOM   1078 N NE2 . GLN A 1 142 ? 12.449  1.737   -9.484  1.00 15.76 ? 156 GLN A NE2 1 
ATOM   1079 N N   . HIS A 1 143 ? 8.854   4.172   -7.337  1.00 13.10 ? 157 HIS A N   1 
ATOM   1080 C CA  . HIS A 1 143 ? 7.623   4.954   -7.243  1.00 11.26 ? 157 HIS A CA  1 
ATOM   1081 C C   . HIS A 1 143 ? 7.130   5.362   -8.622  1.00 12.21 ? 157 HIS A C   1 
ATOM   1082 O O   . HIS A 1 143 ? 7.918   5.378   -9.578  1.00 12.66 ? 157 HIS A O   1 
ATOM   1083 C CB  . HIS A 1 143 ? 7.812   6.188   -6.312  1.00 13.78 ? 157 HIS A CB  1 
ATOM   1084 C CG  . HIS A 1 143 ? 8.387   7.416   -6.974  1.00 13.92 ? 157 HIS A CG  1 
ATOM   1085 N ND1 . HIS A 1 143 ? 7.604   8.467   -7.407  1.00 12.11 ? 157 HIS A ND1 1 
ATOM   1086 C CD2 . HIS A 1 143 ? 9.667   7.781   -7.232  1.00 12.91 ? 157 HIS A CD2 1 
ATOM   1087 C CE1 . HIS A 1 143 ? 8.371   9.420   -7.908  1.00 15.68 ? 157 HIS A CE1 1 
ATOM   1088 N NE2 . HIS A 1 143 ? 9.626   9.029   -7.813  1.00 14.92 ? 157 HIS A NE2 1 
ATOM   1089 N N   . VAL A 1 144 ? 5.817   5.571   -8.740  1.00 10.18 ? 158 VAL A N   1 
ATOM   1090 C CA  . VAL A 1 144 ? 5.218   6.069   -9.985  1.00 12.69 ? 158 VAL A CA  1 
ATOM   1091 C C   . VAL A 1 144 ? 4.069   6.993   -9.656  1.00 10.92 ? 158 VAL A C   1 
ATOM   1092 O O   . VAL A 1 144 ? 3.482   6.878   -8.579  1.00 10.35 ? 158 VAL A O   1 
ATOM   1093 C CB  . VAL A 1 144 ? 4.540   5.019   -10.921 1.00 13.19 ? 158 VAL A CB  1 
ATOM   1094 C CG1 . VAL A 1 144 ? 5.410   4.683   -12.081 1.00 16.22 ? 158 VAL A CG1 1 
ATOM   1095 C CG2 . VAL A 1 144 ? 3.981   3.855   -10.165 1.00 10.63 ? 158 VAL A CG2 1 
ATOM   1096 N N   . LEU A 1 145 ? 3.767   7.897   -10.595 1.00 12.34 ? 159 LEU A N   1 
ATOM   1097 C CA  . LEU A 1 145 ? 2.641   8.843   -10.511 1.00 12.57 ? 159 LEU A CA  1 
ATOM   1098 C C   . LEU A 1 145 ? 1.602   8.215   -11.423 1.00 13.40 ? 159 LEU A C   1 
ATOM   1099 O O   . LEU A 1 145 ? 1.908   7.883   -12.578 1.00 12.75 ? 159 LEU A O   1 
ATOM   1100 C CB  . LEU A 1 145 ? 3.026   10.237  -11.030 1.00 15.27 ? 159 LEU A CB  1 
ATOM   1101 C CG  . LEU A 1 145 ? 3.969   11.078  -10.146 1.00 17.40 ? 159 LEU A CG  1 
ATOM   1102 C CD1 . LEU A 1 145 ? 4.578   12.235  -10.932 1.00 20.21 ? 159 LEU A CD1 1 
ATOM   1103 C CD2 . LEU A 1 145 ? 3.215   11.613  -8.933  1.00 17.72 ? 159 LEU A CD2 1 
ATOM   1104 N N   . LEU A 1 146 ? 0.422   7.948   -10.873 1.00 11.61 ? 160 LEU A N   1 
ATOM   1105 C CA  . LEU A 1 146 ? -0.681  7.320   -11.610 1.00 9.89  ? 160 LEU A CA  1 
ATOM   1106 C C   . LEU A 1 146 ? -1.921  8.223   -11.641 1.00 9.61  ? 160 LEU A C   1 
ATOM   1107 O O   . LEU A 1 146 ? -2.193  8.930   -10.678 1.00 13.41 ? 160 LEU A O   1 
ATOM   1108 C CB  . LEU A 1 146 ? -1.025  5.983   -10.949 1.00 7.54  ? 160 LEU A CB  1 
ATOM   1109 C CG  . LEU A 1 146 ? -0.508  4.670   -11.541 1.00 8.35  ? 160 LEU A CG  1 
ATOM   1110 C CD1 . LEU A 1 146 ? 0.856   4.809   -12.207 1.00 10.20 ? 160 LEU A CD1 1 
ATOM   1111 C CD2 . LEU A 1 146 ? -0.520  3.606   -10.456 1.00 10.38 ? 160 LEU A CD2 1 
ATOM   1112 N N   . PRO A 1 147 ? -2.618  8.300   -12.791 1.00 9.83  ? 161 PRO A N   1 
ATOM   1113 C CA  . PRO A 1 147 ? -3.816  9.165   -12.832 1.00 11.28 ? 161 PRO A CA  1 
ATOM   1114 C C   . PRO A 1 147 ? -5.043  8.417   -12.313 1.00 10.23 ? 161 PRO A C   1 
ATOM   1115 O O   . PRO A 1 147 ? -5.196  7.216   -12.618 1.00 9.01  ? 161 PRO A O   1 
ATOM   1116 C CB  . PRO A 1 147 ? -3.946  9.515   -14.327 1.00 9.69  ? 161 PRO A CB  1 
ATOM   1117 C CG  . PRO A 1 147 ? -3.428  8.250   -15.020 1.00 9.77  ? 161 PRO A CG  1 
ATOM   1118 C CD  . PRO A 1 147 ? -2.207  7.869   -14.149 1.00 9.60  ? 161 PRO A CD  1 
ATOM   1119 N N   . VAL A 1 148 ? -5.856  9.072   -11.476 1.00 9.59  ? 162 VAL A N   1 
ATOM   1120 C CA  . VAL A 1 148 ? -7.047  8.416   -10.974 1.00 10.39 ? 162 VAL A CA  1 
ATOM   1121 C C   . VAL A 1 148 ? -8.183  8.587   -11.985 1.00 11.53 ? 162 VAL A C   1 
ATOM   1122 O O   . VAL A 1 148 ? -8.400  9.674   -12.565 1.00 11.46 ? 162 VAL A O   1 
ATOM   1123 C CB  . VAL A 1 148 ? -7.462  8.823   -9.525  1.00 13.09 ? 162 VAL A CB  1 
ATOM   1124 C CG1 . VAL A 1 148 ? -6.230  9.174   -8.678  1.00 12.91 ? 162 VAL A CG1 1 
ATOM   1125 C CG2 . VAL A 1 148 ? -8.468  9.928   -9.519  1.00 11.34 ? 162 VAL A CG2 1 
ATOM   1126 N N   . LEU A 1 149 ? -8.819  7.458   -12.268 1.00 12.59 ? 163 LEU A N   1 
ATOM   1127 C CA  . LEU A 1 149 ? -9.925  7.351   -13.212 1.00 13.82 ? 163 LEU A CA  1 
ATOM   1128 C C   . LEU A 1 149 ? -11.239 7.833   -12.570 1.00 14.40 ? 163 LEU A C   1 
ATOM   1129 O O   . LEU A 1 149 ? -11.332 7.913   -11.336 1.00 15.76 ? 163 LEU A O   1 
ATOM   1130 C CB  . LEU A 1 149 ? -10.047 5.866   -13.601 1.00 14.25 ? 163 LEU A CB  1 
ATOM   1131 C CG  . LEU A 1 149 ? -8.887  5.234   -14.365 1.00 15.10 ? 163 LEU A CG  1 
ATOM   1132 C CD1 . LEU A 1 149 ? -9.112  3.770   -14.584 1.00 14.36 ? 163 LEU A CD1 1 
ATOM   1133 C CD2 . LEU A 1 149 ? -8.631  5.968   -15.660 1.00 17.37 ? 163 LEU A CD2 1 
ATOM   1134 N N   . ASP A 1 150 ? -12.240 8.219   -13.368 1.00 15.70 ? 164 ASP A N   1 
ATOM   1135 C CA  . ASP A 1 150 ? -13.500 8.571   -12.718 1.00 19.01 ? 164 ASP A CA  1 
ATOM   1136 C C   . ASP A 1 150 ? -14.223 7.245   -12.326 1.00 18.51 ? 164 ASP A C   1 
ATOM   1137 O O   . ASP A 1 150 ? -13.929 6.162   -12.871 1.00 17.73 ? 164 ASP A O   1 
ATOM   1138 C CB  . ASP A 1 150 ? -14.367 9.589   -13.497 1.00 21.51 ? 164 ASP A CB  1 
ATOM   1139 C CG  . ASP A 1 150 ? -14.851 9.087   -14.835 1.00 24.82 ? 164 ASP A CG  1 
ATOM   1140 O OD1 . ASP A 1 150 ? -14.563 7.923   -15.167 1.00 28.52 ? 164 ASP A OD1 1 
ATOM   1141 O OD2 . ASP A 1 150 ? -15.466 9.851   -15.580 1.00 24.67 ? 164 ASP A OD2 1 
ATOM   1142 N N   . ARG A 1 151 ? -15.115 7.321   -11.349 1.00 17.18 ? 165 ARG A N   1 
ATOM   1143 C CA  . ARG A 1 151 ? -15.786 6.131   -10.859 1.00 21.04 ? 165 ARG A CA  1 
ATOM   1144 C C   . ARG A 1 151 ? -16.511 5.290   -11.915 1.00 21.95 ? 165 ARG A C   1 
ATOM   1145 O O   . ARG A 1 151 ? -16.331 4.080   -11.969 1.00 21.84 ? 165 ARG A O   1 
ATOM   1146 C CB  . ARG A 1 151 ? -16.702 6.490   -9.672  1.00 22.72 ? 165 ARG A CB  1 
ATOM   1147 C CG  . ARG A 1 151 ? -17.580 7.712   -9.897  1.00 26.08 ? 165 ARG A CG  1 
ATOM   1148 C CD  . ARG A 1 151 ? -18.132 8.314   -8.581  1.00 28.00 ? 165 ARG A CD  1 
ATOM   1149 N NE  . ARG A 1 151 ? -17.582 7.703   -7.352  1.00 23.46 ? 165 ARG A NE  1 
ATOM   1150 C CZ  . ARG A 1 151 ? -17.384 6.398   -7.133  1.00 26.62 ? 165 ARG A CZ  1 
ATOM   1151 N NH1 . ARG A 1 151 ? -18.425 5.554   -7.184  1.00 25.82 ? 165 ARG A NH1 1 
ATOM   1152 N NH2 . ARG A 1 151 ? -16.169 5.940   -6.845  1.00 26.82 ? 165 ARG A NH2 1 
ATOM   1153 N N   . ALA A 1 152 ? -17.280 5.928   -12.787 1.00 21.74 ? 166 ALA A N   1 
ATOM   1154 C CA  . ALA A 1 152 ? -18.009 5.200   -13.815 1.00 21.43 ? 166 ALA A CA  1 
ATOM   1155 C C   . ALA A 1 152 ? -17.070 4.393   -14.718 1.00 19.95 ? 166 ALA A C   1 
ATOM   1156 O O   . ALA A 1 152 ? -17.388 3.271   -15.098 1.00 18.57 ? 166 ALA A O   1 
ATOM   1157 C CB  . ALA A 1 152 ? -18.860 6.152   -14.620 1.00 22.26 ? 166 ALA A CB  1 
ATOM   1158 N N   . THR A 1 153 ? -15.903 4.946   -15.037 1.00 20.86 ? 167 THR A N   1 
ATOM   1159 C CA  . THR A 1 153 ? -14.926 4.237   -15.866 1.00 19.92 ? 167 THR A CA  1 
ATOM   1160 C C   . THR A 1 153 ? -14.321 3.071   -15.060 1.00 19.70 ? 167 THR A C   1 
ATOM   1161 O O   . THR A 1 153 ? -14.017 2.016   -15.618 1.00 23.22 ? 167 THR A O   1 
ATOM   1162 C CB  . THR A 1 153 ? -13.804 5.195   -16.351 1.00 19.35 ? 167 THR A CB  1 
ATOM   1163 O OG1 . THR A 1 153 ? -14.389 6.218   -17.167 1.00 22.93 ? 167 THR A OG1 1 
ATOM   1164 C CG2 . THR A 1 153 ? -12.743 4.451   -17.166 1.00 17.47 ? 167 THR A CG2 1 
ATOM   1165 N N   . CYS A 1 154 ? -14.134 3.294   -13.755 1.00 17.92 ? 168 CYS A N   1 
ATOM   1166 C CA  . CYS A 1 154 ? -13.591 2.303   -12.812 1.00 19.78 ? 168 CYS A CA  1 
ATOM   1167 C C   . CYS A 1 154 ? -14.606 1.142   -12.762 1.00 19.89 ? 168 CYS A C   1 
ATOM   1168 O O   . CYS A 1 154 ? -14.255 -0.019  -13.055 1.00 19.46 ? 168 CYS A O   1 
ATOM   1169 C CB  . CYS A 1 154 ? -13.418 2.985   -11.418 1.00 18.74 ? 168 CYS A CB  1 
ATOM   1170 S SG  . CYS A 1 154 ? -12.748 2.098   -9.934  1.00 16.92 ? 168 CYS A SG  1 
ATOM   1171 N N   . ASN A 1 155 ? -15.884 1.502   -12.539 1.00 19.90 ? 169 ASN A N   1 
ATOM   1172 C CA  . ASN A 1 155 ? -17.015 0.557   -12.427 1.00 20.51 ? 169 ASN A CA  1 
ATOM   1173 C C   . ASN A 1 155 ? -17.088 -0.379  -13.633 1.00 23.04 ? 169 ASN A C   1 
ATOM   1174 O O   . ASN A 1 155 ? -17.037 -1.610  -13.489 1.00 24.36 ? 169 ASN A O   1 
ATOM   1175 C CB  . ASN A 1 155 ? -18.354 1.294   -12.349 1.00 20.06 ? 169 ASN A CB  1 
ATOM   1176 C CG  . ASN A 1 155 ? -18.546 2.059   -11.039 1.00 18.47 ? 169 ASN A CG  1 
ATOM   1177 O OD1 . ASN A 1 155 ? -17.590 2.242   -10.288 1.00 24.11 ? 169 ASN A OD1 1 
ATOM   1178 N ND2 . ASN A 1 155 ? -19.738 2.523   -10.714 1.00 13.72 ? 169 ASN A ND2 1 
ATOM   1179 N N   . ARG A 1 156 ? -17.154 0.241   -14.772 1.00 22.44 ? 170 ARG A N   1 
ATOM   1180 C CA  . ARG A 1 156 ? -17.362 -0.441  -16.057 1.00 24.98 ? 170 ARG A CA  1 
ATOM   1181 C C   . ARG A 1 156 ? -16.168 -1.342  -16.384 1.00 24.43 ? 170 ARG A C   1 
ATOM   1182 O O   . ARG A 1 156 ? -16.330 -2.514  -16.751 1.00 20.42 ? 170 ARG A O   1 
ATOM   1183 C CB  . ARG A 1 156 ? -17.503 0.584   -17.186 1.00 29.33 ? 170 ARG A CB  1 
ATOM   1184 C CG  . ARG A 1 156 ? -17.508 -0.058  -18.576 1.00 32.81 ? 170 ARG A CG  1 
ATOM   1185 C CD  . ARG A 1 156 ? -16.502 0.582   -19.535 1.00 39.39 ? 170 ARG A CD  1 
ATOM   1186 N NE  . ARG A 1 156 ? -16.659 2.038   -19.641 1.00 43.80 ? 170 ARG A NE  1 
ATOM   1187 C CZ  . ARG A 1 156 ? -15.763 2.849   -20.218 1.00 46.05 ? 170 ARG A CZ  1 
ATOM   1188 N NH1 . ARG A 1 156 ? -14.635 2.361   -20.751 1.00 45.36 ? 170 ARG A NH1 1 
ATOM   1189 N NH2 . ARG A 1 156 ? -15.906 4.178   -20.314 1.00 44.72 ? 170 ARG A NH2 1 
ATOM   1190 N N   . ARG A 1 157 A -14.989 -0.774  -16.239 1.00 27.26 ? 170 ARG A N   1 
ATOM   1191 C CA  . ARG A 1 157 A -13.747 -1.479  -16.563 1.00 29.44 ? 170 ARG A CA  1 
ATOM   1192 C C   . ARG A 1 157 A -13.535 -2.676  -15.640 1.00 28.02 ? 170 ARG A C   1 
ATOM   1193 O O   . ARG A 1 157 A -13.413 -3.821  -16.083 1.00 27.34 ? 170 ARG A O   1 
ATOM   1194 C CB  . ARG A 1 157 A -12.559 -0.531  -16.474 1.00 32.79 ? 170 ARG A CB  1 
ATOM   1195 C CG  . ARG A 1 157 A -12.183 0.020   -17.849 1.00 37.33 ? 170 ARG A CG  1 
ATOM   1196 C CD  . ARG A 1 157 A -10.920 0.869   -17.838 1.00 40.28 ? 170 ARG A CD  1 
ATOM   1197 N NE  . ARG A 1 157 A -9.699  0.082   -17.637 1.00 47.67 ? 170 ARG A NE  1 
ATOM   1198 C CZ  . ARG A 1 157 A -8.510  0.624   -17.353 1.00 50.16 ? 170 ARG A CZ  1 
ATOM   1199 N NH1 . ARG A 1 157 A -8.372  1.951   -17.239 1.00 50.21 ? 170 ARG A NH1 1 
ATOM   1200 N NH2 . ARG A 1 157 A -7.391  -0.084  -17.163 1.00 50.17 ? 170 ARG A NH2 1 
ATOM   1201 N N   . THR A 1 158 B -13.496 -2.432  -14.358 1.00 29.51 ? 170 THR A N   1 
ATOM   1202 C CA  . THR A 1 158 B -13.263 -3.528  -13.427 1.00 28.96 ? 170 THR A CA  1 
ATOM   1203 C C   . THR A 1 158 B -14.426 -4.570  -13.513 1.00 27.92 ? 170 THR A C   1 
ATOM   1204 O O   . THR A 1 158 B -14.377 -5.523  -14.294 1.00 25.97 ? 170 THR A O   1 
ATOM   1205 C CB  . THR A 1 158 B -13.044 -2.979  -12.008 1.00 28.49 ? 170 THR A CB  1 
ATOM   1206 O OG1 . THR A 1 158 B -14.147 -2.195  -11.598 1.00 29.17 ? 170 THR A OG1 1 
ATOM   1207 C CG2 . THR A 1 158 B -11.792 -2.090  -11.899 1.00 31.04 ? 170 THR A CG2 1 
ATOM   1208 N N   . HIS A 1 159 ? -15.464 -4.348  -12.734 1.00 26.85 ? 171 HIS A N   1 
ATOM   1209 C CA  . HIS A 1 159 ? -16.606 -5.305  -12.513 1.00 23.67 ? 171 HIS A CA  1 
ATOM   1210 C C   . HIS A 1 159 ? -17.289 -5.922  -13.777 1.00 21.90 ? 171 HIS A C   1 
ATOM   1211 O O   . HIS A 1 159 ? -17.365 -7.162  -13.967 1.00 19.33 ? 171 HIS A O   1 
ATOM   1212 C CB  . HIS A 1 159 ? -17.685 -4.576  -11.711 1.00 23.32 ? 171 HIS A CB  1 
ATOM   1213 C CG  . HIS A 1 159 ? -17.161 -4.142  -10.335 1.00 23.13 ? 171 HIS A CG  1 
ATOM   1214 N ND1 . HIS A 1 159 ? -17.472 -4.852  -9.183  1.00 23.11 ? 171 HIS A ND1 1 
ATOM   1215 C CD2 . HIS A 1 159 ? -16.361 -3.110  -9.937  1.00 24.46 ? 171 HIS A CD2 1 
ATOM   1216 C CE1 . HIS A 1 159 ? -16.875 -4.267  -8.162  1.00 21.25 ? 171 HIS A CE1 1 
ATOM   1217 N NE2 . HIS A 1 159 ? -16.208 -3.228  -8.593  1.00 22.14 ? 171 HIS A NE2 1 
ATOM   1218 N N   . HIS A 1 160 ? -17.749 -5.160  -14.516 1.00 18.73 ? 172 HIS A N   1 
ATOM   1219 C CA  . HIS A 1 160 ? -18.522 -5.417  -15.738 1.00 19.38 ? 172 HIS A CA  1 
ATOM   1220 C C   . HIS A 1 160 ? -20.012 -5.484  -15.400 1.00 20.91 ? 172 HIS A C   1 
ATOM   1221 O O   . HIS A 1 160 ? -20.488 -6.503  -14.846 1.00 24.22 ? 172 HIS A O   1 
ATOM   1222 C CB  . HIS A 1 160 ? -18.058 -6.722  -16.383 1.00 11.60 ? 172 HIS A CB  1 
ATOM   1223 C CG  . HIS A 1 160 ? -18.853 -7.095  -17.641 1.00 10.06 ? 172 HIS A CG  1 
ATOM   1224 N ND1 . HIS A 1 160 ? -18.854 -6.302  -18.791 1.00 11.75 ? 172 HIS A ND1 1 
ATOM   1225 C CD2 . HIS A 1 160 ? -19.654 -8.156  -17.917 1.00 10.39 ? 172 HIS A CD2 1 
ATOM   1226 C CE1 . HIS A 1 160 ? -19.631 -6.884  -19.691 1.00 12.20 ? 172 HIS A CE1 1 
ATOM   1227 N NE2 . HIS A 1 160 ? -20.116 -7.990  -19.185 1.00 10.96 ? 172 HIS A NE2 1 
ATOM   1228 N N   . ASP A 1 161 ? -20.589 -4.359  -15.766 1.00 24.96 ? 173 ASP A N   1 
ATOM   1229 C CA  . ASP A 1 161 ? -22.009 -4.023  -15.687 1.00 25.64 ? 173 ASP A CA  1 
ATOM   1230 C C   . ASP A 1 161 ? -22.412 -3.517  -14.285 1.00 27.55 ? 173 ASP A C   1 
ATOM   1231 O O   . ASP A 1 161 ? -22.915 -2.391  -14.143 1.00 31.22 ? 173 ASP A O   1 
ATOM   1232 C CB  . ASP A 1 161 ? -22.851 -5.206  -16.162 1.00 25.09 ? 173 ASP A CB  1 
ATOM   1233 C CG  . ASP A 1 161 ? -23.051 -5.143  -17.682 1.00 26.25 ? 173 ASP A CG  1 
ATOM   1234 O OD1 . ASP A 1 161 ? -22.865 -4.021  -18.302 1.00 23.19 ? 173 ASP A OD1 1 
ATOM   1235 O OD2 . ASP A 1 161 ? -23.392 -6.191  -18.346 1.00 27.98 ? 173 ASP A OD2 1 
ATOM   1236 N N   . GLY A 1 162 ? -22.154 -4.321  -13.261 1.00 28.06 ? 174 GLY A N   1 
ATOM   1237 C CA  . GLY A 1 162 ? -22.641 -4.023  -11.883 1.00 27.36 ? 174 GLY A CA  1 
ATOM   1238 C C   . GLY A 1 162 ? -21.599 -3.413  -10.921 1.00 28.81 ? 174 GLY A C   1 
ATOM   1239 O O   . GLY A 1 162 ? -20.625 -4.093  -10.544 1.00 28.33 ? 174 GLY A O   1 
ATOM   1240 N N   . ALA A 1 163 ? -21.932 -2.172  -10.567 1.00 25.72 ? 175 ALA A N   1 
ATOM   1241 C CA  . ALA A 1 163 ? -21.218 -1.287  -9.608  1.00 22.74 ? 175 ALA A CA  1 
ATOM   1242 C C   . ALA A 1 163 ? -19.795 -1.759  -9.327  1.00 20.65 ? 175 ALA A C   1 
ATOM   1243 O O   . ALA A 1 163 ? -19.572 -2.743  -8.608  1.00 18.98 ? 175 ALA A O   1 
ATOM   1244 C CB  . ALA A 1 163 ? -21.992 -1.243  -8.279  1.00 21.60 ? 175 ALA A CB  1 
ATOM   1245 N N   . ILE A 1 164 ? -18.909 -0.586  -9.119  1.00 19.09 ? 176 ILE A N   1 
ATOM   1246 C CA  . ILE A 1 164 ? -17.669 -0.633  -8.299  1.00 16.80 ? 176 ILE A CA  1 
ATOM   1247 C C   . ILE A 1 164 ? -17.987 0.243   -7.095  1.00 17.67 ? 176 ILE A C   1 
ATOM   1248 O O   . ILE A 1 164 ? -18.355 1.422   -7.252  1.00 21.16 ? 176 ILE A O   1 
ATOM   1249 C CB  . ILE A 1 164 ? -16.347 -0.121  -8.897  1.00 15.61 ? 176 ILE A CB  1 
ATOM   1250 C CG1 . ILE A 1 164 ? -14.925 -0.682  -8.778  1.00 12.54 ? 176 ILE A CG1 1 
ATOM   1251 C CG2 . ILE A 1 164 ? -16.325 1.240   -8.229  1.00 9.67  ? 176 ILE A CG2 1 
ATOM   1252 C CD1 . ILE A 1 164 ? -13.985 -0.228  -9.901  1.00 14.44 ? 176 ILE A CD1 1 
ATOM   1253 N N   . THR A 1 165 ? -17.745 -0.393  -5.969  1.00 19.12 ? 177 THR A N   1 
ATOM   1254 C CA  . THR A 1 165 ? -18.229 0.174   -4.705  1.00 17.56 ? 177 THR A CA  1 
ATOM   1255 C C   . THR A 1 165 ? -17.631 1.567   -4.509  1.00 16.29 ? 177 THR A C   1 
ATOM   1256 O O   . THR A 1 165 ? -16.657 1.949   -5.186  1.00 16.15 ? 177 THR A O   1 
ATOM   1257 C CB  . THR A 1 165 ? -17.870 -0.766  -3.551  1.00 20.37 ? 177 THR A CB  1 
ATOM   1258 O OG1 . THR A 1 165 ? -16.497 -0.659  -3.225  1.00 21.64 ? 177 THR A OG1 1 
ATOM   1259 C CG2 . THR A 1 165 ? -18.150 -2.234  -3.893  1.00 21.86 ? 177 THR A CG2 1 
ATOM   1260 N N   . GLU A 1 166 ? -18.284 2.269   -3.607  1.00 20.02 ? 178 GLU A N   1 
ATOM   1261 C CA  . GLU A 1 166 ? -17.935 3.639   -3.253  1.00 23.02 ? 178 GLU A CA  1 
ATOM   1262 C C   . GLU A 1 166 ? -16.700 3.644   -2.338  1.00 18.01 ? 178 GLU A C   1 
ATOM   1263 O O   . GLU A 1 166 ? -16.157 4.704   -2.004  1.00 16.70 ? 178 GLU A O   1 
ATOM   1264 C CB  . GLU A 1 166 ? -19.117 4.317   -2.530  1.00 33.42 ? 178 GLU A CB  1 
ATOM   1265 C CG  . GLU A 1 166 ? -20.489 4.069   -3.188  1.00 43.69 ? 178 GLU A CG  1 
ATOM   1266 C CD  . GLU A 1 166 ? -20.578 4.557   -4.641  1.00 50.02 ? 178 GLU A CD  1 
ATOM   1267 O OE1 . GLU A 1 166 ? -20.716 5.813   -4.902  1.00 53.85 ? 178 GLU A OE1 1 
ATOM   1268 O OE2 . GLU A 1 166 ? -20.518 3.703   -5.607  1.00 52.52 ? 178 GLU A OE2 1 
ATOM   1269 N N   . ARG A 1 167 ? -16.266 2.444   -1.960  1.00 16.07 ? 179 ARG A N   1 
ATOM   1270 C CA  . ARG A 1 167 ? -15.109 2.264   -1.048  1.00 17.37 ? 179 ARG A CA  1 
ATOM   1271 C C   . ARG A 1 167 ? -13.832 1.914   -1.820  1.00 16.02 ? 179 ARG A C   1 
ATOM   1272 O O   . ARG A 1 167 ? -12.770 1.675   -1.215  1.00 16.51 ? 179 ARG A O   1 
ATOM   1273 C CB  . ARG A 1 167 ? -15.392 1.134   -0.054  1.00 22.01 ? 179 ARG A CB  1 
ATOM   1274 C CG  . ARG A 1 167 ? -16.645 1.385   0.786   1.00 29.62 ? 179 ARG A CG  1 
ATOM   1275 C CD  . ARG A 1 167 ? -16.858 0.339   1.881   1.00 34.14 ? 179 ARG A CD  1 
ATOM   1276 N NE  . ARG A 1 167 ? -16.407 0.795   3.201   1.00 37.28 ? 179 ARG A NE  1 
ATOM   1277 C CZ  . ARG A 1 167 ? -16.765 0.228   4.359   1.00 39.79 ? 179 ARG A CZ  1 
ATOM   1278 N NH1 . ARG A 1 167 ? -17.589 -0.828  4.386   1.00 41.28 ? 179 ARG A NH1 1 
ATOM   1279 N NH2 . ARG A 1 167 ? -16.339 0.653   5.556   1.00 39.11 ? 179 ARG A NH2 1 
ATOM   1280 N N   . LEU A 1 168 ? -13.829 1.998   -3.135  1.00 15.03 ? 180 LEU A N   1 
ATOM   1281 C CA  . LEU A 1 168 ? -12.669 1.706   -3.965  1.00 13.21 ? 180 LEU A CA  1 
ATOM   1282 C C   . LEU A 1 168 ? -12.370 2.833   -4.958  1.00 11.84 ? 180 LEU A C   1 
ATOM   1283 O O   . LEU A 1 168 ? -13.221 3.680   -5.248  1.00 11.30 ? 180 LEU A O   1 
ATOM   1284 C CB  . LEU A 1 168 ? -12.891 0.410   -4.741  1.00 12.83 ? 180 LEU A CB  1 
ATOM   1285 C CG  . LEU A 1 168 ? -13.162 -0.926  -4.039  1.00 9.32  ? 180 LEU A CG  1 
ATOM   1286 C CD1 . LEU A 1 168 ? -13.324 -2.020  -5.109  1.00 9.47  ? 180 LEU A CD1 1 
ATOM   1287 C CD2 . LEU A 1 168 ? -12.023 -1.259  -3.099  1.00 11.51 ? 180 LEU A CD2 1 
ATOM   1288 N N   . MET A 1 169 ? -11.146 2.866   -5.447  1.00 11.91 ? 181 MET A N   1 
ATOM   1289 C CA  . MET A 1 169 ? -10.780 3.880   -6.413  1.00 11.29 ? 181 MET A CA  1 
ATOM   1290 C C   . MET A 1 169 ? -9.832  3.225   -7.397  1.00 10.41 ? 181 MET A C   1 
ATOM   1291 O O   . MET A 1 169 ? -9.159  2.260   -7.050  1.00 8.89  ? 181 MET A O   1 
ATOM   1292 C CB  . MET A 1 169 ? -10.163 5.113   -5.740  1.00 12.36 ? 181 MET A CB  1 
ATOM   1293 C CG  . MET A 1 169 ? -8.873  4.912   -4.959  1.00 9.01  ? 181 MET A CG  1 
ATOM   1294 S SD  . MET A 1 169 ? -8.293  6.465   -4.144  1.00 14.55 ? 181 MET A SD  1 
ATOM   1295 C CE  . MET A 1 169 ? -7.946  7.515   -5.501  1.00 13.11 ? 181 MET A CE  1 
ATOM   1296 N N   . CYS A 1 170 ? -9.894  3.666   -8.651  1.00 6.62  ? 182 CYS A N   1 
ATOM   1297 C CA  . CYS A 1 170 ? -9.053  3.133   -9.716  1.00 8.64  ? 182 CYS A CA  1 
ATOM   1298 C C   . CYS A 1 170 ? -8.040  4.136   -10.247 1.00 8.53  ? 182 CYS A C   1 
ATOM   1299 O O   . CYS A 1 170 ? -8.332  5.336   -10.380 1.00 9.66  ? 182 CYS A O   1 
ATOM   1300 C CB  . CYS A 1 170 ? -9.920  2.753   -10.914 1.00 8.05  ? 182 CYS A CB  1 
ATOM   1301 S SG  . CYS A 1 170 ? -10.933 1.270   -10.264 1.00 17.38 ? 182 CYS A SG  1 
ATOM   1302 N N   . ALA A 1 171 ? -6.898  3.604   -10.671 1.00 8.50  ? 183 ALA A N   1 
ATOM   1303 C CA  . ALA A 1 171 ? -5.844  4.398   -11.293 1.00 10.27 ? 183 ALA A CA  1 
ATOM   1304 C C   . ALA A 1 171 ? -5.384  3.536   -12.490 1.00 12.38 ? 183 ALA A C   1 
ATOM   1305 O O   . ALA A 1 171 ? -5.307  2.302   -12.397 1.00 10.89 ? 183 ALA A O   1 
ATOM   1306 C CB  . ALA A 1 171 ? -4.676  4.630   -10.333 1.00 9.45  ? 183 ALA A CB  1 
ATOM   1307 N N   . GLU A 1 172 ? -5.096  4.160   -13.613 1.00 14.41 ? 184 GLU A N   1 
ATOM   1308 C CA  . GLU A 1 172 ? -4.698  3.420   -14.836 1.00 13.67 ? 184 GLU A CA  1 
ATOM   1309 C C   . GLU A 1 172 ? -3.588  2.397   -14.519 1.00 14.03 ? 184 GLU A C   1 
ATOM   1310 O O   . GLU A 1 172 ? -2.794  2.589   -13.586 1.00 14.06 ? 184 GLU A O   1 
ATOM   1311 C CB  . GLU A 1 172 ? -4.238  4.406   -15.902 1.00 10.90 ? 184 GLU A CB  1 
ATOM   1312 C CG  . GLU A 1 172 ? -5.405  5.215   -16.469 1.00 15.46 ? 184 GLU A CG  1 
ATOM   1313 C CD  . GLU A 1 172 ? -5.008  6.119   -17.631 1.00 19.57 ? 184 GLU A CD  1 
ATOM   1314 O OE1 . GLU A 1 172 ? -3.763  6.316   -17.898 1.00 23.38 ? 184 GLU A OE1 1 
ATOM   1315 O OE2 . GLU A 1 172 ? -5.921  6.690   -18.342 1.00 20.65 ? 184 GLU A OE2 1 
ATOM   1316 N N   . SER A 1 173 ? -3.572  1.324   -15.324 1.00 15.52 ? 185 SER A N   1 
ATOM   1317 C CA  . SER A 1 173 ? -2.611  0.202   -15.154 1.00 13.63 ? 185 SER A CA  1 
ATOM   1318 C C   . SER A 1 173 ? -1.854  -0.139  -16.469 1.00 14.44 ? 185 SER A C   1 
ATOM   1319 O O   . SER A 1 173 ? -1.007  -1.040  -16.501 1.00 15.11 ? 185 SER A O   1 
ATOM   1320 C CB  . SER A 1 173 ? -3.363  -1.067  -14.698 1.00 11.64 ? 185 SER A CB  1 
ATOM   1321 O OG  . SER A 1 173 ? -4.242  -1.526  -15.720 1.00 15.36 ? 185 SER A OG  1 
ATOM   1322 N N   . ASN A 1 174 ? -1.901  0.663   -17.482 1.00 17.96 ? 186 ASN A N   1 
ATOM   1323 C CA  . ASN A 1 174 ? -1.656  0.438   -18.914 1.00 19.44 ? 186 ASN A CA  1 
ATOM   1324 C C   . ASN A 1 174 ? -0.143  0.320   -19.226 1.00 19.43 ? 186 ASN A C   1 
ATOM   1325 O O   . ASN A 1 174 ? 0.279   -0.498  -20.051 1.00 20.78 ? 186 ASN A O   1 
ATOM   1326 C CB  . ASN A 1 174 ? -2.173  1.613   -19.745 1.00 22.18 ? 186 ASN A CB  1 
ATOM   1327 C CG  . ASN A 1 174 ? -3.686  1.596   -19.961 1.00 27.60 ? 186 ASN A CG  1 
ATOM   1328 O OD1 . ASN A 1 174 ? -4.277  0.529   -20.106 1.00 27.62 ? 186 ASN A OD1 1 
ATOM   1329 N ND2 . ASN A 1 174 ? -4.356  2.734   -19.991 1.00 32.34 ? 186 ASN A ND2 1 
ATOM   1330 N N   . ARG A 1 175 ? 0.676   1.145   -18.573 1.00 18.37 ? 187 ARG A N   1 
ATOM   1331 C CA  . ARG A 1 175 ? 2.145   1.187   -18.849 1.00 20.42 ? 187 ARG A CA  1 
ATOM   1332 C C   . ARG A 1 175 ? 2.954   1.336   -17.548 1.00 20.59 ? 187 ARG A C   1 
ATOM   1333 O O   . ARG A 1 175 ? 4.176   1.090   -17.527 1.00 23.97 ? 187 ARG A O   1 
ATOM   1334 C CB  . ARG A 1 175 ? 2.444   2.397   -19.747 1.00 27.35 ? 187 ARG A CB  1 
ATOM   1335 C CG  . ARG A 1 175 ? 3.586   2.173   -20.743 1.00 39.40 ? 187 ARG A CG  1 
ATOM   1336 C CD  . ARG A 1 175 ? 4.931   2.685   -20.225 1.00 46.70 ? 187 ARG A CD  1 
ATOM   1337 N NE  . ARG A 1 175 ? 6.015   2.682   -21.230 1.00 51.47 ? 187 ARG A NE  1 
ATOM   1338 C CZ  . ARG A 1 175 ? 5.860   2.465   -22.548 1.00 52.25 ? 187 ARG A CZ  1 
ATOM   1339 N NH1 . ARG A 1 175 ? 4.660   2.201   -23.078 1.00 51.90 ? 187 ARG A NH1 1 
ATOM   1340 N NH2 . ARG A 1 175 ? 6.868   2.514   -23.437 1.00 53.37 ? 187 ARG A NH2 1 
ATOM   1341 N N   . ARG A 1 176 ? 2.207   1.750   -16.543 1.00 18.31 ? 188 ARG A N   1 
ATOM   1342 C CA  . ARG A 1 176 ? 2.668   1.977   -15.159 1.00 18.55 ? 188 ARG A CA  1 
ATOM   1343 C C   . ARG A 1 176 ? 1.631   1.331   -14.237 1.00 17.29 ? 188 ARG A C   1 
ATOM   1344 O O   . ARG A 1 176 ? 0.418   1.436   -14.462 1.00 16.56 ? 188 ARG A O   1 
ATOM   1345 C CB  . ARG A 1 176 ? 2.782   3.486   -14.910 1.00 20.62 ? 188 ARG A CB  1 
ATOM   1346 C CG  . ARG A 1 176 ? 3.680   4.177   -15.941 1.00 27.90 ? 188 ARG A CG  1 
ATOM   1347 C CD  . ARG A 1 176 ? 3.847   5.682   -15.710 1.00 33.04 ? 188 ARG A CD  1 
ATOM   1348 N NE  . ARG A 1 176 ? 3.306   6.490   -16.813 1.00 40.42 ? 188 ARG A NE  1 
ATOM   1349 C CZ  . ARG A 1 176 ? 3.800   6.508   -18.064 1.00 41.73 ? 188 ARG A CZ  1 
ATOM   1350 N NH1 . ARG A 1 176 ? 5.116   6.398   -18.298 1.00 41.28 ? 188 ARG A NH1 1 
ATOM   1351 N NH2 . ARG A 1 176 ? 3.043   6.614   -19.166 1.00 44.36 ? 188 ARG A NH2 1 
ATOM   1352 N N   . ASP A 1 177 ? 2.100   0.666   -13.199 1.00 14.20 ? 189 ASP A N   1 
ATOM   1353 C CA  . ASP A 1 177 ? 1.189   -0.103  -12.341 1.00 11.09 ? 189 ASP A CA  1 
ATOM   1354 C C   . ASP A 1 177 ? 1.851   -0.476  -11.009 1.00 13.80 ? 189 ASP A C   1 
ATOM   1355 O O   . ASP A 1 177 ? 3.063   -0.315  -10.822 1.00 12.65 ? 189 ASP A O   1 
ATOM   1356 C CB  . ASP A 1 177 ? 0.837   -1.371  -13.124 1.00 11.62 ? 189 ASP A CB  1 
ATOM   1357 C CG  . ASP A 1 177 ? -0.423  -2.098  -12.666 1.00 11.53 ? 189 ASP A CG  1 
ATOM   1358 O OD1 . ASP A 1 177 ? -0.858  -1.943  -11.468 1.00 7.38  ? 189 ASP A OD1 1 
ATOM   1359 O OD2 . ASP A 1 177 ? -1.034  -2.891  -13.484 1.00 12.30 ? 189 ASP A OD2 1 
ATOM   1360 N N   . SER A 1 178 ? 1.048   -1.128  -10.189 1.00 10.00 ? 190 SER A N   1 
ATOM   1361 C CA  . SER A 1 178 ? 1.562   -1.794  -9.016  1.00 12.70 ? 190 SER A CA  1 
ATOM   1362 C C   . SER A 1 178 ? 1.570   -3.278  -9.378  1.00 12.89 ? 190 SER A C   1 
ATOM   1363 O O   . SER A 1 178 ? 0.659   -3.776  -10.054 1.00 12.31 ? 190 SER A O   1 
ATOM   1364 C CB  . SER A 1 178 ? 0.672   -1.503  -7.822  1.00 11.28 ? 190 SER A CB  1 
ATOM   1365 O OG  . SER A 1 178 ? -0.613  -2.054  -8.045  1.00 16.57 ? 190 SER A OG  1 
ATOM   1366 N N   . CYS A 1 179 ? 2.596   -3.983  -8.960  1.00 12.24 ? 191 CYS A N   1 
ATOM   1367 C CA  . CYS A 1 179 ? 2.691   -5.425  -9.244  1.00 12.46 ? 191 CYS A CA  1 
ATOM   1368 C C   . CYS A 1 179 ? 2.871   -6.197  -7.943  1.00 13.06 ? 191 CYS A C   1 
ATOM   1369 O O   . CYS A 1 179 ? 2.677   -5.650  -6.849  1.00 13.66 ? 191 CYS A O   1 
ATOM   1370 C CB  . CYS A 1 179 ? 3.865   -5.704  -10.176 1.00 13.98 ? 191 CYS A CB  1 
ATOM   1371 S SG  . CYS A 1 179 ? 3.566   -5.105  -11.910 1.00 18.79 ? 191 CYS A SG  1 
ATOM   1372 N N   . LYS A 1 180 ? 3.048   -7.495  -8.053  1.00 14.97 ? 192 LYS A N   1 
ATOM   1373 C CA  . LYS A 1 180 ? 3.109   -8.288  -6.846  1.00 12.68 ? 192 LYS A CA  1 
ATOM   1374 C C   . LYS A 1 180 ? 4.199   -7.728  -5.961  1.00 10.18 ? 192 LYS A C   1 
ATOM   1375 O O   . LYS A 1 180 ? 5.292   -7.344  -6.444  1.00 10.28 ? 192 LYS A O   1 
ATOM   1376 C CB  . LYS A 1 180 ? 3.331   -9.762  -7.146  1.00 14.29 ? 192 LYS A CB  1 
ATOM   1377 C CG  . LYS A 1 180 ? 3.140   -10.626 -5.899  1.00 18.69 ? 192 LYS A CG  1 
ATOM   1378 C CD  . LYS A 1 180 ? 2.994   -12.139 -6.191  1.00 18.82 ? 192 LYS A CD  1 
ATOM   1379 C CE  . LYS A 1 180 ? 2.301   -12.896 -4.988  1.00 20.31 ? 192 LYS A CE  1 
ATOM   1380 N NZ  . LYS A 1 180 ? 2.660   -12.336 -3.604  1.00 20.50 ? 192 LYS A NZ  1 
ATOM   1381 N N   . GLY A 1 181 ? 3.855   -7.580  -4.682  1.00 6.28  ? 193 GLY A N   1 
ATOM   1382 C CA  . GLY A 1 181 ? 4.799   -7.050  -3.706  1.00 7.11  ? 193 GLY A CA  1 
ATOM   1383 C C   . GLY A 1 181 ? 4.469   -5.621  -3.347  1.00 6.06  ? 193 GLY A C   1 
ATOM   1384 O O   . GLY A 1 181 ? 4.968   -5.087  -2.341  1.00 6.65  ? 193 GLY A O   1 
ATOM   1385 N N   . ASP A 1 182 ? 3.635   -4.989  -4.159  1.00 7.72  ? 194 ASP A N   1 
ATOM   1386 C CA  . ASP A 1 182 ? 3.222   -3.607  -3.911  1.00 8.48  ? 194 ASP A CA  1 
ATOM   1387 C C   . ASP A 1 182 ? 1.942   -3.438  -3.099  1.00 9.90  ? 194 ASP A C   1 
ATOM   1388 O O   . ASP A 1 182 ? 1.599   -2.329  -2.691  1.00 12.69 ? 194 ASP A O   1 
ATOM   1389 C CB  . ASP A 1 182 ? 3.115   -2.854  -5.217  1.00 8.67  ? 194 ASP A CB  1 
ATOM   1390 C CG  . ASP A 1 182 ? 4.476   -2.660  -5.902  1.00 9.62  ? 194 ASP A CG  1 
ATOM   1391 O OD1 . ASP A 1 182 ? 5.470   -2.330  -5.225  1.00 5.73  ? 194 ASP A OD1 1 
ATOM   1392 O OD2 . ASP A 1 182 ? 4.527   -2.813  -7.135  1.00 6.42  ? 194 ASP A OD2 1 
ATOM   1393 N N   . SER A 1 183 ? 1.218   -4.536  -2.882  1.00 8.70  ? 195 SER A N   1 
ATOM   1394 C CA  . SER A 1 183 ? -0.013  -4.491  -2.074  1.00 10.53 ? 195 SER A CA  1 
ATOM   1395 C C   . SER A 1 183 ? 0.312   -3.963  -0.671  1.00 8.80  ? 195 SER A C   1 
ATOM   1396 O O   . SER A 1 183 ? 1.369   -4.266  -0.102  1.00 10.78 ? 195 SER A O   1 
ATOM   1397 C CB  . SER A 1 183 ? -0.592  -5.900  -1.923  1.00 11.52 ? 195 SER A CB  1 
ATOM   1398 O OG  . SER A 1 183 ? -0.650  -6.544  -3.187  1.00 18.10 ? 195 SER A OG  1 
ATOM   1399 N N   . GLY A 1 184 ? -0.609  -3.176  -0.146  1.00 7.20  ? 196 GLY A N   1 
ATOM   1400 C CA  . GLY A 1 184 ? -0.487  -2.612  1.208   1.00 7.06  ? 196 GLY A CA  1 
ATOM   1401 C C   . GLY A 1 184 ? 0.236   -1.250  1.206   1.00 7.43  ? 196 GLY A C   1 
ATOM   1402 O O   . GLY A 1 184 ? 0.234   -0.536  2.216   1.00 8.69  ? 196 GLY A O   1 
ATOM   1403 N N   . GLY A 1 185 ? 0.844   -0.849  0.060   1.00 7.66  ? 197 GLY A N   1 
ATOM   1404 C CA  . GLY A 1 185 ? 1.606   0.395   -0.141  1.00 7.63  ? 197 GLY A CA  1 
ATOM   1405 C C   . GLY A 1 185 ? 0.645   1.585   -0.285  1.00 4.90  ? 197 GLY A C   1 
ATOM   1406 O O   . GLY A 1 185 ? -0.537  1.414   -0.608  1.00 6.91  ? 197 GLY A O   1 
ATOM   1407 N N   . PRO A 1 186 ? 1.081   2.831   -0.011  1.00 8.64  ? 198 PRO A N   1 
ATOM   1408 C CA  . PRO A 1 186 ? 0.225   4.010   -0.158  1.00 8.82  ? 198 PRO A CA  1 
ATOM   1409 C C   . PRO A 1 186 ? -0.001  4.464   -1.590  1.00 7.49  ? 198 PRO A C   1 
ATOM   1410 O O   . PRO A 1 186 ? 0.854   4.173   -2.480  1.00 9.84  ? 198 PRO A O   1 
ATOM   1411 C CB  . PRO A 1 186 ? 1.036   5.143   0.416   1.00 11.84 ? 198 PRO A CB  1 
ATOM   1412 C CG  . PRO A 1 186 ? 2.406   4.594   0.770   1.00 10.49 ? 198 PRO A CG  1 
ATOM   1413 C CD  . PRO A 1 186 ? 2.439   3.124   0.458   1.00 9.51  ? 198 PRO A CD  1 
ATOM   1414 N N   . LEU A 1 187 ? -1.118  5.158   -1.742  1.00 6.22  ? 199 LEU A N   1 
ATOM   1415 C CA  . LEU A 1 187 ? -1.462  5.941   -2.945  1.00 8.17  ? 199 LEU A CA  1 
ATOM   1416 C C   . LEU A 1 187 ? -1.680  7.343   -2.390  1.00 8.09  ? 199 LEU A C   1 
ATOM   1417 O O   . LEU A 1 187 ? -2.705  7.621   -1.755  1.00 8.70  ? 199 LEU A O   1 
ATOM   1418 C CB  . LEU A 1 187 ? -2.726  5.427   -3.654  1.00 9.12  ? 199 LEU A CB  1 
ATOM   1419 C CG  . LEU A 1 187 ? -3.201  6.390   -4.763  1.00 15.37 ? 199 LEU A CG  1 
ATOM   1420 C CD1 . LEU A 1 187 ? -2.336  6.330   -6.027  1.00 14.84 ? 199 LEU A CD1 1 
ATOM   1421 C CD2 . LEU A 1 187 ? -4.633  6.120   -5.232  1.00 12.68 ? 199 LEU A CD2 1 
ATOM   1422 N N   . VAL A 1 188 ? -0.690  8.191   -2.591  1.00 8.23  ? 200 VAL A N   1 
ATOM   1423 C CA  . VAL A 1 188 ? -0.691  9.549   -2.014  1.00 10.45 ? 200 VAL A CA  1 
ATOM   1424 C C   . VAL A 1 188 ? -1.056  10.602  -3.063  1.00 12.35 ? 200 VAL A C   1 
ATOM   1425 O O   . VAL A 1 188 ? -0.291  10.876  -3.995  1.00 12.33 ? 200 VAL A O   1 
ATOM   1426 C CB  . VAL A 1 188 ? 0.697   9.839   -1.429  1.00 11.74 ? 200 VAL A CB  1 
ATOM   1427 C CG1 . VAL A 1 188 ? 0.731   11.087  -0.548  1.00 10.70 ? 200 VAL A CG1 1 
ATOM   1428 C CG2 . VAL A 1 188 ? 1.215   8.691   -0.552  1.00 11.87 ? 200 VAL A CG2 1 
ATOM   1429 N N   . CYS A 1 189 ? -2.082  11.432  -2.695  1.00 12.81 ? 201 CYS A N   1 
ATOM   1430 C CA  . CYS A 1 189 ? -2.499  12.528  -3.565  1.00 12.62 ? 201 CYS A CA  1 
ATOM   1431 C C   . CYS A 1 189 ? -2.368  13.817  -2.805  1.00 12.98 ? 201 CYS A C   1 
ATOM   1432 O O   . CYS A 1 189 ? -2.984  13.995  -1.757  1.00 14.60 ? 201 CYS A O   1 
ATOM   1433 C CB  . CYS A 1 189 ? -3.950  12.382  -4.004  1.00 9.82  ? 201 CYS A CB  1 
ATOM   1434 S SG  . CYS A 1 189 ? -4.399  10.742  -4.666  1.00 14.25 ? 201 CYS A SG  1 
ATOM   1435 N N   . GLY A 1 190 ? -1.511  14.695  -3.304  1.00 14.24 ? 202 GLY A N   1 
ATOM   1436 C CA  . GLY A 1 190 ? -1.318  15.977  -2.650  1.00 15.04 ? 202 GLY A CA  1 
ATOM   1437 C C   . GLY A 1 190 ? -0.922  15.915  -1.177  1.00 14.83 ? 202 GLY A C   1 
ATOM   1438 O O   . GLY A 1 190 ? -1.516  16.617  -0.357  1.00 15.37 ? 202 GLY A O   1 
ATOM   1439 N N   . GLY A 1 191 ? 0.033   15.043  -0.844  1.00 15.43 ? 207 GLY A N   1 
ATOM   1440 C CA  . GLY A 1 191 ? 0.525   14.923  0.523   1.00 14.66 ? 207 GLY A CA  1 
ATOM   1441 C C   . GLY A 1 191 ? -0.270  14.127  1.540   1.00 14.97 ? 207 GLY A C   1 
ATOM   1442 O O   . GLY A 1 191 ? 0.199   13.931  2.652   1.00 15.48 ? 207 GLY A O   1 
ATOM   1443 N N   . VAL A 1 192 ? -1.457  13.655  1.155   1.00 10.77 ? 208 VAL A N   1 
ATOM   1444 C CA  . VAL A 1 192 ? -2.334  12.880  2.031   1.00 9.89  ? 208 VAL A CA  1 
ATOM   1445 C C   . VAL A 1 192 ? -2.554  11.473  1.499   1.00 7.68  ? 208 VAL A C   1 
ATOM   1446 O O   . VAL A 1 192 ? -2.595  11.247  0.284   1.00 6.97  ? 208 VAL A O   1 
ATOM   1447 C CB  . VAL A 1 192 ? -3.708  13.575  2.175   1.00 12.05 ? 208 VAL A CB  1 
ATOM   1448 C CG1 . VAL A 1 192 ? -4.668  12.689  2.974   1.00 14.76 ? 208 VAL A CG1 1 
ATOM   1449 C CG2 . VAL A 1 192 ? -3.538  14.955  2.888   1.00 15.38 ? 208 VAL A CG2 1 
ATOM   1450 N N   . LEU A 1 193 ? -2.610  10.516  2.411   1.00 7.96  ? 209 LEU A N   1 
ATOM   1451 C CA  . LEU A 1 193 ? -2.863  9.125   2.040   1.00 8.72  ? 209 LEU A CA  1 
ATOM   1452 C C   . LEU A 1 193 ? -4.318  9.049   1.584   1.00 9.06  ? 209 LEU A C   1 
ATOM   1453 O O   . LEU A 1 193 ? -5.250  9.272   2.371   1.00 7.99  ? 209 LEU A O   1 
ATOM   1454 C CB  . LEU A 1 193 ? -2.659  8.168   3.215   1.00 13.19 ? 209 LEU A CB  1 
ATOM   1455 C CG  . LEU A 1 193 ? -2.922  6.701   2.832   1.00 15.62 ? 209 LEU A CG  1 
ATOM   1456 C CD1 . LEU A 1 193 ? -1.912  6.260   1.798   1.00 14.58 ? 209 LEU A CD1 1 
ATOM   1457 C CD2 . LEU A 1 193 ? -2.852  5.810   4.050   1.00 15.51 ? 209 LEU A CD2 1 
ATOM   1458 N N   . GLU A 1 194 ? -4.504  8.718   0.320   1.00 8.57  ? 210 GLU A N   1 
ATOM   1459 C CA  . GLU A 1 194 ? -5.836  8.635   -0.244  1.00 9.35  ? 210 GLU A CA  1 
ATOM   1460 C C   . GLU A 1 194 ? -6.290  7.167   -0.361  1.00 8.04  ? 210 GLU A C   1 
ATOM   1461 O O   . GLU A 1 194 ? -7.435  6.822   -0.047  1.00 9.39  ? 210 GLU A O   1 
ATOM   1462 C CB  . GLU A 1 194 ? -5.805  9.360   -1.584  1.00 9.08  ? 210 GLU A CB  1 
ATOM   1463 C CG  . GLU A 1 194 ? -7.124  10.009  -2.016  1.00 8.62  ? 210 GLU A CG  1 
ATOM   1464 C CD  . GLU A 1 194 ? -7.739  10.939  -0.969  1.00 10.67 ? 210 GLU A CD  1 
ATOM   1465 O OE1 . GLU A 1 194 ? -7.292  12.137  -0.807  1.00 13.74 ? 210 GLU A OE1 1 
ATOM   1466 O OE2 . GLU A 1 194 ? -8.721  10.511  -0.256  1.00 14.10 ? 210 GLU A OE2 1 
ATOM   1467 N N   . GLY A 1 195 ? -5.398  6.288   -0.798  1.00 8.02  ? 211 GLY A N   1 
ATOM   1468 C CA  . GLY A 1 195 ? -5.757  4.860   -0.956  1.00 9.74  ? 211 GLY A CA  1 
ATOM   1469 C C   . GLY A 1 195 ? -4.607  3.928   -0.550  1.00 9.47  ? 211 GLY A C   1 
ATOM   1470 O O   . GLY A 1 195 ? -3.474  4.366   -0.322  1.00 10.11 ? 211 GLY A O   1 
ATOM   1471 N N   . VAL A 1 196 ? -4.952  2.651   -0.460  1.00 9.10  ? 212 VAL A N   1 
ATOM   1472 C CA  . VAL A 1 196 ? -3.990  1.579   -0.144  1.00 8.81  ? 212 VAL A CA  1 
ATOM   1473 C C   . VAL A 1 196 ? -4.018  0.548   -1.269  1.00 10.20 ? 212 VAL A C   1 
ATOM   1474 O O   . VAL A 1 196 ? -5.081  0.032   -1.635  1.00 10.21 ? 212 VAL A O   1 
ATOM   1475 C CB  . VAL A 1 196 ? -4.345  0.880   1.174   1.00 11.09 ? 212 VAL A CB  1 
ATOM   1476 C CG1 . VAL A 1 196 ? -3.327  -0.200  1.562   1.00 7.16  ? 212 VAL A CG1 1 
ATOM   1477 C CG2 . VAL A 1 196 ? -4.409  1.837   2.365   1.00 10.84 ? 212 VAL A CG2 1 
ATOM   1478 N N   . VAL A 1 197 ? -2.845  0.272   -1.809  1.00 10.29 ? 213 VAL A N   1 
ATOM   1479 C CA  . VAL A 1 197 ? -2.711  -0.687  -2.919  1.00 11.31 ? 213 VAL A CA  1 
ATOM   1480 C C   . VAL A 1 197 ? -3.412  -2.007  -2.570  1.00 12.25 ? 213 VAL A C   1 
ATOM   1481 O O   . VAL A 1 197 ? -3.145  -2.618  -1.526  1.00 10.51 ? 213 VAL A O   1 
ATOM   1482 C CB  . VAL A 1 197 ? -1.236  -0.991  -3.210  1.00 9.44  ? 213 VAL A CB  1 
ATOM   1483 C CG1 . VAL A 1 197 ? -1.046  -1.840  -4.472  1.00 6.77  ? 213 VAL A CG1 1 
ATOM   1484 C CG2 . VAL A 1 197 ? -0.393  0.266   -3.426  1.00 5.79  ? 213 VAL A CG2 1 
ATOM   1485 N N   . SER A 1 198 ? -4.308  -2.410  -3.461  1.00 11.02 ? 214 SER A N   1 
ATOM   1486 C CA  . SER A 1 198 ? -5.061  -3.677  -3.327  1.00 10.55 ? 214 SER A CA  1 
ATOM   1487 C C   . SER A 1 198 ? -4.254  -4.775  -4.025  1.00 11.39 ? 214 SER A C   1 
ATOM   1488 O O   . SER A 1 198 ? -3.042  -4.674  -4.211  1.00 13.34 ? 214 SER A O   1 
ATOM   1489 C CB  . SER A 1 198 ? -6.450  -3.524  -3.948  1.00 11.88 ? 214 SER A CB  1 
ATOM   1490 O OG  . SER A 1 198 ? -7.312  -4.548  -3.471  1.00 15.80 ? 214 SER A OG  1 
ATOM   1491 N N   . TRP A 1 199 ? -4.879  -5.858  -4.442  1.00 10.71 ? 215 TRP A N   1 
ATOM   1492 C CA  . TRP A 1 199 ? -4.091  -6.913  -5.104  1.00 11.23 ? 215 TRP A CA  1 
ATOM   1493 C C   . TRP A 1 199 ? -3.272  -6.287  -6.214  1.00 10.69 ? 215 TRP A C   1 
ATOM   1494 O O   . TRP A 1 199 ? -3.737  -5.356  -6.878  1.00 11.70 ? 215 TRP A O   1 
ATOM   1495 C CB  . TRP A 1 199 ? -4.989  -8.007  -5.679  1.00 11.26 ? 215 TRP A CB  1 
ATOM   1496 C CG  . TRP A 1 199 ? -5.656  -8.843  -4.591  1.00 11.65 ? 215 TRP A CG  1 
ATOM   1497 C CD1 . TRP A 1 199 ? -6.767  -8.527  -3.928  1.00 12.81 ? 215 TRP A CD1 1 
ATOM   1498 C CD2 . TRP A 1 199 ? -5.190  -10.102 -4.106  1.00 12.29 ? 215 TRP A CD2 1 
ATOM   1499 N NE1 . TRP A 1 199 ? -7.024  -9.586  -3.009  1.00 12.52 ? 215 TRP A NE1 1 
ATOM   1500 C CE2 . TRP A 1 199 ? -6.091  -10.501 -3.127  1.00 12.85 ? 215 TRP A CE2 1 
ATOM   1501 C CE3 . TRP A 1 199 ? -4.098  -10.934 -4.405  1.00 11.32 ? 215 TRP A CE3 1 
ATOM   1502 C CZ2 . TRP A 1 199 ? -5.970  -11.702 -2.414  1.00 13.15 ? 215 TRP A CZ2 1 
ATOM   1503 C CZ3 . TRP A 1 199 ? -3.985  -12.143 -3.679  1.00 11.96 ? 215 TRP A CZ3 1 
ATOM   1504 C CH2 . TRP A 1 199 ? -4.879  -12.507 -2.731  1.00 12.59 ? 215 TRP A CH2 1 
ATOM   1505 N N   . GLY A 1 200 ? -2.031  -6.718  -6.376  1.00 26.77 ? 216 GLY A N   1 
ATOM   1506 C CA  . GLY A 1 200 ? -1.243  -6.141  -7.441  1.00 26.86 ? 216 GLY A CA  1 
ATOM   1507 C C   . GLY A 1 200 ? -1.646  -6.807  -8.743  1.00 26.92 ? 216 GLY A C   1 
ATOM   1508 O O   . GLY A 1 200 ? -2.525  -7.691  -8.781  1.00 29.66 ? 216 GLY A O   1 
ATOM   1509 N N   . SER A 1 201 ? -1.046  -6.327  -9.823  1.00 26.91 ? 217 SER A N   1 
ATOM   1510 C CA  . SER A 1 201 ? -1.265  -6.892  -11.147 1.00 26.37 ? 217 SER A CA  1 
ATOM   1511 C C   . SER A 1 201 ? -0.822  -8.393  -11.136 1.00 25.74 ? 217 SER A C   1 
ATOM   1512 O O   . SER A 1 201 ? 0.285   -8.728  -10.702 1.00 29.67 ? 217 SER A O   1 
ATOM   1513 C CB  . SER A 1 201 ? -0.448  -6.080  -12.158 1.00 23.27 ? 217 SER A CB  1 
ATOM   1514 O OG  . SER A 1 201 ? -0.696  -6.515  -13.469 1.00 25.17 ? 217 SER A OG  1 
ATOM   1515 N N   . ARG A 1 202 ? -1.706  -9.278  -11.598 1.00 21.67 ? 218 ARG A N   1 
ATOM   1516 C CA  . ARG A 1 202 ? -1.432  -10.729 -11.650 1.00 17.96 ? 218 ARG A CA  1 
ATOM   1517 C C   . ARG A 1 202 ? -0.129  -11.057 -12.404 1.00 17.33 ? 218 ARG A C   1 
ATOM   1518 O O   . ARG A 1 202 ? 0.736   -11.787 -11.905 1.00 17.95 ? 218 ARG A O   1 
ATOM   1519 C CB  . ARG A 1 202 ? -2.671  -11.460 -12.261 1.00 16.90 ? 218 ARG A CB  1 
ATOM   1520 C CG  . ARG A 1 202 ? -2.343  -12.838 -12.870 1.00 17.44 ? 218 ARG A CG  1 
ATOM   1521 C CD  . ARG A 1 202 ? -2.743  -14.024 -11.973 1.00 16.55 ? 218 ARG A CD  1 
ATOM   1522 N NE  . ARG A 1 202 ? -1.926  -14.111 -10.754 1.00 13.49 ? 218 ARG A NE  1 
ATOM   1523 C CZ  . ARG A 1 202 ? -1.795  -15.208 -9.988  1.00 14.61 ? 218 ARG A CZ  1 
ATOM   1524 N NH1 . ARG A 1 202 ? -2.417  -16.353 -10.298 1.00 16.43 ? 218 ARG A NH1 1 
ATOM   1525 N NH2 . ARG A 1 202 ? -1.063  -15.245 -8.864  1.00 11.69 ? 218 ARG A NH2 1 
ATOM   1526 N N   . VAL A 1 203 ? -0.018  -10.534 -13.595 1.00 16.47 ? 219 VAL A N   1 
ATOM   1527 C CA  . VAL A 1 203 ? 1.192   -10.671 -14.424 1.00 14.97 ? 219 VAL A CA  1 
ATOM   1528 C C   . VAL A 1 203 ? 1.659   -9.239  -14.648 1.00 14.89 ? 219 VAL A C   1 
ATOM   1529 O O   . VAL A 1 203 ? 0.978   -8.441  -15.283 1.00 15.99 ? 219 VAL A O   1 
ATOM   1530 C CB  . VAL A 1 203 ? 0.819   -11.381 -15.727 1.00 17.79 ? 219 VAL A CB  1 
ATOM   1531 C CG1 . VAL A 1 203 ? 2.035   -11.853 -16.520 1.00 23.96 ? 219 VAL A CG1 1 
ATOM   1532 C CG2 . VAL A 1 203 ? -0.042  -12.626 -15.496 1.00 15.76 ? 219 VAL A CG2 1 
ATOM   1533 N N   . CYS A 1 204 ? 2.796   -8.903  -14.057 1.00 14.71 ? 220 CYS A N   1 
ATOM   1534 C CA  . CYS A 1 204 ? 3.350   -7.546  -14.142 1.00 14.48 ? 220 CYS A CA  1 
ATOM   1535 C C   . CYS A 1 204 ? 3.628   -7.110  -15.559 1.00 14.93 ? 220 CYS A C   1 
ATOM   1536 O O   . CYS A 1 204 ? 4.513   -7.648  -16.208 1.00 13.60 ? 220 CYS A O   1 
ATOM   1537 C CB  . CYS A 1 204 ? 4.640   -7.445  -13.341 1.00 14.08 ? 220 CYS A CB  1 
ATOM   1538 S SG  . CYS A 1 204 ? 5.091   -5.734  -12.949 1.00 20.58 ? 220 CYS A SG  1 
ATOM   1539 N N   . GLY A 1 205 ? 2.852   -6.144  -16.035 1.00 15.23 ? 221 GLY A N   1 
ATOM   1540 C CA  . GLY A 1 205 ? 3.035   -5.637  -17.380 1.00 14.30 ? 221 GLY A CA  1 
ATOM   1541 C C   . GLY A 1 205 ? 1.952   -6.016  -18.390 1.00 16.23 ? 221 GLY A C   1 
ATOM   1542 O O   . GLY A 1 205 ? 1.966   -5.547  -19.537 1.00 15.88 ? 221 GLY A O   1 
ATOM   1543 N N   . ASN A 1 206 ? 0.984   -6.850  -18.042 1.00 16.67 ? 222 ASN A N   1 
ATOM   1544 C CA  . ASN A 1 206 ? 0.004   -7.208  -19.086 1.00 14.93 ? 222 ASN A CA  1 
ATOM   1545 C C   . ASN A 1 206 ? -1.469  -7.283  -18.647 1.00 13.09 ? 222 ASN A C   1 
ATOM   1546 O O   . ASN A 1 206 ? -2.262  -8.072  -19.178 1.00 10.37 ? 222 ASN A O   1 
ATOM   1547 C CB  . ASN A 1 206 ? 0.342   -8.550  -19.751 1.00 15.21 ? 222 ASN A CB  1 
ATOM   1548 C CG  . ASN A 1 206 ? 0.914   -9.618  -18.818 1.00 21.67 ? 222 ASN A CG  1 
ATOM   1549 O OD1 . ASN A 1 206 ? 1.983   -9.429  -18.241 1.00 22.51 ? 222 ASN A OD1 1 
ATOM   1550 N ND2 . ASN A 1 206 ? 0.261   -10.755 -18.652 1.00 23.74 ? 222 ASN A ND2 1 
ATOM   1551 N N   . ARG A 1 207 ? -1.877  -6.463  -17.717 1.00 12.99 ? 223 ARG A N   1 
ATOM   1552 C CA  . ARG A 1 207 ? -3.291  -6.430  -17.345 1.00 16.40 ? 223 ARG A CA  1 
ATOM   1553 C C   . ARG A 1 207 ? -3.920  -5.182  -17.979 1.00 15.60 ? 223 ARG A C   1 
ATOM   1554 O O   . ARG A 1 207 ? -3.278  -4.110  -18.014 1.00 18.04 ? 223 ARG A O   1 
ATOM   1555 C CB  . ARG A 1 207 ? -3.433  -6.465  -15.840 1.00 18.67 ? 223 ARG A CB  1 
ATOM   1556 C CG  . ARG A 1 207 ? -3.521  -5.091  -15.208 1.00 28.16 ? 223 ARG A CG  1 
ATOM   1557 C CD  . ARG A 1 207 ? -4.080  -5.198  -13.803 1.00 36.96 ? 223 ARG A CD  1 
ATOM   1558 N NE  . ARG A 1 207 ? -3.424  -4.341  -12.823 1.00 43.89 ? 223 ARG A NE  1 
ATOM   1559 C CZ  . ARG A 1 207 ? -3.804  -4.297  -11.545 1.00 46.48 ? 223 ARG A CZ  1 
ATOM   1560 N NH1 . ARG A 1 207 ? -4.800  -5.026  -11.038 1.00 49.43 ? 223 ARG A NH1 1 
ATOM   1561 N NH2 . ARG A 1 207 ? -3.177  -3.495  -10.671 1.00 46.03 ? 223 ARG A NH2 1 
ATOM   1562 N N   . LYS A 1 208 A -5.135  -5.428  -18.455 1.00 16.71 ? 223 LYS A N   1 
ATOM   1563 C CA  . LYS A 1 208 A -5.982  -4.457  -19.174 1.00 18.54 ? 223 LYS A CA  1 
ATOM   1564 C C   . LYS A 1 208 A -6.930  -3.725  -18.201 1.00 18.57 ? 223 LYS A C   1 
ATOM   1565 O O   . LYS A 1 208 A -7.318  -2.571  -18.433 1.00 21.25 ? 223 LYS A O   1 
ATOM   1566 C CB  . LYS A 1 208 A -6.815  -5.200  -20.237 1.00 21.28 ? 223 LYS A CB  1 
ATOM   1567 C CG  . LYS A 1 208 A -6.032  -6.322  -20.942 1.00 26.29 ? 223 LYS A CG  1 
ATOM   1568 C CD  . LYS A 1 208 A -6.934  -7.393  -21.576 1.00 34.21 ? 223 LYS A CD  1 
ATOM   1569 C CE  . LYS A 1 208 A -6.148  -8.571  -22.163 1.00 37.96 ? 223 LYS A CE  1 
ATOM   1570 N NZ  . LYS A 1 208 A -5.256  -8.177  -23.265 1.00 39.14 ? 223 LYS A NZ  1 
ATOM   1571 N N   . LYS A 1 209 ? -7.281  -4.423  -17.129 1.00 17.35 ? 224 LYS A N   1 
ATOM   1572 C CA  . LYS A 1 209 ? -8.167  -3.888  -16.070 1.00 14.57 ? 224 LYS A CA  1 
ATOM   1573 C C   . LYS A 1 209 ? -7.395  -2.893  -15.194 1.00 14.02 ? 224 LYS A C   1 
ATOM   1574 O O   . LYS A 1 209 ? -6.241  -3.133  -14.816 1.00 12.62 ? 224 LYS A O   1 
ATOM   1575 C CB  . LYS A 1 209 ? -8.649  -5.027  -15.173 1.00 15.11 ? 224 LYS A CB  1 
ATOM   1576 C CG  . LYS A 1 209 ? -10.080 -5.465  -15.472 1.00 18.55 ? 224 LYS A CG  1 
ATOM   1577 C CD  . LYS A 1 209 ? -10.155 -6.729  -16.333 1.00 19.86 ? 224 LYS A CD  1 
ATOM   1578 C CE  . LYS A 1 209 ? -11.316 -7.643  -15.937 1.00 23.62 ? 224 LYS A CE  1 
ATOM   1579 N NZ  . LYS A 1 209 ? -11.508 -8.774  -16.857 1.00 29.16 ? 224 LYS A NZ  1 
ATOM   1580 N N   . PRO A 1 210 ? -7.943  -1.715  -14.852 1.00 13.33 ? 225 PRO A N   1 
ATOM   1581 C CA  . PRO A 1 210 ? -7.236  -0.771  -14.000 1.00 11.09 ? 225 PRO A CA  1 
ATOM   1582 C C   . PRO A 1 210 ? -6.868  -1.299  -12.612 1.00 11.65 ? 225 PRO A C   1 
ATOM   1583 O O   . PRO A 1 210 ? -7.503  -2.222  -12.083 1.00 12.49 ? 225 PRO A O   1 
ATOM   1584 C CB  . PRO A 1 210 ? -8.146  0.434   -13.942 1.00 10.77 ? 225 PRO A CB  1 
ATOM   1585 C CG  . PRO A 1 210 ? -9.372  0.131   -14.786 1.00 10.93 ? 225 PRO A CG  1 
ATOM   1586 C CD  . PRO A 1 210 ? -9.266  -1.273  -15.307 1.00 9.91  ? 225 PRO A CD  1 
ATOM   1587 N N   . GLY A 1 211 ? -5.907  -0.628  -11.988 1.00 11.11 ? 226 GLY A N   1 
ATOM   1588 C CA  . GLY A 1 211 ? -5.498  -1.003  -10.652 1.00 10.67 ? 226 GLY A CA  1 
ATOM   1589 C C   . GLY A 1 211 ? -6.563  -0.520  -9.690  1.00 10.59 ? 226 GLY A C   1 
ATOM   1590 O O   . GLY A 1 211 ? -7.163  0.526   -9.905  1.00 8.62  ? 226 GLY A O   1 
ATOM   1591 N N   . ILE A 1 212 ? -6.787  -1.267  -8.611  1.00 10.20 ? 227 ILE A N   1 
ATOM   1592 C CA  . ILE A 1 212 ? -7.795  -0.893  -7.635  1.00 10.03 ? 227 ILE A CA  1 
ATOM   1593 C C   . ILE A 1 212 ? -7.061  -0.614  -6.321  1.00 7.26  ? 227 ILE A C   1 
ATOM   1594 O O   . ILE A 1 212 ? -6.064  -1.285  -5.984  1.00 8.67  ? 227 ILE A O   1 
ATOM   1595 C CB  . ILE A 1 212 ? -8.820  -2.033  -7.495  1.00 14.04 ? 227 ILE A CB  1 
ATOM   1596 C CG1 . ILE A 1 212 ? -10.051 -1.587  -6.719  1.00 16.17 ? 227 ILE A CG1 1 
ATOM   1597 C CG2 . ILE A 1 212 ? -8.171  -3.223  -6.881  1.00 9.07  ? 227 ILE A CG2 1 
ATOM   1598 C CD1 . ILE A 1 212 ? -10.971 -0.647  -7.569  1.00 20.09 ? 227 ILE A CD1 1 
ATOM   1599 N N   . TYR A 1 213 ? -7.505  0.420   -5.623  1.00 5.51  ? 228 TYR A N   1 
ATOM   1600 C CA  . TYR A 1 213 ? -6.903  0.847   -4.370  1.00 6.07  ? 228 TYR A CA  1 
ATOM   1601 C C   . TYR A 1 213 ? -8.041  1.144   -3.463  1.00 6.27  ? 228 TYR A C   1 
ATOM   1602 O O   . TYR A 1 213 ? -9.048  1.716   -3.933  1.00 6.30  ? 228 TYR A O   1 
ATOM   1603 C CB  . TYR A 1 213 ? -6.104  2.132   -4.586  1.00 6.45  ? 228 TYR A CB  1 
ATOM   1604 C CG  . TYR A 1 213 ? -5.019  1.980   -5.641  1.00 7.23  ? 228 TYR A CG  1 
ATOM   1605 C CD1 . TYR A 1 213 ? -5.350  1.794   -6.986  1.00 8.24  ? 228 TYR A CD1 1 
ATOM   1606 C CD2 . TYR A 1 213 ? -3.656  1.982   -5.286  1.00 10.59 ? 228 TYR A CD2 1 
ATOM   1607 C CE1 . TYR A 1 213 ? -4.357  1.609   -7.936  1.00 7.56  ? 228 TYR A CE1 1 
ATOM   1608 C CE2 . TYR A 1 213 ? -2.664  1.808   -6.231  1.00 10.36 ? 228 TYR A CE2 1 
ATOM   1609 C CZ  . TYR A 1 213 ? -3.013  1.614   -7.546  1.00 10.16 ? 228 TYR A CZ  1 
ATOM   1610 O OH  . TYR A 1 213 ? -2.041  1.357   -8.476  1.00 9.44  ? 228 TYR A OH  1 
ATOM   1611 N N   . THR A 1 214 ? -7.910  0.763   -2.186  1.00 9.63  ? 229 THR A N   1 
ATOM   1612 C CA  . THR A 1 214 ? -8.961  0.979   -1.182  1.00 11.49 ? 229 THR A CA  1 
ATOM   1613 C C   . THR A 1 214 ? -8.907  2.409   -0.682  1.00 11.09 ? 229 THR A C   1 
ATOM   1614 O O   . THR A 1 214 ? -7.847  2.864   -0.295  1.00 7.48  ? 229 THR A O   1 
ATOM   1615 C CB  . THR A 1 214 ? -8.794  0.022   0.021   1.00 13.69 ? 229 THR A CB  1 
ATOM   1616 O OG1 . THR A 1 214 ? -8.744  -1.330  -0.467  1.00 16.64 ? 229 THR A OG1 1 
ATOM   1617 C CG2 . THR A 1 214 ? -9.965  0.153   1.023   1.00 8.21  ? 229 THR A CG2 1 
ATOM   1618 N N   . ARG A 1 215 ? -10.049 3.099   -0.676  1.00 11.82 ? 230 ARG A N   1 
ATOM   1619 C CA  . ARG A 1 215 ? -10.139 4.486   -0.219  1.00 10.81 ? 230 ARG A CA  1 
ATOM   1620 C C   . ARG A 1 215 ? -10.127 4.443   1.294   1.00 10.02 ? 230 ARG A C   1 
ATOM   1621 O O   . ARG A 1 215 ? -10.993 3.786   1.892   1.00 15.42 ? 230 ARG A O   1 
ATOM   1622 C CB  . ARG A 1 215 ? -11.453 5.107   -0.686  1.00 13.40 ? 230 ARG A CB  1 
ATOM   1623 C CG  . ARG A 1 215 ? -11.643 5.083   -2.167  1.00 14.10 ? 230 ARG A CG  1 
ATOM   1624 C CD  . ARG A 1 215 ? -12.952 5.747   -2.580  1.00 13.53 ? 230 ARG A CD  1 
ATOM   1625 N NE  . ARG A 1 215 ? -13.004 7.167   -2.234  1.00 16.42 ? 230 ARG A NE  1 
ATOM   1626 C CZ  . ARG A 1 215 ? -13.827 7.681   -1.325  1.00 14.75 ? 230 ARG A CZ  1 
ATOM   1627 N NH1 . ARG A 1 215 ? -14.665 6.879   -0.688  1.00 13.95 ? 230 ARG A NH1 1 
ATOM   1628 N NH2 . ARG A 1 215 ? -13.812 8.989   -1.059  1.00 16.12 ? 230 ARG A NH2 1 
ATOM   1629 N N   . VAL A 1 216 ? -9.180  5.147   1.929   1.00 10.75 ? 231 VAL A N   1 
ATOM   1630 C CA  . VAL A 1 216 ? -9.121  5.127   3.394   1.00 13.44 ? 231 VAL A CA  1 
ATOM   1631 C C   . VAL A 1 216 ? -10.178 6.006   4.048   1.00 16.24 ? 231 VAL A C   1 
ATOM   1632 O O   . VAL A 1 216 ? -10.597 5.733   5.172   1.00 18.53 ? 231 VAL A O   1 
ATOM   1633 C CB  . VAL A 1 216 ? -7.715  5.477   3.986   1.00 11.02 ? 231 VAL A CB  1 
ATOM   1634 C CG1 . VAL A 1 216 ? -6.678  4.446   3.534   1.00 11.40 ? 231 VAL A CG1 1 
ATOM   1635 C CG2 . VAL A 1 216 ? -7.292  6.889   3.615   1.00 14.17 ? 231 VAL A CG2 1 
ATOM   1636 N N   . ALA A 1 217 ? -10.641 7.024   3.330   1.00 15.50 ? 232 ALA A N   1 
ATOM   1637 C CA  . ALA A 1 217 ? -11.642 7.928   3.884   1.00 13.27 ? 232 ALA A CA  1 
ATOM   1638 C C   . ALA A 1 217 ? -12.932 7.170   4.203   1.00 15.13 ? 232 ALA A C   1 
ATOM   1639 O O   . ALA A 1 217 ? -13.629 7.515   5.162   1.00 15.98 ? 232 ALA A O   1 
ATOM   1640 C CB  . ALA A 1 217 ? -11.895 9.112   2.932   1.00 10.08 ? 232 ALA A CB  1 
ATOM   1641 N N   . SER A 1 218 ? -13.178 6.099   3.438   1.00 15.36 ? 233 SER A N   1 
ATOM   1642 C CA  . SER A 1 218 ? -14.331 5.229   3.592   1.00 16.00 ? 233 SER A CA  1 
ATOM   1643 C C   . SER A 1 218 ? -14.248 4.382   4.867   1.00 15.47 ? 233 SER A C   1 
ATOM   1644 O O   . SER A 1 218 ? -15.229 3.719   5.246   1.00 19.07 ? 233 SER A O   1 
ATOM   1645 C CB  . SER A 1 218 ? -14.435 4.270   2.405   1.00 13.94 ? 233 SER A CB  1 
ATOM   1646 O OG  . SER A 1 218 ? -14.605 4.953   1.176   1.00 22.57 ? 233 SER A OG  1 
ATOM   1647 N N   . TYR A 1 219 ? -13.078 4.385   5.505   1.00 17.21 ? 234 TYR A N   1 
ATOM   1648 C CA  . TYR A 1 219 ? -12.835 3.597   6.704   1.00 16.99 ? 234 TYR A CA  1 
ATOM   1649 C C   . TYR A 1 219 ? -12.306 4.398   7.906   1.00 18.56 ? 234 TYR A C   1 
ATOM   1650 O O   . TYR A 1 219 ? -11.942 3.806   8.933   1.00 20.07 ? 234 TYR A O   1 
ATOM   1651 C CB  . TYR A 1 219 ? -11.875 2.441   6.394   1.00 14.95 ? 234 TYR A CB  1 
ATOM   1652 C CG  . TYR A 1 219 ? -12.413 1.400   5.443   1.00 17.06 ? 234 TYR A CG  1 
ATOM   1653 C CD1 . TYR A 1 219 ? -12.315 1.574   4.070   1.00 15.07 ? 234 TYR A CD1 1 
ATOM   1654 C CD2 . TYR A 1 219 ? -13.026 0.243   5.924   1.00 19.19 ? 234 TYR A CD2 1 
ATOM   1655 C CE1 . TYR A 1 219 ? -12.816 0.625   3.189   1.00 12.48 ? 234 TYR A CE1 1 
ATOM   1656 C CE2 . TYR A 1 219 ? -13.527 -0.711  5.063   1.00 17.89 ? 234 TYR A CE2 1 
ATOM   1657 C CZ  . TYR A 1 219 ? -13.424 -0.521  3.692   1.00 16.59 ? 234 TYR A CZ  1 
ATOM   1658 O OH  . TYR A 1 219 ? -13.939 -1.469  2.837   1.00 17.61 ? 234 TYR A OH  1 
ATOM   1659 N N   . ALA A 1 220 ? -12.327 5.725   7.808   1.00 18.94 ? 235 ALA A N   1 
ATOM   1660 C CA  . ALA A 1 220 ? -11.866 6.591   8.885   1.00 18.96 ? 235 ALA A CA  1 
ATOM   1661 C C   . ALA A 1 220 ? -12.397 6.178   10.259  1.00 19.08 ? 235 ALA A C   1 
ATOM   1662 O O   . ALA A 1 220 ? -11.659 6.211   11.244  1.00 18.36 ? 235 ALA A O   1 
ATOM   1663 C CB  . ALA A 1 220 ? -12.238 8.024   8.595   1.00 21.60 ? 235 ALA A CB  1 
ATOM   1664 N N   . ALA A 1 221 ? -13.663 5.772   10.341  1.00 17.93 ? 236 ALA A N   1 
ATOM   1665 C CA  . ALA A 1 221 ? -14.228 5.358   11.633  1.00 19.95 ? 236 ALA A CA  1 
ATOM   1666 C C   . ALA A 1 221 ? -13.580 4.077   12.170  1.00 20.09 ? 236 ALA A C   1 
ATOM   1667 O O   . ALA A 1 221 ? -13.270 3.989   13.365  1.00 22.36 ? 236 ALA A O   1 
ATOM   1668 C CB  . ALA A 1 221 ? -15.743 5.211   11.551  1.00 17.40 ? 236 ALA A CB  1 
ATOM   1669 N N   . TRP A 1 222 ? -13.311 3.119   11.285  1.00 20.10 ? 237 TRP A N   1 
ATOM   1670 C CA  . TRP A 1 222 ? -12.681 1.870   11.704  1.00 20.40 ? 237 TRP A CA  1 
ATOM   1671 C C   . TRP A 1 222 ? -11.252 2.112   12.194  1.00 18.81 ? 237 TRP A C   1 
ATOM   1672 O O   . TRP A 1 222 ? -10.851 1.651   13.267  1.00 19.67 ? 237 TRP A O   1 
ATOM   1673 C CB  . TRP A 1 222 ? -12.655 0.839   10.555  1.00 21.94 ? 237 TRP A CB  1 
ATOM   1674 C CG  . TRP A 1 222 ? -11.956 -0.483  10.930  1.00 22.44 ? 237 TRP A CG  1 
ATOM   1675 C CD1 . TRP A 1 222 ? -12.332 -1.371  11.912  1.00 22.84 ? 237 TRP A CD1 1 
ATOM   1676 C CD2 . TRP A 1 222 ? -10.743 -1.022  10.351  1.00 23.28 ? 237 TRP A CD2 1 
ATOM   1677 N NE1 . TRP A 1 222 ? -11.430 -2.419  11.981  1.00 22.71 ? 237 TRP A NE1 1 
ATOM   1678 C CE2 . TRP A 1 222 ? -10.446 -2.233  11.043  1.00 22.11 ? 237 TRP A CE2 1 
ATOM   1679 C CE3 . TRP A 1 222 ? -9.882  -0.603  9.322   1.00 23.05 ? 237 TRP A CE3 1 
ATOM   1680 C CZ2 . TRP A 1 222 ? -9.329  -3.022  10.739  1.00 21.32 ? 237 TRP A CZ2 1 
ATOM   1681 C CZ3 . TRP A 1 222 ? -8.762  -1.404  9.019   1.00 22.06 ? 237 TRP A CZ3 1 
ATOM   1682 C CH2 . TRP A 1 222 ? -8.505  -2.593  9.728   1.00 20.21 ? 237 TRP A CH2 1 
ATOM   1683 N N   . ILE A 1 223 ? -10.491 2.840   11.382  1.00 16.93 ? 238 ILE A N   1 
ATOM   1684 C CA  . ILE A 1 223 ? -9.096  3.154   11.691  1.00 20.71 ? 238 ILE A CA  1 
ATOM   1685 C C   . ILE A 1 223 ? -9.014  3.808   13.052  1.00 24.08 ? 238 ILE A C   1 
ATOM   1686 O O   . ILE A 1 223 ? -8.213  3.420   13.892  1.00 22.39 ? 238 ILE A O   1 
ATOM   1687 C CB  . ILE A 1 223 ? -8.459  4.084   10.614  1.00 20.12 ? 238 ILE A CB  1 
ATOM   1688 C CG1 . ILE A 1 223 ? -8.375  3.350   9.267   1.00 19.56 ? 238 ILE A CG1 1 
ATOM   1689 C CG2 . ILE A 1 223 ? -7.076  4.529   11.061  1.00 19.41 ? 238 ILE A CG2 1 
ATOM   1690 C CD1 . ILE A 1 223 ? -7.893  4.210   8.143   1.00 23.32 ? 238 ILE A CD1 1 
ATOM   1691 N N   . ASP A 1 224 ? -9.877  4.780   13.277  1.00 26.46 ? 239 ASP A N   1 
ATOM   1692 C CA  . ASP A 1 224 ? -9.881  5.469   14.540  1.00 29.53 ? 239 ASP A CA  1 
ATOM   1693 C C   . ASP A 1 224 ? -10.195 4.564   15.734  1.00 31.30 ? 239 ASP A C   1 
ATOM   1694 O O   . ASP A 1 224 ? -9.519  4.660   16.762  1.00 31.73 ? 239 ASP A O   1 
ATOM   1695 C CB  . ASP A 1 224 ? -10.813 6.681   14.484  1.00 34.51 ? 239 ASP A CB  1 
ATOM   1696 C CG  . ASP A 1 224 ? -10.148 7.902   13.850  1.00 39.10 ? 239 ASP A CG  1 
ATOM   1697 O OD1 . ASP A 1 224 ? -8.894  7.989   13.842  1.00 41.89 ? 239 ASP A OD1 1 
ATOM   1698 O OD2 . ASP A 1 224 ? -10.891 8.785   13.385  1.00 43.16 ? 239 ASP A OD2 1 
ATOM   1699 N N   . SER A 1 225 ? -11.142 3.638   15.580  1.00 28.07 ? 240 SER A N   1 
ATOM   1700 C CA  . SER A 1 225 ? -11.510 2.748   16.682  1.00 30.39 ? 240 SER A CA  1 
ATOM   1701 C C   . SER A 1 225 ? -10.375 1.797   17.083  1.00 29.70 ? 240 SER A C   1 
ATOM   1702 O O   . SER A 1 225 ? -10.258 1.420   18.262  1.00 31.22 ? 240 SER A O   1 
ATOM   1703 C CB  . SER A 1 225 ? -12.788 1.970   16.362  1.00 32.32 ? 240 SER A CB  1 
ATOM   1704 O OG  . SER A 1 225 ? -12.519 0.760   15.680  1.00 36.62 ? 240 SER A OG  1 
ATOM   1705 N N   . VAL A 1 226 ? -9.536  1.419   16.116  1.00 27.38 ? 241 VAL A N   1 
ATOM   1706 C CA  . VAL A 1 226 ? -8.411  0.518   16.374  1.00 25.82 ? 241 VAL A CA  1 
ATOM   1707 C C   . VAL A 1 226 ? -7.272  1.269   17.055  1.00 25.69 ? 241 VAL A C   1 
ATOM   1708 O O   . VAL A 1 226 ? -6.604  0.724   17.939  1.00 27.23 ? 241 VAL A O   1 
ATOM   1709 C CB  . VAL A 1 226 ? -7.917  -0.151  15.080  1.00 21.65 ? 241 VAL A CB  1 
ATOM   1710 C CG1 . VAL A 1 226 ? -6.653  -0.947  15.333  1.00 23.63 ? 241 VAL A CG1 1 
ATOM   1711 C CG2 . VAL A 1 226 ? -9.011  -1.051  14.518  1.00 19.45 ? 241 VAL A CG2 1 
ATOM   1712 N N   . LEU A 1 227 ? -7.090  2.537   16.688  1.00 29.41 ? 242 LEU A N   1 
ATOM   1713 C CA  . LEU A 1 227 ? -6.023  3.378   17.264  1.00 32.71 ? 242 LEU A CA  1 
ATOM   1714 C C   . LEU A 1 227 ? -6.356  3.986   18.650  1.00 37.24 ? 242 LEU A C   1 
ATOM   1715 O O   . LEU A 1 227 ? -5.476  4.512   19.342  1.00 41.01 ? 242 LEU A O   1 
ATOM   1716 C CB  . LEU A 1 227 ? -5.647  4.504   16.281  1.00 29.18 ? 242 LEU A CB  1 
ATOM   1717 C CG  . LEU A 1 227 ? -4.723  4.229   15.082  1.00 27.22 ? 242 LEU A CG  1 
ATOM   1718 C CD1 . LEU A 1 227 ? -4.931  2.846   14.478  1.00 26.43 ? 242 LEU A CD1 1 
ATOM   1719 C CD2 . LEU A 1 227 ? -4.986  5.288   14.043  1.00 22.66 ? 242 LEU A CD2 1 
ATOM   1720 N N   . ALA A 1 228 ? -7.627  3.919   19.036  1.00 41.49 ? 243 ALA A N   1 
ATOM   1721 C CA  . ALA A 1 228 ? -8.089  4.456   20.315  1.00 44.80 ? 243 ALA A CA  1 
ATOM   1722 C C   . ALA A 1 228 ? -7.607  3.658   21.535  1.00 47.21 ? 243 ALA A C   1 
ATOM   1723 O O   . ALA A 1 228 ? -7.860  2.436   21.595  1.00 49.84 ? 243 ALA A O   1 
ATOM   1724 C CB  . ALA A 1 228 ? -9.621  4.558   20.309  1.00 46.03 ? 243 ALA A CB  1 
ATOM   1725 O OXT . ALA A 1 228 ? -6.993  4.275   22.430  1.00 49.51 ? 243 ALA A OXT 1 
HETATM 1726 O O   . HOH B 2 .   ? 17.150  4.537   14.119  0.96 18.58 ? 250 HOH A O   1 
HETATM 1727 O O   . HOH B 2 .   ? 10.102  4.495   7.010   1.26 12.55 ? 251 HOH A O   1 
HETATM 1728 O O   . HOH B 2 .   ? 12.945  6.359   5.142   1.16 8.05  ? 252 HOH A O   1 
HETATM 1729 O O   . HOH B 2 .   ? 11.282  4.693   3.811   1.20 12.35 ? 253 HOH A O   1 
HETATM 1730 O O   . HOH B 2 .   ? 10.991  1.199   5.118   1.02 10.23 ? 254 HOH A O   1 
HETATM 1731 O O   . HOH B 2 .   ? 12.503  3.842   13.515  1.00 8.41  ? 255 HOH A O   1 
HETATM 1732 O O   . HOH B 2 .   ? -14.946 -15.557 -0.992  1.00 29.65 ? 256 HOH A O   1 
HETATM 1733 O O   . HOH B 2 .   ? 14.151  7.430   12.943  1.04 9.91  ? 257 HOH A O   1 
HETATM 1734 O O   . HOH B 2 .   ? -4.928  11.504  12.221  1.02 24.64 ? 258 HOH A O   1 
HETATM 1735 O O   . HOH B 2 .   ? -10.030 13.435  -1.476  1.21 20.43 ? 259 HOH A O   1 
HETATM 1736 O O   . HOH B 2 .   ? 4.589   7.588   -2.103  0.97 18.81 ? 260 HOH A O   1 
HETATM 1737 O O   . HOH B 2 .   ? 9.939   1.027   -11.410 1.04 14.49 ? 261 HOH A O   1 
HETATM 1738 O O   . HOH B 2 .   ? -2.618  0.822   -11.200 1.12 8.02  ? 262 HOH A O   1 
HETATM 1739 O O   . HOH B 2 .   ? 0.427   -4.701  -14.956 1.17 14.41 ? 263 HOH A O   1 
HETATM 1740 O O   . HOH B 2 .   ? 3.798   -0.857  -1.774  0.94 4.62  ? 264 HOH A O   1 
HETATM 1741 O O   . HOH B 2 .   ? 6.040   -2.605  -1.390  0.96 2.91  ? 265 HOH A O   1 
HETATM 1742 O O   . HOH B 2 .   ? -6.145  -2.597  -0.157  1.10 10.55 ? 266 HOH A O   1 
HETATM 1743 O O   . HOH B 2 .   ? 11.204  8.036   -1.227  1.17 9.85  ? 267 HOH A O   1 
HETATM 1744 O O   . HOH B 2 .   ? 13.549  5.231   0.904   0.92 5.95  ? 268 HOH A O   1 
HETATM 1745 O O   . HOH B 2 .   ? 23.441  8.401   4.141   1.17 28.94 ? 269 HOH A O   1 
HETATM 1746 O O   . HOH B 2 .   ? 21.183  8.704   1.657   1.05 10.24 ? 270 HOH A O   1 
HETATM 1747 O O   . HOH B 2 .   ? -10.916 -10.791 8.347   1.08 22.77 ? 271 HOH A O   1 
HETATM 1748 O O   . HOH B 2 .   ? -0.476  -9.256  -5.040  1.09 25.71 ? 272 HOH A O   1 
HETATM 1749 O O   . HOH B 2 .   ? 1.862   -8.230  -3.031  1.01 27.37 ? 273 HOH A O   1 
HETATM 1750 O O   . HOH B 2 .   ? -8.326  -11.108 -1.341  1.03 29.93 ? 274 HOH A O   1 
HETATM 1751 O O   . HOH B 2 .   ? -13.201 -1.608  -0.059  0.97 12.71 ? 275 HOH A O   1 
HETATM 1752 O O   . HOH B 2 .   ? -3.687  -2.102  -7.521  1.22 23.16 ? 276 HOH A O   1 
HETATM 1753 O O   . HOH B 2 .   ? 13.279  -4.213  17.308  1.19 11.49 ? 277 HOH A O   1 
HETATM 1754 O O   . HOH B 2 .   ? -13.020 -9.561  1.271   1.28 16.09 ? 278 HOH A O   1 
HETATM 1755 O O   . HOH B 2 .   ? -15.843 -11.398 7.958   1.08 29.62 ? 279 HOH A O   1 
HETATM 1756 O O   . HOH B 2 .   ? -10.737 -3.149  -0.263  0.93 10.97 ? 280 HOH A O   1 
HETATM 1757 O O   . HOH B 2 .   ? 14.800  9.384   11.099  0.98 9.27  ? 281 HOH A O   1 
HETATM 1758 O O   . HOH B 2 .   ? -8.339  15.062  5.868   1.18 17.74 ? 282 HOH A O   1 
HETATM 1759 O O   . HOH B 2 .   ? -10.648 12.573  -16.352 0.95 29.89 ? 283 HOH A O   1 
HETATM 1760 O O   . HOH B 2 .   ? -11.453 16.367  -13.235 0.81 9.28  ? 284 HOH A O   1 
HETATM 1761 O O   . HOH B 2 .   ? -11.294 6.051   -9.197  1.03 23.13 ? 285 HOH A O   1 
HETATM 1762 O O   . HOH B 2 .   ? -19.400 -2.637  -13.811 1.31 35.12 ? 286 HOH A O   1 
HETATM 1763 O O   . HOH B 2 .   ? -0.795  19.128  -4.918  1.14 28.01 ? 287 HOH A O   1 
HETATM 1764 O O   . HOH B 2 .   ? -5.752  14.472  -1.273  1.21 25.94 ? 288 HOH A O   1 
HETATM 1765 O O   . HOH B 2 .   ? 6.208   -0.257  -19.119 0.98 13.99 ? 289 HOH A O   1 
HETATM 1766 O O   . HOH B 2 .   ? 2.860   -9.080  -10.421 1.10 14.46 ? 290 HOH A O   1 
HETATM 1767 O O   . HOH B 2 .   ? 17.844  7.801   -5.812  1.14 31.62 ? 291 HOH A O   1 
HETATM 1768 O O   . HOH B 2 .   ? 18.349  8.749   -3.523  0.88 28.26 ? 292 HOH A O   1 
HETATM 1769 O O   . HOH B 2 .   ? 20.704  6.200   2.499   1.00 13.24 ? 293 HOH A O   1 
HETATM 1770 O O   . HOH B 2 .   ? 19.342  6.644   6.522   1.04 20.09 ? 294 HOH A O   1 
HETATM 1771 O O   . HOH B 2 .   ? 14.825  4.834   12.791  1.21 27.47 ? 295 HOH A O   1 
HETATM 1772 O O   . HOH B 2 .   ? -18.651 13.825  4.545   1.10 25.97 ? 296 HOH A O   1 
HETATM 1773 O O   . HOH B 2 .   ? -11.359 9.096   -4.720  1.16 18.30 ? 297 HOH A O   1 
HETATM 1774 O O   . HOH B 2 .   ? -8.060  9.767   -15.487 1.14 26.02 ? 298 HOH A O   1 
HETATM 1775 O O   . HOH B 2 .   ? 2.354   12.070  -18.863 1.12 33.56 ? 299 HOH A O   1 
HETATM 1776 O O   . HOH B 2 .   ? 8.936   -1.591  -7.000  1.00 15.00 ? 300 HOH A O   1 
HETATM 1777 O O   . HOH B 2 .   ? 11.305  6.893   1.516   1.00 15.00 ? 301 HOH A O   1 
HETATM 1778 O O   . HOH B 2 .   ? 13.285  -9.220  0.285   1.00 15.00 ? 302 HOH A O   1 
HETATM 1779 O O   . HOH B 2 .   ? 15.101  -6.096  4.732   1.00 15.00 ? 303 HOH A O   1 
HETATM 1780 O O   . HOH B 2 .   ? -9.931  8.077   0.815   1.00 15.00 ? 304 HOH A O   1 
HETATM 1781 O O   . HOH B 2 .   ? -11.726 10.464  0.392   1.00 15.00 ? 305 HOH A O   1 
HETATM 1782 O O   . HOH B 2 .   ? -12.468 9.871   -9.176  1.00 15.00 ? 306 HOH A O   1 
HETATM 1783 O O   . HOH B 2 .   ? 1.328   7.759   -15.576 1.00 15.00 ? 307 HOH A O   1 
HETATM 1784 O O   . HOH B 2 .   ? -4.005  13.148  -16.197 1.00 15.00 ? 308 HOH A O   1 
HETATM 1785 O O   . HOH B 2 .   ? -6.497  15.639  -4.126  1.00 15.00 ? 309 HOH A O   1 
HETATM 1786 O O   . HOH B 2 .   ? -4.114  16.638  -5.808  1.00 15.00 ? 310 HOH A O   1 
# 
